data_6ONQ
# 
_entry.id   6ONQ 
# 
_audit_conform.dict_name       mmcif_pdbx.dic 
_audit_conform.dict_version    5.397 
_audit_conform.dict_location   http://mmcif.pdb.org/dictionaries/ascii/mmcif_pdbx.dic 
# 
loop_
_database_2.database_id 
_database_2.database_code 
_database_2.pdbx_database_accession 
_database_2.pdbx_DOI 
PDB   6ONQ         pdb_00006onq 10.2210/pdb6onq/pdb 
WWPDB D_1000240980 ?            ?                   
# 
loop_
_pdbx_audit_revision_history.ordinal 
_pdbx_audit_revision_history.data_content_type 
_pdbx_audit_revision_history.major_revision 
_pdbx_audit_revision_history.minor_revision 
_pdbx_audit_revision_history.revision_date 
1 'Structure model' 1 0 2019-05-08 
2 'Structure model' 1 1 2019-07-17 
3 'Structure model' 1 2 2019-08-21 
4 'Structure model' 1 3 2019-10-02 
5 'Structure model' 1 4 2020-01-01 
6 'Structure model' 2 0 2020-01-08 
7 'Structure model' 2 1 2024-10-16 
# 
_pdbx_audit_revision_details.ordinal             1 
_pdbx_audit_revision_details.revision_ordinal    1 
_pdbx_audit_revision_details.data_content_type   'Structure model' 
_pdbx_audit_revision_details.provider            repository 
_pdbx_audit_revision_details.type                'Initial release' 
_pdbx_audit_revision_details.description         ? 
_pdbx_audit_revision_details.details             ? 
# 
loop_
_pdbx_audit_revision_group.ordinal 
_pdbx_audit_revision_group.revision_ordinal 
_pdbx_audit_revision_group.data_content_type 
_pdbx_audit_revision_group.group 
1  2 'Structure model' 'Data collection'            
2  2 'Structure model' 'Refinement description'     
3  3 'Structure model' 'Data collection'            
4  3 'Structure model' 'Database references'        
5  4 'Structure model' 'Data collection'            
6  4 'Structure model' 'Database references'        
7  5 'Structure model' 'Author supporting evidence' 
8  6 'Structure model' Advisory                     
9  6 'Structure model' 'Atomic model'               
10 6 'Structure model' 'Author supporting evidence' 
11 6 'Structure model' 'Data collection'            
12 6 'Structure model' 'Derived calculations'       
13 6 'Structure model' 'Non-polymer description'    
14 6 'Structure model' 'Structure summary'          
15 7 'Structure model' 'Data collection'            
16 7 'Structure model' 'Database references'        
17 7 'Structure model' 'Structure summary'          
# 
loop_
_pdbx_audit_revision_category.ordinal 
_pdbx_audit_revision_category.revision_ordinal 
_pdbx_audit_revision_category.data_content_type 
_pdbx_audit_revision_category.category 
1  2 'Structure model' software                     
2  3 'Structure model' citation                     
3  3 'Structure model' citation_author              
4  4 'Structure model' citation                     
5  5 'Structure model' pdbx_audit_support           
6  6 'Structure model' atom_site                    
7  6 'Structure model' chem_comp                    
8  6 'Structure model' entity                       
9  6 'Structure model' pdbx_entity_instance_feature 
10 6 'Structure model' pdbx_entity_nonpoly          
11 6 'Structure model' pdbx_nonpoly_scheme          
12 6 'Structure model' pdbx_struct_conn_angle       
13 6 'Structure model' pdbx_validate_close_contact  
14 6 'Structure model' struct_conn                  
15 6 'Structure model' struct_site                  
16 7 'Structure model' chem_comp_atom               
17 7 'Structure model' chem_comp_bond               
18 7 'Structure model' database_2                   
19 7 'Structure model' pdbx_entry_details           
20 7 'Structure model' pdbx_modification_feature    
# 
loop_
_pdbx_audit_revision_item.ordinal 
_pdbx_audit_revision_item.revision_ordinal 
_pdbx_audit_revision_item.data_content_type 
_pdbx_audit_revision_item.item 
1  2 'Structure model' '_software.name'                              
2  3 'Structure model' '_citation.title'                             
3  3 'Structure model' '_citation_author.name'                       
4  4 'Structure model' '_citation.journal_volume'                    
5  4 'Structure model' '_citation.page_first'                        
6  4 'Structure model' '_citation.page_last'                         
7  5 'Structure model' '_pdbx_audit_support.funding_organization'    
8  6 'Structure model' '_atom_site.B_iso_or_equiv'                   
9  6 'Structure model' '_atom_site.Cartn_x'                          
10 6 'Structure model' '_atom_site.Cartn_y'                          
11 6 'Structure model' '_atom_site.Cartn_z'                          
12 6 'Structure model' '_atom_site.auth_atom_id'                     
13 6 'Structure model' '_atom_site.auth_comp_id'                     
14 6 'Structure model' '_atom_site.label_atom_id'                    
15 6 'Structure model' '_atom_site.label_comp_id'                    
16 6 'Structure model' '_atom_site.type_symbol'                      
17 6 'Structure model' '_chem_comp.formula'                          
18 6 'Structure model' '_chem_comp.formula_weight'                   
19 6 'Structure model' '_chem_comp.id'                               
20 6 'Structure model' '_chem_comp.name'                             
21 6 'Structure model' '_chem_comp.pdbx_synonyms'                    
22 6 'Structure model' '_entity.formula_weight'                      
23 6 'Structure model' '_entity.pdbx_description'                    
24 6 'Structure model' '_pdbx_entity_instance_feature.auth_comp_id'  
25 6 'Structure model' '_pdbx_entity_instance_feature.comp_id'       
26 6 'Structure model' '_pdbx_entity_nonpoly.comp_id'                
27 6 'Structure model' '_pdbx_entity_nonpoly.name'                   
28 6 'Structure model' '_pdbx_nonpoly_scheme.mon_id'                 
29 6 'Structure model' '_pdbx_nonpoly_scheme.pdb_mon_id'             
30 6 'Structure model' '_pdbx_struct_conn_angle.ptnr1_auth_comp_id'  
31 6 'Structure model' '_pdbx_struct_conn_angle.ptnr1_label_comp_id' 
32 6 'Structure model' '_pdbx_struct_conn_angle.ptnr2_auth_comp_id'  
33 6 'Structure model' '_pdbx_struct_conn_angle.ptnr2_label_comp_id' 
34 6 'Structure model' '_pdbx_struct_conn_angle.ptnr3_auth_comp_id'  
35 6 'Structure model' '_pdbx_struct_conn_angle.ptnr3_label_comp_id' 
36 6 'Structure model' '_pdbx_validate_close_contact.auth_atom_id_2' 
37 6 'Structure model' '_pdbx_validate_close_contact.auth_comp_id_2' 
38 6 'Structure model' '_pdbx_validate_close_contact.dist'           
39 6 'Structure model' '_struct_conn.pdbx_dist_value'                
40 6 'Structure model' '_struct_conn.ptnr2_auth_comp_id'             
41 6 'Structure model' '_struct_conn.ptnr2_label_atom_id'            
42 6 'Structure model' '_struct_conn.ptnr2_label_comp_id'            
43 6 'Structure model' '_struct_site.details'                        
44 6 'Structure model' '_struct_site.pdbx_auth_comp_id'              
45 7 'Structure model' '_database_2.pdbx_DOI'                        
46 7 'Structure model' '_database_2.pdbx_database_accession'         
# 
_pdbx_database_status.status_code                     REL 
_pdbx_database_status.status_code_sf                  REL 
_pdbx_database_status.status_code_mr                  ? 
_pdbx_database_status.entry_id                        6ONQ 
_pdbx_database_status.recvd_initial_deposition_date   2019-04-22 
_pdbx_database_status.SG_entry                        N 
_pdbx_database_status.deposit_site                    RCSB 
_pdbx_database_status.process_site                    RCSB 
_pdbx_database_status.status_code_cs                  ? 
_pdbx_database_status.methods_development_category    ? 
_pdbx_database_status.pdb_format_compatible           Y 
_pdbx_database_status.status_code_nmr_data            ? 
# 
loop_
_audit_author.name 
_audit_author.pdbx_ordinal 
_audit_author.identifier_ORCID 
'McBride, M.J.'     1 ? 
'Featherston, E.R.' 2 ? 
'Boal, A.K.'        3 ? 
# 
_citation.abstract                  ? 
_citation.abstract_id_CAS           ? 
_citation.book_id_ISBN              ? 
_citation.book_publisher            ? 
_citation.book_publisher_city       ? 
_citation.book_title                ? 
_citation.coordinate_linkage        ? 
_citation.country                   GE 
_citation.database_id_Medline       ? 
_citation.details                   ? 
_citation.id                        primary 
_citation.journal_abbrev            Chembiochem 
_citation.journal_id_ASTM           ? 
_citation.journal_id_CSD            ? 
_citation.journal_id_ISSN           1439-7633 
_citation.journal_full              ? 
_citation.journal_issue             ? 
_citation.journal_volume            20 
_citation.language                  ? 
_citation.page_first                2360 
_citation.page_last                 2372 
_citation.title                     
;Biochemical and Structural Characterization of XoxG and XoxJ and Their Roles in Lanthanide-Dependent Methanol Dehydrogenase Activity.
;
_citation.year                      2019 
_citation.database_id_CSD           ? 
_citation.pdbx_database_id_DOI      10.1002/cbic.201900184 
_citation.pdbx_database_id_PubMed   31017712 
_citation.unpublished_flag          ? 
# 
loop_
_citation_author.citation_id 
_citation_author.name 
_citation_author.ordinal 
_citation_author.identifier_ORCID 
primary 'Featherston, E.R.' 1 ? 
primary 'Rose, H.R.'        2 ? 
primary 'McBride, M.J.'     3 ? 
primary 'Taylor, E.M.'      4 ? 
primary 'Boal, A.K.'        5 ? 
primary 'Cotruvo Jr., J.A.' 6 ? 
# 
loop_
_entity.id 
_entity.type 
_entity.src_method 
_entity.pdbx_description 
_entity.formula_weight 
_entity.pdbx_number_of_molecules 
_entity.pdbx_ec 
_entity.pdbx_mutation 
_entity.pdbx_fragment 
_entity.details 
1 polymer     man 'Cytochrome c XoxG' 21336.066 1 ? ? ? ? 
2 non-polymer syn 'HEME C'            618.503   1 ? ? ? ? 
# 
_entity_poly.entity_id                      1 
_entity_poly.type                           'polypeptide(L)' 
_entity_poly.nstd_linkage                   no 
_entity_poly.nstd_monomer                   no 
_entity_poly.pdbx_seq_one_letter_code       
;MKRTALLGLVGAALLGAVPAATVAFAQDAKPELANKLDPNAKEIDEPVLKAATAAKEEDGKYFDKDGHPTFHITNDGKKV
DWFTYSGYRRYHAECHVCHGPDGMGSTYAPALKDSLKRLSYEEFYGILAGGKQEISNTANQVMPAFGDNKNVMCYANDLY
VYLRARAAGAWGRARPGEKEDKPESAKTVEKECLGG
;
_entity_poly.pdbx_seq_one_letter_code_can   
;MKRTALLGLVGAALLGAVPAATVAFAQDAKPELANKLDPNAKEIDEPVLKAATAAKEEDGKYFDKDGHPTFHITNDGKKV
DWFTYSGYRRYHAECHVCHGPDGMGSTYAPALKDSLKRLSYEEFYGILAGGKQEISNTANQVMPAFGDNKNVMCYANDLY
VYLRARAAGAWGRARPGEKEDKPESAKTVEKECLGG
;
_entity_poly.pdbx_strand_id                 A 
_entity_poly.pdbx_target_identifier         ? 
# 
_pdbx_entity_nonpoly.entity_id   2 
_pdbx_entity_nonpoly.name        'HEME C' 
_pdbx_entity_nonpoly.comp_id     HEC 
# 
loop_
_entity_poly_seq.entity_id 
_entity_poly_seq.num 
_entity_poly_seq.mon_id 
_entity_poly_seq.hetero 
1 1   MET n 
1 2   LYS n 
1 3   ARG n 
1 4   THR n 
1 5   ALA n 
1 6   LEU n 
1 7   LEU n 
1 8   GLY n 
1 9   LEU n 
1 10  VAL n 
1 11  GLY n 
1 12  ALA n 
1 13  ALA n 
1 14  LEU n 
1 15  LEU n 
1 16  GLY n 
1 17  ALA n 
1 18  VAL n 
1 19  PRO n 
1 20  ALA n 
1 21  ALA n 
1 22  THR n 
1 23  VAL n 
1 24  ALA n 
1 25  PHE n 
1 26  ALA n 
1 27  GLN n 
1 28  ASP n 
1 29  ALA n 
1 30  LYS n 
1 31  PRO n 
1 32  GLU n 
1 33  LEU n 
1 34  ALA n 
1 35  ASN n 
1 36  LYS n 
1 37  LEU n 
1 38  ASP n 
1 39  PRO n 
1 40  ASN n 
1 41  ALA n 
1 42  LYS n 
1 43  GLU n 
1 44  ILE n 
1 45  ASP n 
1 46  GLU n 
1 47  PRO n 
1 48  VAL n 
1 49  LEU n 
1 50  LYS n 
1 51  ALA n 
1 52  ALA n 
1 53  THR n 
1 54  ALA n 
1 55  ALA n 
1 56  LYS n 
1 57  GLU n 
1 58  GLU n 
1 59  ASP n 
1 60  GLY n 
1 61  LYS n 
1 62  TYR n 
1 63  PHE n 
1 64  ASP n 
1 65  LYS n 
1 66  ASP n 
1 67  GLY n 
1 68  HIS n 
1 69  PRO n 
1 70  THR n 
1 71  PHE n 
1 72  HIS n 
1 73  ILE n 
1 74  THR n 
1 75  ASN n 
1 76  ASP n 
1 77  GLY n 
1 78  LYS n 
1 79  LYS n 
1 80  VAL n 
1 81  ASP n 
1 82  TRP n 
1 83  PHE n 
1 84  THR n 
1 85  TYR n 
1 86  SER n 
1 87  GLY n 
1 88  TYR n 
1 89  ARG n 
1 90  ARG n 
1 91  TYR n 
1 92  HIS n 
1 93  ALA n 
1 94  GLU n 
1 95  CYS n 
1 96  HIS n 
1 97  VAL n 
1 98  CYS n 
1 99  HIS n 
1 100 GLY n 
1 101 PRO n 
1 102 ASP n 
1 103 GLY n 
1 104 MET n 
1 105 GLY n 
1 106 SER n 
1 107 THR n 
1 108 TYR n 
1 109 ALA n 
1 110 PRO n 
1 111 ALA n 
1 112 LEU n 
1 113 LYS n 
1 114 ASP n 
1 115 SER n 
1 116 LEU n 
1 117 LYS n 
1 118 ARG n 
1 119 LEU n 
1 120 SER n 
1 121 TYR n 
1 122 GLU n 
1 123 GLU n 
1 124 PHE n 
1 125 TYR n 
1 126 GLY n 
1 127 ILE n 
1 128 LEU n 
1 129 ALA n 
1 130 GLY n 
1 131 GLY n 
1 132 LYS n 
1 133 GLN n 
1 134 GLU n 
1 135 ILE n 
1 136 SER n 
1 137 ASN n 
1 138 THR n 
1 139 ALA n 
1 140 ASN n 
1 141 GLN n 
1 142 VAL n 
1 143 MET n 
1 144 PRO n 
1 145 ALA n 
1 146 PHE n 
1 147 GLY n 
1 148 ASP n 
1 149 ASN n 
1 150 LYS n 
1 151 ASN n 
1 152 VAL n 
1 153 MET n 
1 154 CYS n 
1 155 TYR n 
1 156 ALA n 
1 157 ASN n 
1 158 ASP n 
1 159 LEU n 
1 160 TYR n 
1 161 VAL n 
1 162 TYR n 
1 163 LEU n 
1 164 ARG n 
1 165 ALA n 
1 166 ARG n 
1 167 ALA n 
1 168 ALA n 
1 169 GLY n 
1 170 ALA n 
1 171 TRP n 
1 172 GLY n 
1 173 ARG n 
1 174 ALA n 
1 175 ARG n 
1 176 PRO n 
1 177 GLY n 
1 178 GLU n 
1 179 LYS n 
1 180 GLU n 
1 181 ASP n 
1 182 LYS n 
1 183 PRO n 
1 184 GLU n 
1 185 SER n 
1 186 ALA n 
1 187 LYS n 
1 188 THR n 
1 189 VAL n 
1 190 GLU n 
1 191 LYS n 
1 192 GLU n 
1 193 CYS n 
1 194 LEU n 
1 195 GLY n 
1 196 GLY n 
# 
_entity_src_gen.entity_id                          1 
_entity_src_gen.pdbx_src_id                        1 
_entity_src_gen.pdbx_alt_source_flag               sample 
_entity_src_gen.pdbx_seq_type                      'Biological sequence' 
_entity_src_gen.pdbx_beg_seq_num                   1 
_entity_src_gen.pdbx_end_seq_num                   196 
_entity_src_gen.gene_src_common_name               'Methylobacterium dichloromethanicum' 
_entity_src_gen.gene_src_genus                     ? 
_entity_src_gen.pdbx_gene_src_gene                 "maxG'" 
_entity_src_gen.gene_src_species                   ? 
_entity_src_gen.gene_src_strain                    ? 
_entity_src_gen.gene_src_tissue                    ? 
_entity_src_gen.gene_src_tissue_fraction           ? 
_entity_src_gen.gene_src_details                   ? 
_entity_src_gen.pdbx_gene_src_fragment             ? 
_entity_src_gen.pdbx_gene_src_scientific_name      'Methylobacterium extorquens' 
_entity_src_gen.pdbx_gene_src_ncbi_taxonomy_id     408 
_entity_src_gen.pdbx_gene_src_variant              ? 
_entity_src_gen.pdbx_gene_src_cell_line            ? 
_entity_src_gen.pdbx_gene_src_atcc                 ? 
_entity_src_gen.pdbx_gene_src_organ                ? 
_entity_src_gen.pdbx_gene_src_organelle            ? 
_entity_src_gen.pdbx_gene_src_cell                 ? 
_entity_src_gen.pdbx_gene_src_cellular_location    ? 
_entity_src_gen.host_org_common_name               ? 
_entity_src_gen.pdbx_host_org_scientific_name      'Escherichia coli' 
_entity_src_gen.pdbx_host_org_ncbi_taxonomy_id     562 
_entity_src_gen.host_org_genus                     ? 
_entity_src_gen.pdbx_host_org_gene                 ? 
_entity_src_gen.pdbx_host_org_organ                ? 
_entity_src_gen.host_org_species                   ? 
_entity_src_gen.pdbx_host_org_tissue               ? 
_entity_src_gen.pdbx_host_org_tissue_fraction      ? 
_entity_src_gen.pdbx_host_org_strain               ? 
_entity_src_gen.pdbx_host_org_variant              ? 
_entity_src_gen.pdbx_host_org_cell_line            ? 
_entity_src_gen.pdbx_host_org_atcc                 ? 
_entity_src_gen.pdbx_host_org_culture_collection   ? 
_entity_src_gen.pdbx_host_org_cell                 ? 
_entity_src_gen.pdbx_host_org_organelle            ? 
_entity_src_gen.pdbx_host_org_cellular_location    ? 
_entity_src_gen.pdbx_host_org_vector_type          ? 
_entity_src_gen.pdbx_host_org_vector               ? 
_entity_src_gen.host_org_details                   ? 
_entity_src_gen.expression_system_id               ? 
_entity_src_gen.plasmid_name                       ? 
_entity_src_gen.plasmid_details                    ? 
_entity_src_gen.pdbx_description                   ? 
# 
loop_
_chem_comp.id 
_chem_comp.type 
_chem_comp.mon_nstd_flag 
_chem_comp.name 
_chem_comp.pdbx_synonyms 
_chem_comp.formula 
_chem_comp.formula_weight 
ALA 'L-peptide linking' y ALANINE         ? 'C3 H7 N O2'       89.093  
ARG 'L-peptide linking' y ARGININE        ? 'C6 H15 N4 O2 1'   175.209 
ASN 'L-peptide linking' y ASPARAGINE      ? 'C4 H8 N2 O3'      132.118 
ASP 'L-peptide linking' y 'ASPARTIC ACID' ? 'C4 H7 N O4'       133.103 
CYS 'L-peptide linking' y CYSTEINE        ? 'C3 H7 N O2 S'     121.158 
GLN 'L-peptide linking' y GLUTAMINE       ? 'C5 H10 N2 O3'     146.144 
GLU 'L-peptide linking' y 'GLUTAMIC ACID' ? 'C5 H9 N O4'       147.129 
GLY 'peptide linking'   y GLYCINE         ? 'C2 H5 N O2'       75.067  
HEC non-polymer         . 'HEME C'        ? 'C34 H34 Fe N4 O4' 618.503 
HIS 'L-peptide linking' y HISTIDINE       ? 'C6 H10 N3 O2 1'   156.162 
ILE 'L-peptide linking' y ISOLEUCINE      ? 'C6 H13 N O2'      131.173 
LEU 'L-peptide linking' y LEUCINE         ? 'C6 H13 N O2'      131.173 
LYS 'L-peptide linking' y LYSINE          ? 'C6 H15 N2 O2 1'   147.195 
MET 'L-peptide linking' y METHIONINE      ? 'C5 H11 N O2 S'    149.211 
PHE 'L-peptide linking' y PHENYLALANINE   ? 'C9 H11 N O2'      165.189 
PRO 'L-peptide linking' y PROLINE         ? 'C5 H9 N O2'       115.130 
SER 'L-peptide linking' y SERINE          ? 'C3 H7 N O3'       105.093 
THR 'L-peptide linking' y THREONINE       ? 'C4 H9 N O3'       119.119 
TRP 'L-peptide linking' y TRYPTOPHAN      ? 'C11 H12 N2 O2'    204.225 
TYR 'L-peptide linking' y TYROSINE        ? 'C9 H11 N O3'      181.189 
VAL 'L-peptide linking' y VALINE          ? 'C5 H11 N O2'      117.146 
# 
loop_
_pdbx_poly_seq_scheme.asym_id 
_pdbx_poly_seq_scheme.entity_id 
_pdbx_poly_seq_scheme.seq_id 
_pdbx_poly_seq_scheme.mon_id 
_pdbx_poly_seq_scheme.ndb_seq_num 
_pdbx_poly_seq_scheme.pdb_seq_num 
_pdbx_poly_seq_scheme.auth_seq_num 
_pdbx_poly_seq_scheme.pdb_mon_id 
_pdbx_poly_seq_scheme.auth_mon_id 
_pdbx_poly_seq_scheme.pdb_strand_id 
_pdbx_poly_seq_scheme.pdb_ins_code 
_pdbx_poly_seq_scheme.hetero 
A 1 1   MET 1   1   ?   ?   ?   A . n 
A 1 2   LYS 2   2   ?   ?   ?   A . n 
A 1 3   ARG 3   3   ?   ?   ?   A . n 
A 1 4   THR 4   4   ?   ?   ?   A . n 
A 1 5   ALA 5   5   ?   ?   ?   A . n 
A 1 6   LEU 6   6   ?   ?   ?   A . n 
A 1 7   LEU 7   7   ?   ?   ?   A . n 
A 1 8   GLY 8   8   ?   ?   ?   A . n 
A 1 9   LEU 9   9   ?   ?   ?   A . n 
A 1 10  VAL 10  10  ?   ?   ?   A . n 
A 1 11  GLY 11  11  ?   ?   ?   A . n 
A 1 12  ALA 12  12  ?   ?   ?   A . n 
A 1 13  ALA 13  13  ?   ?   ?   A . n 
A 1 14  LEU 14  14  ?   ?   ?   A . n 
A 1 15  LEU 15  15  ?   ?   ?   A . n 
A 1 16  GLY 16  16  ?   ?   ?   A . n 
A 1 17  ALA 17  17  ?   ?   ?   A . n 
A 1 18  VAL 18  18  ?   ?   ?   A . n 
A 1 19  PRO 19  19  ?   ?   ?   A . n 
A 1 20  ALA 20  20  ?   ?   ?   A . n 
A 1 21  ALA 21  21  ?   ?   ?   A . n 
A 1 22  THR 22  22  ?   ?   ?   A . n 
A 1 23  VAL 23  23  ?   ?   ?   A . n 
A 1 24  ALA 24  24  ?   ?   ?   A . n 
A 1 25  PHE 25  25  ?   ?   ?   A . n 
A 1 26  ALA 26  26  ?   ?   ?   A . n 
A 1 27  GLN 27  27  ?   ?   ?   A . n 
A 1 28  ASP 28  28  ?   ?   ?   A . n 
A 1 29  ALA 29  29  ?   ?   ?   A . n 
A 1 30  LYS 30  30  ?   ?   ?   A . n 
A 1 31  PRO 31  31  31  PRO PRO A . n 
A 1 32  GLU 32  32  32  GLU GLU A . n 
A 1 33  LEU 33  33  33  LEU LEU A . n 
A 1 34  ALA 34  34  34  ALA ALA A . n 
A 1 35  ASN 35  35  35  ASN ASN A . n 
A 1 36  LYS 36  36  36  LYS LYS A . n 
A 1 37  LEU 37  37  37  LEU LEU A . n 
A 1 38  ASP 38  38  38  ASP ASP A . n 
A 1 39  PRO 39  39  39  PRO PRO A . n 
A 1 40  ASN 40  40  40  ASN ASN A . n 
A 1 41  ALA 41  41  41  ALA ALA A . n 
A 1 42  LYS 42  42  42  LYS LYS A . n 
A 1 43  GLU 43  43  43  GLU GLU A . n 
A 1 44  ILE 44  44  44  ILE ILE A . n 
A 1 45  ASP 45  45  45  ASP ASP A . n 
A 1 46  GLU 46  46  46  GLU GLU A . n 
A 1 47  PRO 47  47  47  PRO PRO A . n 
A 1 48  VAL 48  48  48  VAL VAL A . n 
A 1 49  LEU 49  49  49  LEU LEU A . n 
A 1 50  LYS 50  50  50  LYS LYS A . n 
A 1 51  ALA 51  51  51  ALA ALA A . n 
A 1 52  ALA 52  52  52  ALA ALA A . n 
A 1 53  THR 53  53  53  THR THR A . n 
A 1 54  ALA 54  54  54  ALA ALA A . n 
A 1 55  ALA 55  55  55  ALA ALA A . n 
A 1 56  LYS 56  56  56  LYS LYS A . n 
A 1 57  GLU 57  57  57  GLU GLU A . n 
A 1 58  GLU 58  58  58  GLU GLU A . n 
A 1 59  ASP 59  59  59  ASP ASP A . n 
A 1 60  GLY 60  60  60  GLY GLY A . n 
A 1 61  LYS 61  61  61  LYS LYS A . n 
A 1 62  TYR 62  62  62  TYR TYR A . n 
A 1 63  PHE 63  63  63  PHE PHE A . n 
A 1 64  ASP 64  64  64  ASP ASP A . n 
A 1 65  LYS 65  65  65  LYS LYS A . n 
A 1 66  ASP 66  66  66  ASP ASP A . n 
A 1 67  GLY 67  67  67  GLY GLY A . n 
A 1 68  HIS 68  68  68  HIS HIS A . n 
A 1 69  PRO 69  69  69  PRO PRO A . n 
A 1 70  THR 70  70  70  THR THR A . n 
A 1 71  PHE 71  71  71  PHE PHE A . n 
A 1 72  HIS 72  72  72  HIS HIS A . n 
A 1 73  ILE 73  73  73  ILE ILE A . n 
A 1 74  THR 74  74  74  THR THR A . n 
A 1 75  ASN 75  75  75  ASN ASN A . n 
A 1 76  ASP 76  76  76  ASP ASP A . n 
A 1 77  GLY 77  77  77  GLY GLY A . n 
A 1 78  LYS 78  78  78  LYS LYS A . n 
A 1 79  LYS 79  79  79  LYS LYS A . n 
A 1 80  VAL 80  80  80  VAL VAL A . n 
A 1 81  ASP 81  81  81  ASP ASP A . n 
A 1 82  TRP 82  82  82  TRP TRP A . n 
A 1 83  PHE 83  83  83  PHE PHE A . n 
A 1 84  THR 84  84  84  THR THR A . n 
A 1 85  TYR 85  85  85  TYR TYR A . n 
A 1 86  SER 86  86  86  SER SER A . n 
A 1 87  GLY 87  87  87  GLY GLY A . n 
A 1 88  TYR 88  88  88  TYR TYR A . n 
A 1 89  ARG 89  89  89  ARG ARG A . n 
A 1 90  ARG 90  90  90  ARG ARG A . n 
A 1 91  TYR 91  91  91  TYR TYR A . n 
A 1 92  HIS 92  92  92  HIS HIS A . n 
A 1 93  ALA 93  93  93  ALA ALA A . n 
A 1 94  GLU 94  94  94  GLU GLU A . n 
A 1 95  CYS 95  95  95  CYS CYS A . n 
A 1 96  HIS 96  96  96  HIS HIS A . n 
A 1 97  VAL 97  97  97  VAL VAL A . n 
A 1 98  CYS 98  98  98  CYS CYS A . n 
A 1 99  HIS 99  99  99  HIS HIS A . n 
A 1 100 GLY 100 100 100 GLY GLY A . n 
A 1 101 PRO 101 101 101 PRO PRO A . n 
A 1 102 ASP 102 102 102 ASP ASP A . n 
A 1 103 GLY 103 103 103 GLY GLY A . n 
A 1 104 MET 104 104 104 MET MET A . n 
A 1 105 GLY 105 105 105 GLY GLY A . n 
A 1 106 SER 106 106 106 SER SER A . n 
A 1 107 THR 107 107 107 THR THR A . n 
A 1 108 TYR 108 108 108 TYR TYR A . n 
A 1 109 ALA 109 109 109 ALA ALA A . n 
A 1 110 PRO 110 110 110 PRO PRO A . n 
A 1 111 ALA 111 111 111 ALA ALA A . n 
A 1 112 LEU 112 112 112 LEU LEU A . n 
A 1 113 LYS 113 113 113 LYS LYS A . n 
A 1 114 ASP 114 114 114 ASP ASP A . n 
A 1 115 SER 115 115 115 SER SER A . n 
A 1 116 LEU 116 116 116 LEU LEU A . n 
A 1 117 LYS 117 117 117 LYS LYS A . n 
A 1 118 ARG 118 118 118 ARG ARG A . n 
A 1 119 LEU 119 119 119 LEU LEU A . n 
A 1 120 SER 120 120 120 SER SER A . n 
A 1 121 TYR 121 121 121 TYR TYR A . n 
A 1 122 GLU 122 122 122 GLU GLU A . n 
A 1 123 GLU 123 123 123 GLU GLU A . n 
A 1 124 PHE 124 124 124 PHE PHE A . n 
A 1 125 TYR 125 125 125 TYR TYR A . n 
A 1 126 GLY 126 126 126 GLY GLY A . n 
A 1 127 ILE 127 127 127 ILE ILE A . n 
A 1 128 LEU 128 128 128 LEU LEU A . n 
A 1 129 ALA 129 129 129 ALA ALA A . n 
A 1 130 GLY 130 130 130 GLY GLY A . n 
A 1 131 GLY 131 131 131 GLY GLY A . n 
A 1 132 LYS 132 132 132 LYS LYS A . n 
A 1 133 GLN 133 133 133 GLN GLN A . n 
A 1 134 GLU 134 134 134 GLU GLU A . n 
A 1 135 ILE 135 135 ?   ?   ?   A . n 
A 1 136 SER 136 136 ?   ?   ?   A . n 
A 1 137 ASN 137 137 ?   ?   ?   A . n 
A 1 138 THR 138 138 ?   ?   ?   A . n 
A 1 139 ALA 139 139 ?   ?   ?   A . n 
A 1 140 ASN 140 140 140 ASN ASN A . n 
A 1 141 GLN 141 141 141 GLN GLN A . n 
A 1 142 VAL 142 142 142 VAL VAL A . n 
A 1 143 MET 143 143 143 MET MET A . n 
A 1 144 PRO 144 144 144 PRO PRO A . n 
A 1 145 ALA 145 145 145 ALA ALA A . n 
A 1 146 PHE 146 146 146 PHE PHE A . n 
A 1 147 GLY 147 147 147 GLY GLY A . n 
A 1 148 ASP 148 148 148 ASP ASP A . n 
A 1 149 ASN 149 149 149 ASN ASN A . n 
A 1 150 LYS 150 150 150 LYS LYS A . n 
A 1 151 ASN 151 151 151 ASN ASN A . n 
A 1 152 VAL 152 152 152 VAL VAL A . n 
A 1 153 MET 153 153 153 MET MET A . n 
A 1 154 CYS 154 154 154 CYS CYS A . n 
A 1 155 TYR 155 155 155 TYR TYR A . n 
A 1 156 ALA 156 156 156 ALA ALA A . n 
A 1 157 ASN 157 157 157 ASN ASN A . n 
A 1 158 ASP 158 158 158 ASP ASP A . n 
A 1 159 LEU 159 159 159 LEU LEU A . n 
A 1 160 TYR 160 160 160 TYR TYR A . n 
A 1 161 VAL 161 161 161 VAL VAL A . n 
A 1 162 TYR 162 162 162 TYR TYR A . n 
A 1 163 LEU 163 163 163 LEU LEU A . n 
A 1 164 ARG 164 164 164 ARG ARG A . n 
A 1 165 ALA 165 165 165 ALA ALA A . n 
A 1 166 ARG 166 166 166 ARG ARG A . n 
A 1 167 ALA 167 167 167 ALA ALA A . n 
A 1 168 ALA 168 168 168 ALA ALA A . n 
A 1 169 GLY 169 169 169 GLY GLY A . n 
A 1 170 ALA 170 170 170 ALA ALA A . n 
A 1 171 TRP 171 171 171 TRP TRP A . n 
A 1 172 GLY 172 172 172 GLY GLY A . n 
A 1 173 ARG 173 173 173 ARG ARG A . n 
A 1 174 ALA 174 174 174 ALA ALA A . n 
A 1 175 ARG 175 175 175 ARG ARG A . n 
A 1 176 PRO 176 176 176 PRO PRO A . n 
A 1 177 GLY 177 177 177 GLY GLY A . n 
A 1 178 GLU 178 178 178 GLU GLU A . n 
A 1 179 LYS 179 179 179 LYS LYS A . n 
A 1 180 GLU 180 180 180 GLU GLU A . n 
A 1 181 ASP 181 181 181 ASP ASP A . n 
A 1 182 LYS 182 182 182 LYS LYS A . n 
A 1 183 PRO 183 183 183 PRO PRO A . n 
A 1 184 GLU 184 184 184 GLU GLU A . n 
A 1 185 SER 185 185 185 SER SER A . n 
A 1 186 ALA 186 186 186 ALA ALA A . n 
A 1 187 LYS 187 187 187 LYS LYS A . n 
A 1 188 THR 188 188 188 THR THR A . n 
A 1 189 VAL 189 189 189 VAL VAL A . n 
A 1 190 GLU 190 190 190 GLU GLU A . n 
A 1 191 LYS 191 191 191 LYS LYS A . n 
A 1 192 GLU 192 192 192 GLU GLU A . n 
A 1 193 CYS 193 193 193 CYS CYS A . n 
A 1 194 LEU 194 194 194 LEU LEU A . n 
A 1 195 GLY 195 195 ?   ?   ?   A . n 
A 1 196 GLY 196 196 ?   ?   ?   A . n 
# 
_pdbx_entity_instance_feature.ordinal        1 
_pdbx_entity_instance_feature.comp_id        HEC 
_pdbx_entity_instance_feature.asym_id        ? 
_pdbx_entity_instance_feature.seq_num        ? 
_pdbx_entity_instance_feature.auth_comp_id   HEC 
_pdbx_entity_instance_feature.auth_asym_id   ? 
_pdbx_entity_instance_feature.auth_seq_num   ? 
_pdbx_entity_instance_feature.feature_type   'SUBJECT OF INVESTIGATION' 
_pdbx_entity_instance_feature.details        ? 
# 
_pdbx_nonpoly_scheme.asym_id         B 
_pdbx_nonpoly_scheme.entity_id       2 
_pdbx_nonpoly_scheme.mon_id          HEC 
_pdbx_nonpoly_scheme.ndb_seq_num     1 
_pdbx_nonpoly_scheme.pdb_seq_num     201 
_pdbx_nonpoly_scheme.auth_seq_num    1 
_pdbx_nonpoly_scheme.pdb_mon_id      HEC 
_pdbx_nonpoly_scheme.auth_mon_id     HEM 
_pdbx_nonpoly_scheme.pdb_strand_id   A 
_pdbx_nonpoly_scheme.pdb_ins_code    . 
# 
loop_
_software.citation_id 
_software.classification 
_software.compiler_name 
_software.compiler_version 
_software.contact_author 
_software.contact_author_email 
_software.date 
_software.description 
_software.dependencies 
_software.hardware 
_software.language 
_software.location 
_software.mods 
_software.name 
_software.os 
_software.os_version 
_software.type 
_software.version 
_software.pdbx_ordinal 
? refinement       ? ? ? ? ? ? ? ? ? ? ? PHENIX    ? ? ? 1.14_3260 1 
? refinement       ? ? ? ? ? ? ? ? ? ? ? REFMAC    ? ? ? 1.14_3260 2 
? 'data reduction' ? ? ? ? ? ? ? ? ? ? ? HKL-2000  ? ? ? .         3 
? 'data scaling'   ? ? ? ? ? ? ? ? ? ? ? SCALEPACK ? ? ? .         4 
? phasing          ? ? ? ? ? ? ? ? ? ? ? SHARP     ? ? ? .         5 
# 
_cell.angle_alpha                  90.000 
_cell.angle_alpha_esd              ? 
_cell.angle_beta                   90.000 
_cell.angle_beta_esd               ? 
_cell.angle_gamma                  120.000 
_cell.angle_gamma_esd              ? 
_cell.entry_id                     6ONQ 
_cell.details                      ? 
_cell.formula_units_Z              ? 
_cell.length_a                     95.841 
_cell.length_a_esd                 ? 
_cell.length_b                     95.841 
_cell.length_b_esd                 ? 
_cell.length_c                     80.411 
_cell.length_c_esd                 ? 
_cell.volume                       639659.373 
_cell.volume_esd                   ? 
_cell.Z_PDB                        12 
_cell.reciprocal_angle_alpha       ? 
_cell.reciprocal_angle_beta        ? 
_cell.reciprocal_angle_gamma       ? 
_cell.reciprocal_angle_alpha_esd   ? 
_cell.reciprocal_angle_beta_esd    ? 
_cell.reciprocal_angle_gamma_esd   ? 
_cell.reciprocal_length_a          ? 
_cell.reciprocal_length_b          ? 
_cell.reciprocal_length_c          ? 
_cell.reciprocal_length_a_esd      ? 
_cell.reciprocal_length_b_esd      ? 
_cell.reciprocal_length_c_esd      ? 
_cell.pdbx_unique_axis             ? 
# 
_symmetry.entry_id                         6ONQ 
_symmetry.cell_setting                     ? 
_symmetry.Int_Tables_number                180 
_symmetry.space_group_name_Hall            'P 62 2 (x,y,z+1/3)' 
_symmetry.space_group_name_H-M             'P 62 2 2' 
_symmetry.pdbx_full_space_group_name_H-M   ? 
# 
_exptl.absorpt_coefficient_mu     ? 
_exptl.absorpt_correction_T_max   ? 
_exptl.absorpt_correction_T_min   ? 
_exptl.absorpt_correction_type    ? 
_exptl.absorpt_process_details    ? 
_exptl.entry_id                   6ONQ 
_exptl.crystals_number            1 
_exptl.details                    ? 
_exptl.method                     'X-RAY DIFFRACTION' 
_exptl.method_details             ? 
# 
_exptl_crystal.colour                      ? 
_exptl_crystal.density_diffrn              ? 
_exptl_crystal.density_Matthews            2.50 
_exptl_crystal.density_method              ? 
_exptl_crystal.density_percent_sol         50.77 
_exptl_crystal.description                 ? 
_exptl_crystal.F_000                       ? 
_exptl_crystal.id                          1 
_exptl_crystal.preparation                 ? 
_exptl_crystal.size_max                    ? 
_exptl_crystal.size_mid                    ? 
_exptl_crystal.size_min                    ? 
_exptl_crystal.size_rad                    ? 
_exptl_crystal.colour_lustre               ? 
_exptl_crystal.colour_modifier             ? 
_exptl_crystal.colour_primary              ? 
_exptl_crystal.density_meas                ? 
_exptl_crystal.density_meas_esd            ? 
_exptl_crystal.density_meas_gt             ? 
_exptl_crystal.density_meas_lt             ? 
_exptl_crystal.density_meas_temp           ? 
_exptl_crystal.density_meas_temp_esd       ? 
_exptl_crystal.density_meas_temp_gt        ? 
_exptl_crystal.density_meas_temp_lt        ? 
_exptl_crystal.pdbx_crystal_image_url      ? 
_exptl_crystal.pdbx_crystal_image_format   ? 
_exptl_crystal.pdbx_mosaicity              ? 
_exptl_crystal.pdbx_mosaicity_esd          ? 
# 
_exptl_crystal_grow.apparatus       ? 
_exptl_crystal_grow.atmosphere      ? 
_exptl_crystal_grow.crystal_id      1 
_exptl_crystal_grow.details         ? 
_exptl_crystal_grow.method          'VAPOR DIFFUSION, HANGING DROP' 
_exptl_crystal_grow.method_ref      ? 
_exptl_crystal_grow.pH              4.2 
_exptl_crystal_grow.pressure        ? 
_exptl_crystal_grow.pressure_esd    ? 
_exptl_crystal_grow.seeding         ? 
_exptl_crystal_grow.seeding_ref     ? 
_exptl_crystal_grow.temp            298 
_exptl_crystal_grow.temp_details    ? 
_exptl_crystal_grow.temp_esd        ? 
_exptl_crystal_grow.time            ? 
_exptl_crystal_grow.pdbx_details    
;.2 M sodium acetate, 0.1 M phosphate-citra
te pH 4.2, and 20% (w/v)  PEG  8000
;
_exptl_crystal_grow.pdbx_pH_range   ? 
# 
_diffrn.ambient_environment              ? 
_diffrn.ambient_temp                     100 
_diffrn.ambient_temp_details             ? 
_diffrn.ambient_temp_esd                 ? 
_diffrn.crystal_id                       1 
_diffrn.crystal_support                  ? 
_diffrn.crystal_treatment                ? 
_diffrn.details                          ? 
_diffrn.id                               1 
_diffrn.ambient_pressure                 ? 
_diffrn.ambient_pressure_esd             ? 
_diffrn.ambient_pressure_gt              ? 
_diffrn.ambient_pressure_lt              ? 
_diffrn.ambient_temp_gt                  ? 
_diffrn.ambient_temp_lt                  ? 
_diffrn.pdbx_serial_crystal_experiment   N 
# 
_diffrn_detector.details                      ? 
_diffrn_detector.detector                     CCD 
_diffrn_detector.diffrn_id                    1 
_diffrn_detector.type                         'ADSC QUANTUM 315r' 
_diffrn_detector.area_resol_mean              ? 
_diffrn_detector.dtime                        ? 
_diffrn_detector.pdbx_frames_total            ? 
_diffrn_detector.pdbx_collection_time_total   ? 
_diffrn_detector.pdbx_collection_date         2018-08-30 
_diffrn_detector.pdbx_frequency               ? 
# 
_diffrn_radiation.collimation                      ? 
_diffrn_radiation.diffrn_id                        1 
_diffrn_radiation.filter_edge                      ? 
_diffrn_radiation.inhomogeneity                    ? 
_diffrn_radiation.monochromator                    ? 
_diffrn_radiation.polarisn_norm                    ? 
_diffrn_radiation.polarisn_ratio                   ? 
_diffrn_radiation.probe                            ? 
_diffrn_radiation.type                             ? 
_diffrn_radiation.xray_symbol                      ? 
_diffrn_radiation.wavelength_id                    1 
_diffrn_radiation.pdbx_monochromatic_or_laue_m_l   M 
_diffrn_radiation.pdbx_wavelength_list             ? 
_diffrn_radiation.pdbx_wavelength                  ? 
_diffrn_radiation.pdbx_diffrn_protocol             'SINGLE WAVELENGTH' 
_diffrn_radiation.pdbx_analyzer                    ? 
_diffrn_radiation.pdbx_scattering_type             x-ray 
# 
_diffrn_radiation_wavelength.id           1 
_diffrn_radiation_wavelength.wavelength   1.6984 
_diffrn_radiation_wavelength.wt           1.0 
# 
_diffrn_source.current                     ? 
_diffrn_source.details                     ? 
_diffrn_source.diffrn_id                   1 
_diffrn_source.power                       ? 
_diffrn_source.size                        ? 
_diffrn_source.source                      SYNCHROTRON 
_diffrn_source.target                      ? 
_diffrn_source.type                        'ALS BEAMLINE 8.2.2' 
_diffrn_source.voltage                     ? 
_diffrn_source.take-off_angle              ? 
_diffrn_source.pdbx_wavelength_list        1.6984 
_diffrn_source.pdbx_wavelength             ? 
_diffrn_source.pdbx_synchrotron_beamline   8.2.2 
_diffrn_source.pdbx_synchrotron_site       ALS 
# 
_reflns.B_iso_Wilson_estimate            39.79 
_reflns.entry_id                         6ONQ 
_reflns.data_reduction_details           ? 
_reflns.data_reduction_method            ? 
_reflns.d_resolution_high                2.71 
_reflns.d_resolution_low                 50 
_reflns.details                          ? 
_reflns.limit_h_max                      ? 
_reflns.limit_h_min                      ? 
_reflns.limit_k_max                      ? 
_reflns.limit_k_min                      ? 
_reflns.limit_l_max                      ? 
_reflns.limit_l_min                      ? 
_reflns.number_all                       ? 
_reflns.number_obs                       6337 
_reflns.observed_criterion               ? 
_reflns.observed_criterion_F_max         ? 
_reflns.observed_criterion_F_min         ? 
_reflns.observed_criterion_I_max         ? 
_reflns.observed_criterion_I_min         ? 
_reflns.observed_criterion_sigma_F       ? 
_reflns.observed_criterion_sigma_I       ? 
_reflns.percent_possible_obs             98.6 
_reflns.R_free_details                   ? 
_reflns.Rmerge_F_all                     ? 
_reflns.Rmerge_F_obs                     ? 
_reflns.Friedel_coverage                 ? 
_reflns.number_gt                        ? 
_reflns.threshold_expression             ? 
_reflns.pdbx_redundancy                  37.7 
_reflns.pdbx_Rmerge_I_obs                0.124 
_reflns.pdbx_Rmerge_I_all                ? 
_reflns.pdbx_Rsym_value                  ? 
_reflns.pdbx_netI_over_av_sigmaI         ? 
_reflns.pdbx_netI_over_sigmaI            39 
_reflns.pdbx_res_netI_over_av_sigmaI_2   ? 
_reflns.pdbx_res_netI_over_sigmaI_2      ? 
_reflns.pdbx_chi_squared                 ? 
_reflns.pdbx_scaling_rejects             ? 
_reflns.pdbx_d_res_high_opt              ? 
_reflns.pdbx_d_res_low_opt               ? 
_reflns.pdbx_d_res_opt_method            ? 
_reflns.phase_calculation_details        ? 
_reflns.pdbx_Rrim_I_all                  ? 
_reflns.pdbx_Rpim_I_all                  0.020 
_reflns.pdbx_d_opt                       ? 
_reflns.pdbx_number_measured_all         ? 
_reflns.pdbx_diffrn_id                   1 
_reflns.pdbx_ordinal                     1 
_reflns.pdbx_CC_half                     0.999 
_reflns.pdbx_R_split                     ? 
# 
_reflns_shell.d_res_high                  2.71 
_reflns_shell.d_res_low                   2.76 
_reflns_shell.meanI_over_sigI_all         ? 
_reflns_shell.meanI_over_sigI_obs         ? 
_reflns_shell.number_measured_all         ? 
_reflns_shell.number_measured_obs         ? 
_reflns_shell.number_possible             ? 
_reflns_shell.number_unique_all           ? 
_reflns_shell.number_unique_obs           305 
_reflns_shell.percent_possible_all        ? 
_reflns_shell.percent_possible_obs        ? 
_reflns_shell.Rmerge_F_all                ? 
_reflns_shell.Rmerge_F_obs                ? 
_reflns_shell.Rmerge_I_all                ? 
_reflns_shell.Rmerge_I_obs                1.242 
_reflns_shell.meanI_over_sigI_gt          ? 
_reflns_shell.meanI_over_uI_all           ? 
_reflns_shell.meanI_over_uI_gt            ? 
_reflns_shell.number_measured_gt          ? 
_reflns_shell.number_unique_gt            ? 
_reflns_shell.percent_possible_gt         ? 
_reflns_shell.Rmerge_F_gt                 ? 
_reflns_shell.Rmerge_I_gt                 ? 
_reflns_shell.pdbx_redundancy             ? 
_reflns_shell.pdbx_Rsym_value             ? 
_reflns_shell.pdbx_chi_squared            ? 
_reflns_shell.pdbx_netI_over_sigmaI_all   ? 
_reflns_shell.pdbx_netI_over_sigmaI_obs   ? 
_reflns_shell.pdbx_Rrim_I_all             ? 
_reflns_shell.pdbx_Rpim_I_all             0.256 
_reflns_shell.pdbx_rejects                ? 
_reflns_shell.pdbx_ordinal                1 
_reflns_shell.pdbx_diffrn_id              1 
_reflns_shell.pdbx_CC_half                0.898 
_reflns_shell.pdbx_R_split                ? 
# 
_refine.aniso_B[1][1]                            ? 
_refine.aniso_B[1][2]                            ? 
_refine.aniso_B[1][3]                            ? 
_refine.aniso_B[2][2]                            ? 
_refine.aniso_B[2][3]                            ? 
_refine.aniso_B[3][3]                            ? 
_refine.B_iso_max                                ? 
_refine.B_iso_mean                               39.79 
_refine.B_iso_min                                ? 
_refine.correlation_coeff_Fo_to_Fc               ? 
_refine.correlation_coeff_Fo_to_Fc_free          ? 
_refine.details                                  ? 
_refine.diff_density_max                         ? 
_refine.diff_density_max_esd                     ? 
_refine.diff_density_min                         ? 
_refine.diff_density_min_esd                     ? 
_refine.diff_density_rms                         ? 
_refine.diff_density_rms_esd                     ? 
_refine.entry_id                                 6ONQ 
_refine.pdbx_refine_id                           'X-RAY DIFFRACTION' 
_refine.ls_abs_structure_details                 ? 
_refine.ls_abs_structure_Flack                   ? 
_refine.ls_abs_structure_Flack_esd               ? 
_refine.ls_abs_structure_Rogers                  ? 
_refine.ls_abs_structure_Rogers_esd              ? 
_refine.ls_d_res_high                            2.71 
_refine.ls_d_res_low                             41.50 
_refine.ls_extinction_coef                       ? 
_refine.ls_extinction_coef_esd                   ? 
_refine.ls_extinction_expression                 ? 
_refine.ls_extinction_method                     ? 
_refine.ls_goodness_of_fit_all                   ? 
_refine.ls_goodness_of_fit_all_esd               ? 
_refine.ls_goodness_of_fit_obs                   ? 
_refine.ls_goodness_of_fit_obs_esd               ? 
_refine.ls_hydrogen_treatment                    ? 
_refine.ls_matrix_type                           ? 
_refine.ls_number_constraints                    ? 
_refine.ls_number_parameters                     ? 
_refine.ls_number_reflns_all                     ? 
_refine.ls_number_reflns_obs                     6236 
_refine.ls_number_reflns_R_free                  313 
_refine.ls_number_reflns_R_work                  ? 
_refine.ls_number_restraints                     ? 
_refine.ls_percent_reflns_obs                    98.75 
_refine.ls_percent_reflns_R_free                 5.02 
_refine.ls_R_factor_all                          ? 
_refine.ls_R_factor_obs                          0.1963 
_refine.ls_R_factor_R_free                       0.2484 
_refine.ls_R_factor_R_free_error                 ? 
_refine.ls_R_factor_R_free_error_details         ? 
_refine.ls_R_factor_R_work                       0.1937 
_refine.ls_R_Fsqd_factor_obs                     ? 
_refine.ls_R_I_factor_obs                        ? 
_refine.ls_redundancy_reflns_all                 ? 
_refine.ls_redundancy_reflns_obs                 ? 
_refine.ls_restrained_S_all                      ? 
_refine.ls_restrained_S_obs                      ? 
_refine.ls_shift_over_esd_max                    ? 
_refine.ls_shift_over_esd_mean                   ? 
_refine.ls_structure_factor_coef                 ? 
_refine.ls_weighting_details                     ? 
_refine.ls_weighting_scheme                      ? 
_refine.ls_wR_factor_all                         ? 
_refine.ls_wR_factor_obs                         ? 
_refine.ls_wR_factor_R_free                      ? 
_refine.ls_wR_factor_R_work                      ? 
_refine.occupancy_max                            ? 
_refine.occupancy_min                            ? 
_refine.solvent_model_details                    ? 
_refine.solvent_model_param_bsol                 ? 
_refine.solvent_model_param_ksol                 ? 
_refine.ls_R_factor_gt                           ? 
_refine.ls_goodness_of_fit_gt                    ? 
_refine.ls_goodness_of_fit_ref                   ? 
_refine.ls_shift_over_su_max                     ? 
_refine.ls_shift_over_su_max_lt                  ? 
_refine.ls_shift_over_su_mean                    ? 
_refine.ls_shift_over_su_mean_lt                 ? 
_refine.pdbx_ls_sigma_I                          ? 
_refine.pdbx_ls_sigma_F                          1.38 
_refine.pdbx_ls_sigma_Fsqd                       ? 
_refine.pdbx_data_cutoff_high_absF               ? 
_refine.pdbx_data_cutoff_high_rms_absF           ? 
_refine.pdbx_data_cutoff_low_absF                ? 
_refine.pdbx_isotropic_thermal_model             ? 
_refine.pdbx_ls_cross_valid_method               'FREE R-VALUE' 
_refine.pdbx_method_to_determine_struct          SAD 
_refine.pdbx_starting_model                      ? 
_refine.pdbx_stereochemistry_target_values       ? 
_refine.pdbx_R_Free_selection_details            ? 
_refine.pdbx_stereochem_target_val_spec_case     ? 
_refine.pdbx_overall_ESU_R                       ? 
_refine.pdbx_overall_ESU_R_Free                  ? 
_refine.pdbx_solvent_vdw_probe_radii             1.1100 
_refine.pdbx_solvent_ion_probe_radii             ? 
_refine.pdbx_solvent_shrinkage_radii             0.9000 
_refine.pdbx_real_space_R                        ? 
_refine.pdbx_density_correlation                 ? 
_refine.pdbx_pd_number_of_powder_patterns        ? 
_refine.pdbx_pd_number_of_points                 ? 
_refine.pdbx_pd_meas_number_of_points            ? 
_refine.pdbx_pd_proc_ls_prof_R_factor            ? 
_refine.pdbx_pd_proc_ls_prof_wR_factor           ? 
_refine.pdbx_pd_Marquardt_correlation_coeff      ? 
_refine.pdbx_pd_Fsqrd_R_factor                   ? 
_refine.pdbx_pd_ls_matrix_band_width             ? 
_refine.pdbx_overall_phase_error                 23.3881 
_refine.pdbx_overall_SU_R_free_Cruickshank_DPI   ? 
_refine.pdbx_overall_SU_R_free_Blow_DPI          ? 
_refine.pdbx_overall_SU_R_Blow_DPI               ? 
_refine.pdbx_TLS_residual_ADP_flag               ? 
_refine.pdbx_diffrn_id                           1 
_refine.overall_SU_B                             ? 
_refine.overall_SU_ML                            0.3258 
_refine.overall_SU_R_Cruickshank_DPI             ? 
_refine.overall_SU_R_free                        ? 
_refine.overall_FOM_free_R_set                   ? 
_refine.overall_FOM_work_R_set                   ? 
_refine.pdbx_average_fsc_overall                 ? 
_refine.pdbx_average_fsc_work                    ? 
_refine.pdbx_average_fsc_free                    ? 
# 
_refine_hist.pdbx_refine_id                   'X-RAY DIFFRACTION' 
_refine_hist.cycle_id                         LAST 
_refine_hist.details                          ? 
_refine_hist.d_res_high                       2.71 
_refine_hist.d_res_low                        41.50 
_refine_hist.number_atoms_solvent             0 
_refine_hist.number_atoms_total               1295 
_refine_hist.number_reflns_all                ? 
_refine_hist.number_reflns_obs                ? 
_refine_hist.number_reflns_R_free             ? 
_refine_hist.number_reflns_R_work             ? 
_refine_hist.R_factor_all                     ? 
_refine_hist.R_factor_obs                     ? 
_refine_hist.R_factor_R_free                  ? 
_refine_hist.R_factor_R_work                  ? 
_refine_hist.pdbx_number_residues_total       ? 
_refine_hist.pdbx_B_iso_mean_ligand           ? 
_refine_hist.pdbx_B_iso_mean_solvent          ? 
_refine_hist.pdbx_number_atoms_protein        1252 
_refine_hist.pdbx_number_atoms_nucleic_acid   0 
_refine_hist.pdbx_number_atoms_ligand         43 
_refine_hist.pdbx_number_atoms_lipid          ? 
_refine_hist.pdbx_number_atoms_carb           ? 
_refine_hist.pdbx_pseudo_atom_details         ? 
# 
loop_
_refine_ls_restr.pdbx_refine_id 
_refine_ls_restr.criterion 
_refine_ls_restr.dev_ideal 
_refine_ls_restr.dev_ideal_target 
_refine_ls_restr.number 
_refine_ls_restr.rejects 
_refine_ls_restr.type 
_refine_ls_restr.weight 
_refine_ls_restr.pdbx_restraint_function 
'X-RAY DIFFRACTION' ? 0.0073 ? 1336 ? f_bond_d           ? ? 
'X-RAY DIFFRACTION' ? 0.9695 ? 1812 ? f_angle_d          ? ? 
'X-RAY DIFFRACTION' ? 0.0465 ? 171  ? f_chiral_restr     ? ? 
'X-RAY DIFFRACTION' ? 0.0046 ? 235  ? f_plane_restr      ? ? 
'X-RAY DIFFRACTION' ? 8.4804 ? 778  ? f_dihedral_angle_d ? ? 
# 
loop_
_refine_ls_shell.pdbx_refine_id 
_refine_ls_shell.d_res_high 
_refine_ls_shell.d_res_low 
_refine_ls_shell.number_reflns_all 
_refine_ls_shell.number_reflns_obs 
_refine_ls_shell.number_reflns_R_free 
_refine_ls_shell.number_reflns_R_work 
_refine_ls_shell.percent_reflns_obs 
_refine_ls_shell.percent_reflns_R_free 
_refine_ls_shell.R_factor_all 
_refine_ls_shell.R_factor_obs 
_refine_ls_shell.R_factor_R_free 
_refine_ls_shell.R_factor_R_free_error 
_refine_ls_shell.R_factor_R_work 
_refine_ls_shell.redundancy_reflns_all 
_refine_ls_shell.redundancy_reflns_obs 
_refine_ls_shell.wR_factor_all 
_refine_ls_shell.wR_factor_obs 
_refine_ls_shell.wR_factor_R_free 
_refine_ls_shell.wR_factor_R_work 
_refine_ls_shell.pdbx_total_number_of_bins_used 
_refine_ls_shell.pdbx_phase_error 
_refine_ls_shell.pdbx_fsc_work 
_refine_ls_shell.pdbx_fsc_free 
'X-RAY DIFFRACTION' 2.71 3.41  . . 152 2857 98.08 . . . 0.3161 . 0.2330 . . . . . . . . . . 
'X-RAY DIFFRACTION' 3.41 41.51 . . 161 3066 99.38 . . . 0.2163 . 0.1758 . . . . . . . . . . 
# 
_struct.entry_id                     6ONQ 
_struct.title                        'Crystal structure of c-type cytochrome XoxG from Methylobacterium extorquens AM1' 
_struct.pdbx_model_details           ? 
_struct.pdbx_formula_weight          ? 
_struct.pdbx_formula_weight_method   ? 
_struct.pdbx_model_type_details      ? 
_struct.pdbx_CASP_flag               N 
# 
_struct_keywords.entry_id        6ONQ 
_struct_keywords.text            'Cytochrome, heme, electron transport, methanol oxidation, lanthanide' 
_struct_keywords.pdbx_keywords   'ELECTRON TRANSPORT' 
# 
loop_
_struct_asym.id 
_struct_asym.pdbx_blank_PDB_chainid_flag 
_struct_asym.pdbx_modified 
_struct_asym.entity_id 
_struct_asym.details 
A N N 1 ? 
B N N 2 ? 
# 
_struct_ref.id                         1 
_struct_ref.db_name                    UNP 
_struct_ref.db_code                    P71510_METEX 
_struct_ref.pdbx_db_accession          P71510 
_struct_ref.pdbx_db_isoform            ? 
_struct_ref.entity_id                  1 
_struct_ref.pdbx_seq_one_letter_code   
;MKRTALLGLVGAALLGAVPAATVAFAQDAKPELANKLDPNAKEIDEPVLKAATAAKEEDGKYFDKDGHPTFHITNDGKKV
DWFTYSGYRRYHAECHVCHGPDGMGSTYAPALKDSLKRLSYEEFYGILAGGKQEISNTANQVMPAFGDNKNVMCYANDLY
VYLRARAAGAWGRARPGEKEDKPESAKTVEKECLGG
;
_struct_ref.pdbx_align_begin           1 
# 
_struct_ref_seq.align_id                      1 
_struct_ref_seq.ref_id                        1 
_struct_ref_seq.pdbx_PDB_id_code              6ONQ 
_struct_ref_seq.pdbx_strand_id                A 
_struct_ref_seq.seq_align_beg                 1 
_struct_ref_seq.pdbx_seq_align_beg_ins_code   ? 
_struct_ref_seq.seq_align_end                 196 
_struct_ref_seq.pdbx_seq_align_end_ins_code   ? 
_struct_ref_seq.pdbx_db_accession             P71510 
_struct_ref_seq.db_align_beg                  1 
_struct_ref_seq.pdbx_db_align_beg_ins_code    ? 
_struct_ref_seq.db_align_end                  196 
_struct_ref_seq.pdbx_db_align_end_ins_code    ? 
_struct_ref_seq.pdbx_auth_seq_align_beg       1 
_struct_ref_seq.pdbx_auth_seq_align_end       196 
# 
_pdbx_struct_assembly.id                   1 
_pdbx_struct_assembly.details              author_and_software_defined_assembly 
_pdbx_struct_assembly.method_details       PISA 
_pdbx_struct_assembly.oligomeric_details   monomeric 
_pdbx_struct_assembly.oligomeric_count     1 
# 
_pdbx_struct_assembly_gen.assembly_id       1 
_pdbx_struct_assembly_gen.oper_expression   1 
_pdbx_struct_assembly_gen.asym_id_list      A,B 
# 
_pdbx_struct_assembly_auth_evidence.id                     1 
_pdbx_struct_assembly_auth_evidence.assembly_id            1 
_pdbx_struct_assembly_auth_evidence.experimental_support   'gel filtration' 
_pdbx_struct_assembly_auth_evidence.details                ? 
# 
_pdbx_struct_oper_list.id                   1 
_pdbx_struct_oper_list.type                 'identity operation' 
_pdbx_struct_oper_list.name                 1_555 
_pdbx_struct_oper_list.symmetry_operation   x,y,z 
_pdbx_struct_oper_list.matrix[1][1]         1.0000000000 
_pdbx_struct_oper_list.matrix[1][2]         0.0000000000 
_pdbx_struct_oper_list.matrix[1][3]         0.0000000000 
_pdbx_struct_oper_list.vector[1]            0.0000000000 
_pdbx_struct_oper_list.matrix[2][1]         0.0000000000 
_pdbx_struct_oper_list.matrix[2][2]         1.0000000000 
_pdbx_struct_oper_list.matrix[2][3]         0.0000000000 
_pdbx_struct_oper_list.vector[2]            0.0000000000 
_pdbx_struct_oper_list.matrix[3][1]         0.0000000000 
_pdbx_struct_oper_list.matrix[3][2]         0.0000000000 
_pdbx_struct_oper_list.matrix[3][3]         1.0000000000 
_pdbx_struct_oper_list.vector[3]            0.0000000000 
# 
loop_
_struct_conf.conf_type_id 
_struct_conf.id 
_struct_conf.pdbx_PDB_helix_id 
_struct_conf.beg_label_comp_id 
_struct_conf.beg_label_asym_id 
_struct_conf.beg_label_seq_id 
_struct_conf.pdbx_beg_PDB_ins_code 
_struct_conf.end_label_comp_id 
_struct_conf.end_label_asym_id 
_struct_conf.end_label_seq_id 
_struct_conf.pdbx_end_PDB_ins_code 
_struct_conf.beg_auth_comp_id 
_struct_conf.beg_auth_asym_id 
_struct_conf.beg_auth_seq_id 
_struct_conf.end_auth_comp_id 
_struct_conf.end_auth_asym_id 
_struct_conf.end_auth_seq_id 
_struct_conf.pdbx_PDB_helix_class 
_struct_conf.details 
_struct_conf.pdbx_PDB_helix_length 
HELX_P HELX_P1 AA1 ASP A 45  ? ALA A 52  ? ASP A 45  ALA A 52  1 ? 8  
HELX_P HELX_P2 AA2 ASP A 81  ? CYS A 95  ? ASP A 81  CYS A 95  1 ? 15 
HELX_P HELX_P3 AA3 CYS A 95  ? GLY A 100 ? CYS A 95  GLY A 100 1 ? 6  
HELX_P HELX_P4 AA4 PRO A 101 ? MET A 104 ? PRO A 101 MET A 104 5 ? 4  
HELX_P HELX_P5 AA5 ALA A 111 ? LEU A 119 ? ALA A 111 LEU A 119 1 ? 9  
HELX_P HELX_P6 AA6 SER A 120 ? GLY A 131 ? SER A 120 GLY A 131 1 ? 12 
HELX_P HELX_P7 AA7 ASN A 149 ? CYS A 154 ? ASN A 149 CYS A 154 1 ? 6  
HELX_P HELX_P8 AA8 TYR A 155 ? ALA A 168 ? TYR A 155 ALA A 168 1 ? 14 
HELX_P HELX_P9 AA9 PRO A 183 ? LEU A 194 ? PRO A 183 LEU A 194 1 ? 12 
# 
_struct_conf_type.id          HELX_P 
_struct_conf_type.criteria    ? 
_struct_conf_type.reference   ? 
# 
loop_
_struct_conn.id 
_struct_conn.conn_type_id 
_struct_conn.pdbx_leaving_atom_flag 
_struct_conn.pdbx_PDB_id 
_struct_conn.ptnr1_label_asym_id 
_struct_conn.ptnr1_label_comp_id 
_struct_conn.ptnr1_label_seq_id 
_struct_conn.ptnr1_label_atom_id 
_struct_conn.pdbx_ptnr1_label_alt_id 
_struct_conn.pdbx_ptnr1_PDB_ins_code 
_struct_conn.pdbx_ptnr1_standard_comp_id 
_struct_conn.ptnr1_symmetry 
_struct_conn.ptnr2_label_asym_id 
_struct_conn.ptnr2_label_comp_id 
_struct_conn.ptnr2_label_seq_id 
_struct_conn.ptnr2_label_atom_id 
_struct_conn.pdbx_ptnr2_label_alt_id 
_struct_conn.pdbx_ptnr2_PDB_ins_code 
_struct_conn.ptnr1_auth_asym_id 
_struct_conn.ptnr1_auth_comp_id 
_struct_conn.ptnr1_auth_seq_id 
_struct_conn.ptnr2_auth_asym_id 
_struct_conn.ptnr2_auth_comp_id 
_struct_conn.ptnr2_auth_seq_id 
_struct_conn.ptnr2_symmetry 
_struct_conn.pdbx_ptnr3_label_atom_id 
_struct_conn.pdbx_ptnr3_label_seq_id 
_struct_conn.pdbx_ptnr3_label_comp_id 
_struct_conn.pdbx_ptnr3_label_asym_id 
_struct_conn.pdbx_ptnr3_label_alt_id 
_struct_conn.pdbx_ptnr3_PDB_ins_code 
_struct_conn.details 
_struct_conn.pdbx_dist_value 
_struct_conn.pdbx_value_order 
_struct_conn.pdbx_role 
disulf1 disulf ?    ? A CYS 154 SG  ? ? ? 1_555 A CYS 193 SG  ? ? A CYS 154 A CYS 193 1_555 ? ? ? ? ? ? ? 2.070 ? ? 
covale1 covale none ? A CYS 95  SG  ? ? ? 1_555 B HEC .   CAB ? ? A CYS 95  A HEC 201 1_555 ? ? ? ? ? ? ? 1.765 ? ? 
covale2 covale none ? A CYS 98  SG  ? ? ? 1_555 B HEC .   CAC ? ? A CYS 98  A HEC 201 1_555 ? ? ? ? ? ? ? 2.041 ? ? 
metalc1 metalc ?    ? A HIS 99  NE2 ? ? ? 1_555 B HEC .   FE  ? ? A HIS 99  A HEC 201 1_555 ? ? ? ? ? ? ? 2.284 ? ? 
metalc2 metalc ?    ? A MET 143 SD  ? ? ? 1_555 B HEC .   FE  ? ? A MET 143 A HEC 201 1_555 ? ? ? ? ? ? ? 2.432 ? ? 
# 
loop_
_struct_conn_type.id 
_struct_conn_type.criteria 
_struct_conn_type.reference 
disulf ? ? 
covale ? ? 
metalc ? ? 
# 
loop_
_pdbx_struct_conn_angle.id 
_pdbx_struct_conn_angle.ptnr1_label_atom_id 
_pdbx_struct_conn_angle.ptnr1_label_alt_id 
_pdbx_struct_conn_angle.ptnr1_label_asym_id 
_pdbx_struct_conn_angle.ptnr1_label_comp_id 
_pdbx_struct_conn_angle.ptnr1_label_seq_id 
_pdbx_struct_conn_angle.ptnr1_auth_atom_id 
_pdbx_struct_conn_angle.ptnr1_auth_asym_id 
_pdbx_struct_conn_angle.ptnr1_auth_comp_id 
_pdbx_struct_conn_angle.ptnr1_auth_seq_id 
_pdbx_struct_conn_angle.ptnr1_PDB_ins_code 
_pdbx_struct_conn_angle.ptnr1_symmetry 
_pdbx_struct_conn_angle.ptnr2_label_atom_id 
_pdbx_struct_conn_angle.ptnr2_label_alt_id 
_pdbx_struct_conn_angle.ptnr2_label_asym_id 
_pdbx_struct_conn_angle.ptnr2_label_comp_id 
_pdbx_struct_conn_angle.ptnr2_label_seq_id 
_pdbx_struct_conn_angle.ptnr2_auth_atom_id 
_pdbx_struct_conn_angle.ptnr2_auth_asym_id 
_pdbx_struct_conn_angle.ptnr2_auth_comp_id 
_pdbx_struct_conn_angle.ptnr2_auth_seq_id 
_pdbx_struct_conn_angle.ptnr2_PDB_ins_code 
_pdbx_struct_conn_angle.ptnr2_symmetry 
_pdbx_struct_conn_angle.ptnr3_label_atom_id 
_pdbx_struct_conn_angle.ptnr3_label_alt_id 
_pdbx_struct_conn_angle.ptnr3_label_asym_id 
_pdbx_struct_conn_angle.ptnr3_label_comp_id 
_pdbx_struct_conn_angle.ptnr3_label_seq_id 
_pdbx_struct_conn_angle.ptnr3_auth_atom_id 
_pdbx_struct_conn_angle.ptnr3_auth_asym_id 
_pdbx_struct_conn_angle.ptnr3_auth_comp_id 
_pdbx_struct_conn_angle.ptnr3_auth_seq_id 
_pdbx_struct_conn_angle.ptnr3_PDB_ins_code 
_pdbx_struct_conn_angle.ptnr3_symmetry 
_pdbx_struct_conn_angle.value 
_pdbx_struct_conn_angle.value_esd 
1  NE2 ? A HIS 99 ? A HIS 99  ? 1_555 FE ? B HEC . ? A HEC 201 ? 1_555 NA ? B HEC .   ? A HEC 201 ? 1_555 82.9  ? 
2  NE2 ? A HIS 99 ? A HIS 99  ? 1_555 FE ? B HEC . ? A HEC 201 ? 1_555 NB ? B HEC .   ? A HEC 201 ? 1_555 95.9  ? 
3  NA  ? B HEC .  ? A HEC 201 ? 1_555 FE ? B HEC . ? A HEC 201 ? 1_555 NB ? B HEC .   ? A HEC 201 ? 1_555 92.5  ? 
4  NE2 ? A HIS 99 ? A HIS 99  ? 1_555 FE ? B HEC . ? A HEC 201 ? 1_555 NC ? B HEC .   ? A HEC 201 ? 1_555 89.5  ? 
5  NA  ? B HEC .  ? A HEC 201 ? 1_555 FE ? B HEC . ? A HEC 201 ? 1_555 NC ? B HEC .   ? A HEC 201 ? 1_555 172.4 ? 
6  NB  ? B HEC .  ? A HEC 201 ? 1_555 FE ? B HEC . ? A HEC 201 ? 1_555 NC ? B HEC .   ? A HEC 201 ? 1_555 88.3  ? 
7  NE2 ? A HIS 99 ? A HIS 99  ? 1_555 FE ? B HEC . ? A HEC 201 ? 1_555 ND ? B HEC .   ? A HEC 201 ? 1_555 78.3  ? 
8  NA  ? B HEC .  ? A HEC 201 ? 1_555 FE ? B HEC . ? A HEC 201 ? 1_555 ND ? B HEC .   ? A HEC 201 ? 1_555 87.7  ? 
9  NB  ? B HEC .  ? A HEC 201 ? 1_555 FE ? B HEC . ? A HEC 201 ? 1_555 ND ? B HEC .   ? A HEC 201 ? 1_555 174.2 ? 
10 NC  ? B HEC .  ? A HEC 201 ? 1_555 FE ? B HEC . ? A HEC 201 ? 1_555 ND ? B HEC .   ? A HEC 201 ? 1_555 90.8  ? 
11 NE2 ? A HIS 99 ? A HIS 99  ? 1_555 FE ? B HEC . ? A HEC 201 ? 1_555 SD ? A MET 143 ? A MET 143 ? 1_555 171.3 ? 
12 NA  ? B HEC .  ? A HEC 201 ? 1_555 FE ? B HEC . ? A HEC 201 ? 1_555 SD ? A MET 143 ? A MET 143 ? 1_555 97.4  ? 
13 NB  ? B HEC .  ? A HEC 201 ? 1_555 FE ? B HEC . ? A HEC 201 ? 1_555 SD ? A MET 143 ? A MET 143 ? 1_555 92.7  ? 
14 NC  ? B HEC .  ? A HEC 201 ? 1_555 FE ? B HEC . ? A HEC 201 ? 1_555 SD ? A MET 143 ? A MET 143 ? 1_555 90.1  ? 
15 ND  ? B HEC .  ? A HEC 201 ? 1_555 FE ? B HEC . ? A HEC 201 ? 1_555 SD ? A MET 143 ? A MET 143 ? 1_555 93.0  ? 
# 
loop_
_pdbx_modification_feature.ordinal 
_pdbx_modification_feature.label_comp_id 
_pdbx_modification_feature.label_asym_id 
_pdbx_modification_feature.label_seq_id 
_pdbx_modification_feature.label_alt_id 
_pdbx_modification_feature.modified_residue_label_comp_id 
_pdbx_modification_feature.modified_residue_label_asym_id 
_pdbx_modification_feature.modified_residue_label_seq_id 
_pdbx_modification_feature.modified_residue_label_alt_id 
_pdbx_modification_feature.auth_comp_id 
_pdbx_modification_feature.auth_asym_id 
_pdbx_modification_feature.auth_seq_id 
_pdbx_modification_feature.PDB_ins_code 
_pdbx_modification_feature.symmetry 
_pdbx_modification_feature.modified_residue_auth_comp_id 
_pdbx_modification_feature.modified_residue_auth_asym_id 
_pdbx_modification_feature.modified_residue_auth_seq_id 
_pdbx_modification_feature.modified_residue_PDB_ins_code 
_pdbx_modification_feature.modified_residue_symmetry 
_pdbx_modification_feature.comp_id_linking_atom 
_pdbx_modification_feature.modified_residue_id_linking_atom 
_pdbx_modification_feature.modified_residue_id 
_pdbx_modification_feature.ref_pcm_id 
_pdbx_modification_feature.ref_comp_id 
_pdbx_modification_feature.type 
_pdbx_modification_feature.category 
1 HEC B .   ? CYS A 95  ? HEC A 201 ? 1_555 CYS A 95  ? 1_555 CAB SG CYS 2 HEC None Heme/heme-like     
2 HEC B .   ? CYS A 98  ? HEC A 201 ? 1_555 CYS A 98  ? 1_555 CAC SG CYS 3 HEC None Heme/heme-like     
3 CYS A 154 ? CYS A 193 ? CYS A 154 ? 1_555 CYS A 193 ? 1_555 SG  SG .   . .   None 'Disulfide bridge' 
# 
loop_
_struct_sheet.id 
_struct_sheet.type 
_struct_sheet.number_strands 
_struct_sheet.details 
AA1 ? 3 ? 
AA2 ? 2 ? 
AA3 ? 2 ? 
# 
loop_
_struct_sheet_order.sheet_id 
_struct_sheet_order.range_id_1 
_struct_sheet_order.range_id_2 
_struct_sheet_order.offset 
_struct_sheet_order.sense 
AA1 1 2 ? anti-parallel 
AA1 2 3 ? anti-parallel 
AA2 1 2 ? anti-parallel 
AA3 1 2 ? anti-parallel 
# 
loop_
_struct_sheet_range.sheet_id 
_struct_sheet_range.id 
_struct_sheet_range.beg_label_comp_id 
_struct_sheet_range.beg_label_asym_id 
_struct_sheet_range.beg_label_seq_id 
_struct_sheet_range.pdbx_beg_PDB_ins_code 
_struct_sheet_range.end_label_comp_id 
_struct_sheet_range.end_label_asym_id 
_struct_sheet_range.end_label_seq_id 
_struct_sheet_range.pdbx_end_PDB_ins_code 
_struct_sheet_range.beg_auth_comp_id 
_struct_sheet_range.beg_auth_asym_id 
_struct_sheet_range.beg_auth_seq_id 
_struct_sheet_range.end_auth_comp_id 
_struct_sheet_range.end_auth_asym_id 
_struct_sheet_range.end_auth_seq_id 
AA1 1 LYS A 56  ? GLU A 58  ? LYS A 56  GLU A 58  
AA1 2 LYS A 61  ? PHE A 63  ? LYS A 61  PHE A 63  
AA1 3 PRO A 69  ? THR A 70  ? PRO A 69  THR A 70  
AA2 1 ILE A 73  ? THR A 74  ? ILE A 73  THR A 74  
AA2 2 LYS A 79  ? VAL A 80  ? LYS A 79  VAL A 80  
AA3 1 LYS A 132 ? GLN A 133 ? LYS A 132 GLN A 133 
AA3 2 VAL A 142 ? MET A 143 ? VAL A 142 MET A 143 
# 
loop_
_pdbx_struct_sheet_hbond.sheet_id 
_pdbx_struct_sheet_hbond.range_id_1 
_pdbx_struct_sheet_hbond.range_id_2 
_pdbx_struct_sheet_hbond.range_1_label_atom_id 
_pdbx_struct_sheet_hbond.range_1_label_comp_id 
_pdbx_struct_sheet_hbond.range_1_label_asym_id 
_pdbx_struct_sheet_hbond.range_1_label_seq_id 
_pdbx_struct_sheet_hbond.range_1_PDB_ins_code 
_pdbx_struct_sheet_hbond.range_1_auth_atom_id 
_pdbx_struct_sheet_hbond.range_1_auth_comp_id 
_pdbx_struct_sheet_hbond.range_1_auth_asym_id 
_pdbx_struct_sheet_hbond.range_1_auth_seq_id 
_pdbx_struct_sheet_hbond.range_2_label_atom_id 
_pdbx_struct_sheet_hbond.range_2_label_comp_id 
_pdbx_struct_sheet_hbond.range_2_label_asym_id 
_pdbx_struct_sheet_hbond.range_2_label_seq_id 
_pdbx_struct_sheet_hbond.range_2_PDB_ins_code 
_pdbx_struct_sheet_hbond.range_2_auth_atom_id 
_pdbx_struct_sheet_hbond.range_2_auth_comp_id 
_pdbx_struct_sheet_hbond.range_2_auth_asym_id 
_pdbx_struct_sheet_hbond.range_2_auth_seq_id 
AA1 1 2 N GLU A 58  ? N GLU A 58  O LYS A 61  ? O LYS A 61  
AA1 2 3 N TYR A 62  ? N TYR A 62  O THR A 70  ? O THR A 70  
AA2 1 2 N THR A 74  ? N THR A 74  O LYS A 79  ? O LYS A 79  
AA3 1 2 N LYS A 132 ? N LYS A 132 O MET A 143 ? O MET A 143 
# 
_struct_site.id                   AC1 
_struct_site.pdbx_evidence_code   Software 
_struct_site.pdbx_auth_asym_id    A 
_struct_site.pdbx_auth_comp_id    HEC 
_struct_site.pdbx_auth_seq_id     201 
_struct_site.pdbx_auth_ins_code   ? 
_struct_site.pdbx_num_residues    16 
_struct_site.details              'binding site for residue HEC A 201' 
# 
loop_
_struct_site_gen.id 
_struct_site_gen.site_id 
_struct_site_gen.pdbx_num_res 
_struct_site_gen.label_comp_id 
_struct_site_gen.label_asym_id 
_struct_site_gen.label_seq_id 
_struct_site_gen.pdbx_auth_ins_code 
_struct_site_gen.auth_comp_id 
_struct_site_gen.auth_asym_id 
_struct_site_gen.auth_seq_id 
_struct_site_gen.label_atom_id 
_struct_site_gen.label_alt_id 
_struct_site_gen.symmetry 
_struct_site_gen.details 
1  AC1 16 PRO A 47  ? PRO A 47  . ? 4_765 ? 
2  AC1 16 GLU A 94  ? GLU A 94  . ? 1_555 ? 
3  AC1 16 CYS A 95  ? CYS A 95  . ? 1_555 ? 
4  AC1 16 CYS A 98  ? CYS A 98  . ? 1_555 ? 
5  AC1 16 HIS A 99  ? HIS A 99  . ? 1_555 ? 
6  AC1 16 TYR A 108 ? TYR A 108 . ? 1_555 ? 
7  AC1 16 LEU A 112 ? LEU A 112 . ? 1_555 ? 
8  AC1 16 SER A 115 ? SER A 115 . ? 1_555 ? 
9  AC1 16 ARG A 118 ? ARG A 118 . ? 1_555 ? 
10 AC1 16 PHE A 124 ? PHE A 124 . ? 1_555 ? 
11 AC1 16 LYS A 132 ? LYS A 132 . ? 1_555 ? 
12 AC1 16 GLU A 134 ? GLU A 134 . ? 1_555 ? 
13 AC1 16 GLN A 141 ? GLN A 141 . ? 1_555 ? 
14 AC1 16 VAL A 142 ? VAL A 142 . ? 1_555 ? 
15 AC1 16 MET A 143 ? MET A 143 . ? 1_555 ? 
16 AC1 16 PHE A 146 ? PHE A 146 . ? 1_555 ? 
# 
_pdbx_entry_details.entry_id                   6ONQ 
_pdbx_entry_details.compound_details           ? 
_pdbx_entry_details.source_details             ? 
_pdbx_entry_details.nonpolymer_details         ? 
_pdbx_entry_details.sequence_details           ? 
_pdbx_entry_details.has_ligand_of_interest     ? 
_pdbx_entry_details.has_protein_modification   Y 
# 
_pdbx_validate_close_contact.id               1 
_pdbx_validate_close_contact.PDB_model_num    1 
_pdbx_validate_close_contact.auth_atom_id_1   SG 
_pdbx_validate_close_contact.auth_asym_id_1   A 
_pdbx_validate_close_contact.auth_comp_id_1   CYS 
_pdbx_validate_close_contact.auth_seq_id_1    98 
_pdbx_validate_close_contact.PDB_ins_code_1   ? 
_pdbx_validate_close_contact.label_alt_id_1   ? 
_pdbx_validate_close_contact.auth_atom_id_2   CBC 
_pdbx_validate_close_contact.auth_asym_id_2   A 
_pdbx_validate_close_contact.auth_comp_id_2   HEC 
_pdbx_validate_close_contact.auth_seq_id_2    201 
_pdbx_validate_close_contact.PDB_ins_code_2   ? 
_pdbx_validate_close_contact.label_alt_id_2   ? 
_pdbx_validate_close_contact.dist             1.77 
# 
loop_
_pdbx_validate_torsion.id 
_pdbx_validate_torsion.PDB_model_num 
_pdbx_validate_torsion.auth_comp_id 
_pdbx_validate_torsion.auth_asym_id 
_pdbx_validate_torsion.auth_seq_id 
_pdbx_validate_torsion.PDB_ins_code 
_pdbx_validate_torsion.label_alt_id 
_pdbx_validate_torsion.phi 
_pdbx_validate_torsion.psi 
1 1 ASN A 40  ? ? -97.39  44.77  
2 1 ASP A 59  ? ? 59.14   77.94  
3 1 HIS A 72  ? ? -163.63 98.13  
4 1 CYS A 95  ? ? -131.08 -30.48 
5 1 ARG A 173 ? ? -103.38 46.69  
# 
loop_
_space_group_symop.id 
_space_group_symop.operation_xyz 
1  x,y,z          
2  x-y,x,z+1/3    
3  y,-x+y,z+2/3   
4  -y,x-y,z+2/3   
5  -x+y,-x,z+1/3  
6  x-y,-y,-z      
7  -x,-x+y,-z+1/3 
8  -x,-y,z        
9  y,x,-z+2/3     
10 -y,-x,-z+2/3   
11 -x+y,y,-z      
12 x,x-y,-z+1/3   
# 
loop_
_pdbx_unobs_or_zero_occ_residues.id 
_pdbx_unobs_or_zero_occ_residues.PDB_model_num 
_pdbx_unobs_or_zero_occ_residues.polymer_flag 
_pdbx_unobs_or_zero_occ_residues.occupancy_flag 
_pdbx_unobs_or_zero_occ_residues.auth_asym_id 
_pdbx_unobs_or_zero_occ_residues.auth_comp_id 
_pdbx_unobs_or_zero_occ_residues.auth_seq_id 
_pdbx_unobs_or_zero_occ_residues.PDB_ins_code 
_pdbx_unobs_or_zero_occ_residues.label_asym_id 
_pdbx_unobs_or_zero_occ_residues.label_comp_id 
_pdbx_unobs_or_zero_occ_residues.label_seq_id 
1  1 Y 1 A MET 1   ? A MET 1   
2  1 Y 1 A LYS 2   ? A LYS 2   
3  1 Y 1 A ARG 3   ? A ARG 3   
4  1 Y 1 A THR 4   ? A THR 4   
5  1 Y 1 A ALA 5   ? A ALA 5   
6  1 Y 1 A LEU 6   ? A LEU 6   
7  1 Y 1 A LEU 7   ? A LEU 7   
8  1 Y 1 A GLY 8   ? A GLY 8   
9  1 Y 1 A LEU 9   ? A LEU 9   
10 1 Y 1 A VAL 10  ? A VAL 10  
11 1 Y 1 A GLY 11  ? A GLY 11  
12 1 Y 1 A ALA 12  ? A ALA 12  
13 1 Y 1 A ALA 13  ? A ALA 13  
14 1 Y 1 A LEU 14  ? A LEU 14  
15 1 Y 1 A LEU 15  ? A LEU 15  
16 1 Y 1 A GLY 16  ? A GLY 16  
17 1 Y 1 A ALA 17  ? A ALA 17  
18 1 Y 1 A VAL 18  ? A VAL 18  
19 1 Y 1 A PRO 19  ? A PRO 19  
20 1 Y 1 A ALA 20  ? A ALA 20  
21 1 Y 1 A ALA 21  ? A ALA 21  
22 1 Y 1 A THR 22  ? A THR 22  
23 1 Y 1 A VAL 23  ? A VAL 23  
24 1 Y 1 A ALA 24  ? A ALA 24  
25 1 Y 1 A PHE 25  ? A PHE 25  
26 1 Y 1 A ALA 26  ? A ALA 26  
27 1 Y 1 A GLN 27  ? A GLN 27  
28 1 Y 1 A ASP 28  ? A ASP 28  
29 1 Y 1 A ALA 29  ? A ALA 29  
30 1 Y 1 A LYS 30  ? A LYS 30  
31 1 Y 1 A ILE 135 ? A ILE 135 
32 1 Y 1 A SER 136 ? A SER 136 
33 1 Y 1 A ASN 137 ? A ASN 137 
34 1 Y 1 A THR 138 ? A THR 138 
35 1 Y 1 A ALA 139 ? A ALA 139 
36 1 Y 1 A GLY 195 ? A GLY 195 
37 1 Y 1 A GLY 196 ? A GLY 196 
# 
loop_
_chem_comp_atom.comp_id 
_chem_comp_atom.atom_id 
_chem_comp_atom.type_symbol 
_chem_comp_atom.pdbx_aromatic_flag 
_chem_comp_atom.pdbx_stereo_config 
_chem_comp_atom.pdbx_ordinal 
ALA N    N  N N 1   
ALA CA   C  N S 2   
ALA C    C  N N 3   
ALA O    O  N N 4   
ALA CB   C  N N 5   
ALA OXT  O  N N 6   
ALA H    H  N N 7   
ALA H2   H  N N 8   
ALA HA   H  N N 9   
ALA HB1  H  N N 10  
ALA HB2  H  N N 11  
ALA HB3  H  N N 12  
ALA HXT  H  N N 13  
ARG N    N  N N 14  
ARG CA   C  N S 15  
ARG C    C  N N 16  
ARG O    O  N N 17  
ARG CB   C  N N 18  
ARG CG   C  N N 19  
ARG CD   C  N N 20  
ARG NE   N  N N 21  
ARG CZ   C  N N 22  
ARG NH1  N  N N 23  
ARG NH2  N  N N 24  
ARG OXT  O  N N 25  
ARG H    H  N N 26  
ARG H2   H  N N 27  
ARG HA   H  N N 28  
ARG HB2  H  N N 29  
ARG HB3  H  N N 30  
ARG HG2  H  N N 31  
ARG HG3  H  N N 32  
ARG HD2  H  N N 33  
ARG HD3  H  N N 34  
ARG HE   H  N N 35  
ARG HH11 H  N N 36  
ARG HH12 H  N N 37  
ARG HH21 H  N N 38  
ARG HH22 H  N N 39  
ARG HXT  H  N N 40  
ASN N    N  N N 41  
ASN CA   C  N S 42  
ASN C    C  N N 43  
ASN O    O  N N 44  
ASN CB   C  N N 45  
ASN CG   C  N N 46  
ASN OD1  O  N N 47  
ASN ND2  N  N N 48  
ASN OXT  O  N N 49  
ASN H    H  N N 50  
ASN H2   H  N N 51  
ASN HA   H  N N 52  
ASN HB2  H  N N 53  
ASN HB3  H  N N 54  
ASN HD21 H  N N 55  
ASN HD22 H  N N 56  
ASN HXT  H  N N 57  
ASP N    N  N N 58  
ASP CA   C  N S 59  
ASP C    C  N N 60  
ASP O    O  N N 61  
ASP CB   C  N N 62  
ASP CG   C  N N 63  
ASP OD1  O  N N 64  
ASP OD2  O  N N 65  
ASP OXT  O  N N 66  
ASP H    H  N N 67  
ASP H2   H  N N 68  
ASP HA   H  N N 69  
ASP HB2  H  N N 70  
ASP HB3  H  N N 71  
ASP HD2  H  N N 72  
ASP HXT  H  N N 73  
CYS N    N  N N 74  
CYS CA   C  N R 75  
CYS C    C  N N 76  
CYS O    O  N N 77  
CYS CB   C  N N 78  
CYS SG   S  N N 79  
CYS OXT  O  N N 80  
CYS H    H  N N 81  
CYS H2   H  N N 82  
CYS HA   H  N N 83  
CYS HB2  H  N N 84  
CYS HB3  H  N N 85  
CYS HG   H  N N 86  
CYS HXT  H  N N 87  
GLN N    N  N N 88  
GLN CA   C  N S 89  
GLN C    C  N N 90  
GLN O    O  N N 91  
GLN CB   C  N N 92  
GLN CG   C  N N 93  
GLN CD   C  N N 94  
GLN OE1  O  N N 95  
GLN NE2  N  N N 96  
GLN OXT  O  N N 97  
GLN H    H  N N 98  
GLN H2   H  N N 99  
GLN HA   H  N N 100 
GLN HB2  H  N N 101 
GLN HB3  H  N N 102 
GLN HG2  H  N N 103 
GLN HG3  H  N N 104 
GLN HE21 H  N N 105 
GLN HE22 H  N N 106 
GLN HXT  H  N N 107 
GLU N    N  N N 108 
GLU CA   C  N S 109 
GLU C    C  N N 110 
GLU O    O  N N 111 
GLU CB   C  N N 112 
GLU CG   C  N N 113 
GLU CD   C  N N 114 
GLU OE1  O  N N 115 
GLU OE2  O  N N 116 
GLU OXT  O  N N 117 
GLU H    H  N N 118 
GLU H2   H  N N 119 
GLU HA   H  N N 120 
GLU HB2  H  N N 121 
GLU HB3  H  N N 122 
GLU HG2  H  N N 123 
GLU HG3  H  N N 124 
GLU HE2  H  N N 125 
GLU HXT  H  N N 126 
GLY N    N  N N 127 
GLY CA   C  N N 128 
GLY C    C  N N 129 
GLY O    O  N N 130 
GLY OXT  O  N N 131 
GLY H    H  N N 132 
GLY H2   H  N N 133 
GLY HA2  H  N N 134 
GLY HA3  H  N N 135 
GLY HXT  H  N N 136 
HEC FE   FE N N 137 
HEC CHA  C  N N 138 
HEC CHB  C  N N 139 
HEC CHC  C  N N 140 
HEC CHD  C  N N 141 
HEC NA   N  Y N 142 
HEC C1A  C  Y N 143 
HEC C2A  C  Y N 144 
HEC C3A  C  Y N 145 
HEC C4A  C  Y N 146 
HEC CMA  C  N N 147 
HEC CAA  C  N N 148 
HEC CBA  C  N N 149 
HEC CGA  C  N N 150 
HEC O1A  O  N N 151 
HEC O2A  O  N N 152 
HEC NB   N  Y N 153 
HEC C1B  C  Y N 154 
HEC C2B  C  Y N 155 
HEC C3B  C  Y N 156 
HEC C4B  C  Y N 157 
HEC CMB  C  N N 158 
HEC CAB  C  N N 159 
HEC CBB  C  N N 160 
HEC NC   N  Y N 161 
HEC C1C  C  Y N 162 
HEC C2C  C  Y N 163 
HEC C3C  C  Y N 164 
HEC C4C  C  Y N 165 
HEC CMC  C  N N 166 
HEC CAC  C  N N 167 
HEC CBC  C  N N 168 
HEC ND   N  Y N 169 
HEC C1D  C  Y N 170 
HEC C2D  C  Y N 171 
HEC C3D  C  Y N 172 
HEC C4D  C  Y N 173 
HEC CMD  C  N N 174 
HEC CAD  C  N N 175 
HEC CBD  C  N N 176 
HEC CGD  C  N N 177 
HEC O1D  O  N N 178 
HEC O2D  O  N N 179 
HEC HHA  H  N N 180 
HEC HHB  H  N N 181 
HEC HHC  H  N N 182 
HEC HHD  H  N N 183 
HEC HMA1 H  N N 184 
HEC HMA2 H  N N 185 
HEC HMA3 H  N N 186 
HEC HAA1 H  N N 187 
HEC HAA2 H  N N 188 
HEC HBA1 H  N N 189 
HEC HBA2 H  N N 190 
HEC H2A  H  N N 191 
HEC HMB1 H  N N 192 
HEC HMB2 H  N N 193 
HEC HMB3 H  N N 194 
HEC HAB  H  N N 195 
HEC HBB1 H  N N 196 
HEC HBB2 H  N N 197 
HEC HBB3 H  N N 198 
HEC HMC1 H  N N 199 
HEC HMC2 H  N N 200 
HEC HMC3 H  N N 201 
HEC HAC  H  N N 202 
HEC HBC1 H  N N 203 
HEC HBC2 H  N N 204 
HEC HBC3 H  N N 205 
HEC HMD1 H  N N 206 
HEC HMD2 H  N N 207 
HEC HMD3 H  N N 208 
HEC HAD1 H  N N 209 
HEC HAD2 H  N N 210 
HEC HBD1 H  N N 211 
HEC HBD2 H  N N 212 
HEC H2D  H  N N 213 
HIS N    N  N N 214 
HIS CA   C  N S 215 
HIS C    C  N N 216 
HIS O    O  N N 217 
HIS CB   C  N N 218 
HIS CG   C  Y N 219 
HIS ND1  N  Y N 220 
HIS CD2  C  Y N 221 
HIS CE1  C  Y N 222 
HIS NE2  N  Y N 223 
HIS OXT  O  N N 224 
HIS H    H  N N 225 
HIS H2   H  N N 226 
HIS HA   H  N N 227 
HIS HB2  H  N N 228 
HIS HB3  H  N N 229 
HIS HD1  H  N N 230 
HIS HD2  H  N N 231 
HIS HE1  H  N N 232 
HIS HE2  H  N N 233 
HIS HXT  H  N N 234 
ILE N    N  N N 235 
ILE CA   C  N S 236 
ILE C    C  N N 237 
ILE O    O  N N 238 
ILE CB   C  N S 239 
ILE CG1  C  N N 240 
ILE CG2  C  N N 241 
ILE CD1  C  N N 242 
ILE OXT  O  N N 243 
ILE H    H  N N 244 
ILE H2   H  N N 245 
ILE HA   H  N N 246 
ILE HB   H  N N 247 
ILE HG12 H  N N 248 
ILE HG13 H  N N 249 
ILE HG21 H  N N 250 
ILE HG22 H  N N 251 
ILE HG23 H  N N 252 
ILE HD11 H  N N 253 
ILE HD12 H  N N 254 
ILE HD13 H  N N 255 
ILE HXT  H  N N 256 
LEU N    N  N N 257 
LEU CA   C  N S 258 
LEU C    C  N N 259 
LEU O    O  N N 260 
LEU CB   C  N N 261 
LEU CG   C  N N 262 
LEU CD1  C  N N 263 
LEU CD2  C  N N 264 
LEU OXT  O  N N 265 
LEU H    H  N N 266 
LEU H2   H  N N 267 
LEU HA   H  N N 268 
LEU HB2  H  N N 269 
LEU HB3  H  N N 270 
LEU HG   H  N N 271 
LEU HD11 H  N N 272 
LEU HD12 H  N N 273 
LEU HD13 H  N N 274 
LEU HD21 H  N N 275 
LEU HD22 H  N N 276 
LEU HD23 H  N N 277 
LEU HXT  H  N N 278 
LYS N    N  N N 279 
LYS CA   C  N S 280 
LYS C    C  N N 281 
LYS O    O  N N 282 
LYS CB   C  N N 283 
LYS CG   C  N N 284 
LYS CD   C  N N 285 
LYS CE   C  N N 286 
LYS NZ   N  N N 287 
LYS OXT  O  N N 288 
LYS H    H  N N 289 
LYS H2   H  N N 290 
LYS HA   H  N N 291 
LYS HB2  H  N N 292 
LYS HB3  H  N N 293 
LYS HG2  H  N N 294 
LYS HG3  H  N N 295 
LYS HD2  H  N N 296 
LYS HD3  H  N N 297 
LYS HE2  H  N N 298 
LYS HE3  H  N N 299 
LYS HZ1  H  N N 300 
LYS HZ2  H  N N 301 
LYS HZ3  H  N N 302 
LYS HXT  H  N N 303 
MET N    N  N N 304 
MET CA   C  N S 305 
MET C    C  N N 306 
MET O    O  N N 307 
MET CB   C  N N 308 
MET CG   C  N N 309 
MET SD   S  N N 310 
MET CE   C  N N 311 
MET OXT  O  N N 312 
MET H    H  N N 313 
MET H2   H  N N 314 
MET HA   H  N N 315 
MET HB2  H  N N 316 
MET HB3  H  N N 317 
MET HG2  H  N N 318 
MET HG3  H  N N 319 
MET HE1  H  N N 320 
MET HE2  H  N N 321 
MET HE3  H  N N 322 
MET HXT  H  N N 323 
PHE N    N  N N 324 
PHE CA   C  N S 325 
PHE C    C  N N 326 
PHE O    O  N N 327 
PHE CB   C  N N 328 
PHE CG   C  Y N 329 
PHE CD1  C  Y N 330 
PHE CD2  C  Y N 331 
PHE CE1  C  Y N 332 
PHE CE2  C  Y N 333 
PHE CZ   C  Y N 334 
PHE OXT  O  N N 335 
PHE H    H  N N 336 
PHE H2   H  N N 337 
PHE HA   H  N N 338 
PHE HB2  H  N N 339 
PHE HB3  H  N N 340 
PHE HD1  H  N N 341 
PHE HD2  H  N N 342 
PHE HE1  H  N N 343 
PHE HE2  H  N N 344 
PHE HZ   H  N N 345 
PHE HXT  H  N N 346 
PRO N    N  N N 347 
PRO CA   C  N S 348 
PRO C    C  N N 349 
PRO O    O  N N 350 
PRO CB   C  N N 351 
PRO CG   C  N N 352 
PRO CD   C  N N 353 
PRO OXT  O  N N 354 
PRO H    H  N N 355 
PRO HA   H  N N 356 
PRO HB2  H  N N 357 
PRO HB3  H  N N 358 
PRO HG2  H  N N 359 
PRO HG3  H  N N 360 
PRO HD2  H  N N 361 
PRO HD3  H  N N 362 
PRO HXT  H  N N 363 
SER N    N  N N 364 
SER CA   C  N S 365 
SER C    C  N N 366 
SER O    O  N N 367 
SER CB   C  N N 368 
SER OG   O  N N 369 
SER OXT  O  N N 370 
SER H    H  N N 371 
SER H2   H  N N 372 
SER HA   H  N N 373 
SER HB2  H  N N 374 
SER HB3  H  N N 375 
SER HG   H  N N 376 
SER HXT  H  N N 377 
THR N    N  N N 378 
THR CA   C  N S 379 
THR C    C  N N 380 
THR O    O  N N 381 
THR CB   C  N R 382 
THR OG1  O  N N 383 
THR CG2  C  N N 384 
THR OXT  O  N N 385 
THR H    H  N N 386 
THR H2   H  N N 387 
THR HA   H  N N 388 
THR HB   H  N N 389 
THR HG1  H  N N 390 
THR HG21 H  N N 391 
THR HG22 H  N N 392 
THR HG23 H  N N 393 
THR HXT  H  N N 394 
TRP N    N  N N 395 
TRP CA   C  N S 396 
TRP C    C  N N 397 
TRP O    O  N N 398 
TRP CB   C  N N 399 
TRP CG   C  Y N 400 
TRP CD1  C  Y N 401 
TRP CD2  C  Y N 402 
TRP NE1  N  Y N 403 
TRP CE2  C  Y N 404 
TRP CE3  C  Y N 405 
TRP CZ2  C  Y N 406 
TRP CZ3  C  Y N 407 
TRP CH2  C  Y N 408 
TRP OXT  O  N N 409 
TRP H    H  N N 410 
TRP H2   H  N N 411 
TRP HA   H  N N 412 
TRP HB2  H  N N 413 
TRP HB3  H  N N 414 
TRP HD1  H  N N 415 
TRP HE1  H  N N 416 
TRP HE3  H  N N 417 
TRP HZ2  H  N N 418 
TRP HZ3  H  N N 419 
TRP HH2  H  N N 420 
TRP HXT  H  N N 421 
TYR N    N  N N 422 
TYR CA   C  N S 423 
TYR C    C  N N 424 
TYR O    O  N N 425 
TYR CB   C  N N 426 
TYR CG   C  Y N 427 
TYR CD1  C  Y N 428 
TYR CD2  C  Y N 429 
TYR CE1  C  Y N 430 
TYR CE2  C  Y N 431 
TYR CZ   C  Y N 432 
TYR OH   O  N N 433 
TYR OXT  O  N N 434 
TYR H    H  N N 435 
TYR H2   H  N N 436 
TYR HA   H  N N 437 
TYR HB2  H  N N 438 
TYR HB3  H  N N 439 
TYR HD1  H  N N 440 
TYR HD2  H  N N 441 
TYR HE1  H  N N 442 
TYR HE2  H  N N 443 
TYR HH   H  N N 444 
TYR HXT  H  N N 445 
VAL N    N  N N 446 
VAL CA   C  N S 447 
VAL C    C  N N 448 
VAL O    O  N N 449 
VAL CB   C  N N 450 
VAL CG1  C  N N 451 
VAL CG2  C  N N 452 
VAL OXT  O  N N 453 
VAL H    H  N N 454 
VAL H2   H  N N 455 
VAL HA   H  N N 456 
VAL HB   H  N N 457 
VAL HG11 H  N N 458 
VAL HG12 H  N N 459 
VAL HG13 H  N N 460 
VAL HG21 H  N N 461 
VAL HG22 H  N N 462 
VAL HG23 H  N N 463 
VAL HXT  H  N N 464 
# 
loop_
_chem_comp_bond.comp_id 
_chem_comp_bond.atom_id_1 
_chem_comp_bond.atom_id_2 
_chem_comp_bond.value_order 
_chem_comp_bond.pdbx_aromatic_flag 
_chem_comp_bond.pdbx_stereo_config 
_chem_comp_bond.pdbx_ordinal 
ALA N   CA   sing N N 1   
ALA N   H    sing N N 2   
ALA N   H2   sing N N 3   
ALA CA  C    sing N N 4   
ALA CA  CB   sing N N 5   
ALA CA  HA   sing N N 6   
ALA C   O    doub N N 7   
ALA C   OXT  sing N N 8   
ALA CB  HB1  sing N N 9   
ALA CB  HB2  sing N N 10  
ALA CB  HB3  sing N N 11  
ALA OXT HXT  sing N N 12  
ARG N   CA   sing N N 13  
ARG N   H    sing N N 14  
ARG N   H2   sing N N 15  
ARG CA  C    sing N N 16  
ARG CA  CB   sing N N 17  
ARG CA  HA   sing N N 18  
ARG C   O    doub N N 19  
ARG C   OXT  sing N N 20  
ARG CB  CG   sing N N 21  
ARG CB  HB2  sing N N 22  
ARG CB  HB3  sing N N 23  
ARG CG  CD   sing N N 24  
ARG CG  HG2  sing N N 25  
ARG CG  HG3  sing N N 26  
ARG CD  NE   sing N N 27  
ARG CD  HD2  sing N N 28  
ARG CD  HD3  sing N N 29  
ARG NE  CZ   sing N N 30  
ARG NE  HE   sing N N 31  
ARG CZ  NH1  sing N N 32  
ARG CZ  NH2  doub N N 33  
ARG NH1 HH11 sing N N 34  
ARG NH1 HH12 sing N N 35  
ARG NH2 HH21 sing N N 36  
ARG NH2 HH22 sing N N 37  
ARG OXT HXT  sing N N 38  
ASN N   CA   sing N N 39  
ASN N   H    sing N N 40  
ASN N   H2   sing N N 41  
ASN CA  C    sing N N 42  
ASN CA  CB   sing N N 43  
ASN CA  HA   sing N N 44  
ASN C   O    doub N N 45  
ASN C   OXT  sing N N 46  
ASN CB  CG   sing N N 47  
ASN CB  HB2  sing N N 48  
ASN CB  HB3  sing N N 49  
ASN CG  OD1  doub N N 50  
ASN CG  ND2  sing N N 51  
ASN ND2 HD21 sing N N 52  
ASN ND2 HD22 sing N N 53  
ASN OXT HXT  sing N N 54  
ASP N   CA   sing N N 55  
ASP N   H    sing N N 56  
ASP N   H2   sing N N 57  
ASP CA  C    sing N N 58  
ASP CA  CB   sing N N 59  
ASP CA  HA   sing N N 60  
ASP C   O    doub N N 61  
ASP C   OXT  sing N N 62  
ASP CB  CG   sing N N 63  
ASP CB  HB2  sing N N 64  
ASP CB  HB3  sing N N 65  
ASP CG  OD1  doub N N 66  
ASP CG  OD2  sing N N 67  
ASP OD2 HD2  sing N N 68  
ASP OXT HXT  sing N N 69  
CYS N   CA   sing N N 70  
CYS N   H    sing N N 71  
CYS N   H2   sing N N 72  
CYS CA  C    sing N N 73  
CYS CA  CB   sing N N 74  
CYS CA  HA   sing N N 75  
CYS C   O    doub N N 76  
CYS C   OXT  sing N N 77  
CYS CB  SG   sing N N 78  
CYS CB  HB2  sing N N 79  
CYS CB  HB3  sing N N 80  
CYS SG  HG   sing N N 81  
CYS OXT HXT  sing N N 82  
GLN N   CA   sing N N 83  
GLN N   H    sing N N 84  
GLN N   H2   sing N N 85  
GLN CA  C    sing N N 86  
GLN CA  CB   sing N N 87  
GLN CA  HA   sing N N 88  
GLN C   O    doub N N 89  
GLN C   OXT  sing N N 90  
GLN CB  CG   sing N N 91  
GLN CB  HB2  sing N N 92  
GLN CB  HB3  sing N N 93  
GLN CG  CD   sing N N 94  
GLN CG  HG2  sing N N 95  
GLN CG  HG3  sing N N 96  
GLN CD  OE1  doub N N 97  
GLN CD  NE2  sing N N 98  
GLN NE2 HE21 sing N N 99  
GLN NE2 HE22 sing N N 100 
GLN OXT HXT  sing N N 101 
GLU N   CA   sing N N 102 
GLU N   H    sing N N 103 
GLU N   H2   sing N N 104 
GLU CA  C    sing N N 105 
GLU CA  CB   sing N N 106 
GLU CA  HA   sing N N 107 
GLU C   O    doub N N 108 
GLU C   OXT  sing N N 109 
GLU CB  CG   sing N N 110 
GLU CB  HB2  sing N N 111 
GLU CB  HB3  sing N N 112 
GLU CG  CD   sing N N 113 
GLU CG  HG2  sing N N 114 
GLU CG  HG3  sing N N 115 
GLU CD  OE1  doub N N 116 
GLU CD  OE2  sing N N 117 
GLU OE2 HE2  sing N N 118 
GLU OXT HXT  sing N N 119 
GLY N   CA   sing N N 120 
GLY N   H    sing N N 121 
GLY N   H2   sing N N 122 
GLY CA  C    sing N N 123 
GLY CA  HA2  sing N N 124 
GLY CA  HA3  sing N N 125 
GLY C   O    doub N N 126 
GLY C   OXT  sing N N 127 
GLY OXT HXT  sing N N 128 
HEC FE  NA   sing N N 129 
HEC FE  NB   sing N N 130 
HEC FE  NC   sing N N 131 
HEC FE  ND   sing N N 132 
HEC CHA C1A  doub N N 133 
HEC CHA C4D  sing N N 134 
HEC CHA HHA  sing N N 135 
HEC CHB C4A  doub N N 136 
HEC CHB C1B  sing N N 137 
HEC CHB HHB  sing N N 138 
HEC CHC C4B  doub N N 139 
HEC CHC C1C  sing N N 140 
HEC CHC HHC  sing N N 141 
HEC CHD C4C  doub N N 142 
HEC CHD C1D  sing N N 143 
HEC CHD HHD  sing N N 144 
HEC NA  C1A  sing Y N 145 
HEC NA  C4A  sing Y N 146 
HEC C1A C2A  sing Y N 147 
HEC C2A C3A  doub Y N 148 
HEC C2A CAA  sing N N 149 
HEC C3A C4A  sing Y N 150 
HEC C3A CMA  sing N N 151 
HEC CMA HMA1 sing N N 152 
HEC CMA HMA2 sing N N 153 
HEC CMA HMA3 sing N N 154 
HEC CAA CBA  sing N N 155 
HEC CAA HAA1 sing N N 156 
HEC CAA HAA2 sing N N 157 
HEC CBA CGA  sing N N 158 
HEC CBA HBA1 sing N N 159 
HEC CBA HBA2 sing N N 160 
HEC CGA O1A  doub N N 161 
HEC CGA O2A  sing N N 162 
HEC O2A H2A  sing N N 163 
HEC NB  C1B  sing Y N 164 
HEC NB  C4B  sing Y N 165 
HEC C1B C2B  doub Y N 166 
HEC C2B C3B  sing Y N 167 
HEC C2B CMB  sing N N 168 
HEC C3B C4B  sing Y N 169 
HEC C3B CAB  doub N E 170 
HEC CMB HMB1 sing N N 171 
HEC CMB HMB2 sing N N 172 
HEC CMB HMB3 sing N N 173 
HEC CAB CBB  sing N N 174 
HEC CAB HAB  sing N N 175 
HEC CBB HBB1 sing N N 176 
HEC CBB HBB2 sing N N 177 
HEC CBB HBB3 sing N N 178 
HEC NC  C1C  sing Y N 179 
HEC NC  C4C  sing Y N 180 
HEC C1C C2C  doub Y N 181 
HEC C2C C3C  sing Y N 182 
HEC C2C CMC  sing N N 183 
HEC C3C C4C  sing Y N 184 
HEC C3C CAC  doub N E 185 
HEC CMC HMC1 sing N N 186 
HEC CMC HMC2 sing N N 187 
HEC CMC HMC3 sing N N 188 
HEC CAC CBC  sing N N 189 
HEC CAC HAC  sing N N 190 
HEC CBC HBC1 sing N N 191 
HEC CBC HBC2 sing N N 192 
HEC CBC HBC3 sing N N 193 
HEC ND  C1D  sing Y N 194 
HEC ND  C4D  sing Y N 195 
HEC C1D C2D  doub Y N 196 
HEC C2D C3D  sing Y N 197 
HEC C2D CMD  sing N N 198 
HEC C3D C4D  doub Y N 199 
HEC C3D CAD  sing N N 200 
HEC CMD HMD1 sing N N 201 
HEC CMD HMD2 sing N N 202 
HEC CMD HMD3 sing N N 203 
HEC CAD CBD  sing N N 204 
HEC CAD HAD1 sing N N 205 
HEC CAD HAD2 sing N N 206 
HEC CBD CGD  sing N N 207 
HEC CBD HBD1 sing N N 208 
HEC CBD HBD2 sing N N 209 
HEC CGD O1D  doub N N 210 
HEC CGD O2D  sing N N 211 
HEC O2D H2D  sing N N 212 
HIS N   CA   sing N N 213 
HIS N   H    sing N N 214 
HIS N   H2   sing N N 215 
HIS CA  C    sing N N 216 
HIS CA  CB   sing N N 217 
HIS CA  HA   sing N N 218 
HIS C   O    doub N N 219 
HIS C   OXT  sing N N 220 
HIS CB  CG   sing N N 221 
HIS CB  HB2  sing N N 222 
HIS CB  HB3  sing N N 223 
HIS CG  ND1  sing Y N 224 
HIS CG  CD2  doub Y N 225 
HIS ND1 CE1  doub Y N 226 
HIS ND1 HD1  sing N N 227 
HIS CD2 NE2  sing Y N 228 
HIS CD2 HD2  sing N N 229 
HIS CE1 NE2  sing Y N 230 
HIS CE1 HE1  sing N N 231 
HIS NE2 HE2  sing N N 232 
HIS OXT HXT  sing N N 233 
ILE N   CA   sing N N 234 
ILE N   H    sing N N 235 
ILE N   H2   sing N N 236 
ILE CA  C    sing N N 237 
ILE CA  CB   sing N N 238 
ILE CA  HA   sing N N 239 
ILE C   O    doub N N 240 
ILE C   OXT  sing N N 241 
ILE CB  CG1  sing N N 242 
ILE CB  CG2  sing N N 243 
ILE CB  HB   sing N N 244 
ILE CG1 CD1  sing N N 245 
ILE CG1 HG12 sing N N 246 
ILE CG1 HG13 sing N N 247 
ILE CG2 HG21 sing N N 248 
ILE CG2 HG22 sing N N 249 
ILE CG2 HG23 sing N N 250 
ILE CD1 HD11 sing N N 251 
ILE CD1 HD12 sing N N 252 
ILE CD1 HD13 sing N N 253 
ILE OXT HXT  sing N N 254 
LEU N   CA   sing N N 255 
LEU N   H    sing N N 256 
LEU N   H2   sing N N 257 
LEU CA  C    sing N N 258 
LEU CA  CB   sing N N 259 
LEU CA  HA   sing N N 260 
LEU C   O    doub N N 261 
LEU C   OXT  sing N N 262 
LEU CB  CG   sing N N 263 
LEU CB  HB2  sing N N 264 
LEU CB  HB3  sing N N 265 
LEU CG  CD1  sing N N 266 
LEU CG  CD2  sing N N 267 
LEU CG  HG   sing N N 268 
LEU CD1 HD11 sing N N 269 
LEU CD1 HD12 sing N N 270 
LEU CD1 HD13 sing N N 271 
LEU CD2 HD21 sing N N 272 
LEU CD2 HD22 sing N N 273 
LEU CD2 HD23 sing N N 274 
LEU OXT HXT  sing N N 275 
LYS N   CA   sing N N 276 
LYS N   H    sing N N 277 
LYS N   H2   sing N N 278 
LYS CA  C    sing N N 279 
LYS CA  CB   sing N N 280 
LYS CA  HA   sing N N 281 
LYS C   O    doub N N 282 
LYS C   OXT  sing N N 283 
LYS CB  CG   sing N N 284 
LYS CB  HB2  sing N N 285 
LYS CB  HB3  sing N N 286 
LYS CG  CD   sing N N 287 
LYS CG  HG2  sing N N 288 
LYS CG  HG3  sing N N 289 
LYS CD  CE   sing N N 290 
LYS CD  HD2  sing N N 291 
LYS CD  HD3  sing N N 292 
LYS CE  NZ   sing N N 293 
LYS CE  HE2  sing N N 294 
LYS CE  HE3  sing N N 295 
LYS NZ  HZ1  sing N N 296 
LYS NZ  HZ2  sing N N 297 
LYS NZ  HZ3  sing N N 298 
LYS OXT HXT  sing N N 299 
MET N   CA   sing N N 300 
MET N   H    sing N N 301 
MET N   H2   sing N N 302 
MET CA  C    sing N N 303 
MET CA  CB   sing N N 304 
MET CA  HA   sing N N 305 
MET C   O    doub N N 306 
MET C   OXT  sing N N 307 
MET CB  CG   sing N N 308 
MET CB  HB2  sing N N 309 
MET CB  HB3  sing N N 310 
MET CG  SD   sing N N 311 
MET CG  HG2  sing N N 312 
MET CG  HG3  sing N N 313 
MET SD  CE   sing N N 314 
MET CE  HE1  sing N N 315 
MET CE  HE2  sing N N 316 
MET CE  HE3  sing N N 317 
MET OXT HXT  sing N N 318 
PHE N   CA   sing N N 319 
PHE N   H    sing N N 320 
PHE N   H2   sing N N 321 
PHE CA  C    sing N N 322 
PHE CA  CB   sing N N 323 
PHE CA  HA   sing N N 324 
PHE C   O    doub N N 325 
PHE C   OXT  sing N N 326 
PHE CB  CG   sing N N 327 
PHE CB  HB2  sing N N 328 
PHE CB  HB3  sing N N 329 
PHE CG  CD1  doub Y N 330 
PHE CG  CD2  sing Y N 331 
PHE CD1 CE1  sing Y N 332 
PHE CD1 HD1  sing N N 333 
PHE CD2 CE2  doub Y N 334 
PHE CD2 HD2  sing N N 335 
PHE CE1 CZ   doub Y N 336 
PHE CE1 HE1  sing N N 337 
PHE CE2 CZ   sing Y N 338 
PHE CE2 HE2  sing N N 339 
PHE CZ  HZ   sing N N 340 
PHE OXT HXT  sing N N 341 
PRO N   CA   sing N N 342 
PRO N   CD   sing N N 343 
PRO N   H    sing N N 344 
PRO CA  C    sing N N 345 
PRO CA  CB   sing N N 346 
PRO CA  HA   sing N N 347 
PRO C   O    doub N N 348 
PRO C   OXT  sing N N 349 
PRO CB  CG   sing N N 350 
PRO CB  HB2  sing N N 351 
PRO CB  HB3  sing N N 352 
PRO CG  CD   sing N N 353 
PRO CG  HG2  sing N N 354 
PRO CG  HG3  sing N N 355 
PRO CD  HD2  sing N N 356 
PRO CD  HD3  sing N N 357 
PRO OXT HXT  sing N N 358 
SER N   CA   sing N N 359 
SER N   H    sing N N 360 
SER N   H2   sing N N 361 
SER CA  C    sing N N 362 
SER CA  CB   sing N N 363 
SER CA  HA   sing N N 364 
SER C   O    doub N N 365 
SER C   OXT  sing N N 366 
SER CB  OG   sing N N 367 
SER CB  HB2  sing N N 368 
SER CB  HB3  sing N N 369 
SER OG  HG   sing N N 370 
SER OXT HXT  sing N N 371 
THR N   CA   sing N N 372 
THR N   H    sing N N 373 
THR N   H2   sing N N 374 
THR CA  C    sing N N 375 
THR CA  CB   sing N N 376 
THR CA  HA   sing N N 377 
THR C   O    doub N N 378 
THR C   OXT  sing N N 379 
THR CB  OG1  sing N N 380 
THR CB  CG2  sing N N 381 
THR CB  HB   sing N N 382 
THR OG1 HG1  sing N N 383 
THR CG2 HG21 sing N N 384 
THR CG2 HG22 sing N N 385 
THR CG2 HG23 sing N N 386 
THR OXT HXT  sing N N 387 
TRP N   CA   sing N N 388 
TRP N   H    sing N N 389 
TRP N   H2   sing N N 390 
TRP CA  C    sing N N 391 
TRP CA  CB   sing N N 392 
TRP CA  HA   sing N N 393 
TRP C   O    doub N N 394 
TRP C   OXT  sing N N 395 
TRP CB  CG   sing N N 396 
TRP CB  HB2  sing N N 397 
TRP CB  HB3  sing N N 398 
TRP CG  CD1  doub Y N 399 
TRP CG  CD2  sing Y N 400 
TRP CD1 NE1  sing Y N 401 
TRP CD1 HD1  sing N N 402 
TRP CD2 CE2  doub Y N 403 
TRP CD2 CE3  sing Y N 404 
TRP NE1 CE2  sing Y N 405 
TRP NE1 HE1  sing N N 406 
TRP CE2 CZ2  sing Y N 407 
TRP CE3 CZ3  doub Y N 408 
TRP CE3 HE3  sing N N 409 
TRP CZ2 CH2  doub Y N 410 
TRP CZ2 HZ2  sing N N 411 
TRP CZ3 CH2  sing Y N 412 
TRP CZ3 HZ3  sing N N 413 
TRP CH2 HH2  sing N N 414 
TRP OXT HXT  sing N N 415 
TYR N   CA   sing N N 416 
TYR N   H    sing N N 417 
TYR N   H2   sing N N 418 
TYR CA  C    sing N N 419 
TYR CA  CB   sing N N 420 
TYR CA  HA   sing N N 421 
TYR C   O    doub N N 422 
TYR C   OXT  sing N N 423 
TYR CB  CG   sing N N 424 
TYR CB  HB2  sing N N 425 
TYR CB  HB3  sing N N 426 
TYR CG  CD1  doub Y N 427 
TYR CG  CD2  sing Y N 428 
TYR CD1 CE1  sing Y N 429 
TYR CD1 HD1  sing N N 430 
TYR CD2 CE2  doub Y N 431 
TYR CD2 HD2  sing N N 432 
TYR CE1 CZ   doub Y N 433 
TYR CE1 HE1  sing N N 434 
TYR CE2 CZ   sing Y N 435 
TYR CE2 HE2  sing N N 436 
TYR CZ  OH   sing N N 437 
TYR OH  HH   sing N N 438 
TYR OXT HXT  sing N N 439 
VAL N   CA   sing N N 440 
VAL N   H    sing N N 441 
VAL N   H2   sing N N 442 
VAL CA  C    sing N N 443 
VAL CA  CB   sing N N 444 
VAL CA  HA   sing N N 445 
VAL C   O    doub N N 446 
VAL C   OXT  sing N N 447 
VAL CB  CG1  sing N N 448 
VAL CB  CG2  sing N N 449 
VAL CB  HB   sing N N 450 
VAL CG1 HG11 sing N N 451 
VAL CG1 HG12 sing N N 452 
VAL CG1 HG13 sing N N 453 
VAL CG2 HG21 sing N N 454 
VAL CG2 HG22 sing N N 455 
VAL CG2 HG23 sing N N 456 
VAL OXT HXT  sing N N 457 
# 
_pdbx_audit_support.funding_organization   
'National Institutes of Health/National Institute of General Medical Sciences (NIH/NIGMS)' 
_pdbx_audit_support.country                'United States' 
_pdbx_audit_support.grant_number           ? 
_pdbx_audit_support.ordinal                1 
# 
_space_group.name_H-M_alt     'P 62 2 2' 
_space_group.name_Hall        'P 62 2 (x,y,z+1/3)' 
_space_group.IT_number        180 
_space_group.crystal_system   hexagonal 
_space_group.id               1 
# 
_atom_sites.entry_id                    6ONQ 
_atom_sites.fract_transf_matrix[1][1]   -0.01130887 
_atom_sites.fract_transf_matrix[1][2]   -0.00083140 
_atom_sites.fract_transf_matrix[1][3]   -0.00407126 
_atom_sites.fract_transf_matrix[2][1]   -0.00915889 
_atom_sites.fract_transf_matrix[2][2]   0.00381398 
_atom_sites.fract_transf_matrix[2][3]   0.00683539 
_atom_sites.fract_transf_matrix[3][1]   0.00097391 
_atom_sites.fract_transf_matrix[3][2]   0.01133592 
_atom_sites.fract_transf_matrix[3][3]   -0.00502021 
_atom_sites.fract_transf_vector[1]      0.847306 
_atom_sites.fract_transf_vector[2]      0.338028 
_atom_sites.fract_transf_vector[3]      0.003610 
# 
loop_
_atom_type.symbol 
_atom_type.scat_dispersion_real 
_atom_type.scat_dispersion_imag 
_atom_type.scat_Cromer_Mann_a1 
_atom_type.scat_Cromer_Mann_a2 
_atom_type.scat_Cromer_Mann_a3 
_atom_type.scat_Cromer_Mann_a4 
_atom_type.scat_Cromer_Mann_b1 
_atom_type.scat_Cromer_Mann_b2 
_atom_type.scat_Cromer_Mann_b3 
_atom_type.scat_Cromer_Mann_b4 
_atom_type.scat_Cromer_Mann_c 
_atom_type.scat_source 
_atom_type.scat_dispersion_source 
C  ? ? 3.54356  2.42580 ? ? 25.62398 1.50364  ? ? 0.0 
;2-Gaussian fit: Grosse-Kunstleve RW, Sauter NK, Adams PD: Newsletter of the IUCr Commission on Crystallographic Computing 2004, 3, 22-31.
;
? 
FE ? ? 20.90327 4.99816 ? ? 2.55100  38.46870 ? ? 0.0 
;2-Gaussian fit: Grosse-Kunstleve RW, Sauter NK, Adams PD: Newsletter of the IUCr Commission on Crystallographic Computing 2004, 3, 22-31.
;
? 
N  ? ? 4.01032  2.96436 ? ? 19.97189 1.75589  ? ? 0.0 
;2-Gaussian fit: Grosse-Kunstleve RW, Sauter NK, Adams PD: Newsletter of the IUCr Commission on Crystallographic Computing 2004, 3, 22-31.
;
? 
O  ? ? 7.96527  ?       ? ? 9.05267  ?        ? ? 0.0 
;1-Gaussian fit: Grosse-Kunstleve RW, Sauter NK, Adams PD: Newsletter of the IUCr Commission on Crystallographic Computing 2004, 3, 22-31.
;
? 
S  ? ? 9.55732  6.39887 ? ? 1.23737  29.19336 ? ? 0.0 
;2-Gaussian fit: Grosse-Kunstleve RW, Sauter NK, Adams PD: Newsletter of the IUCr Commission on Crystallographic Computing 2004, 3, 22-31.
;
? 
# 
loop_
_atom_site.group_PDB 
_atom_site.id 
_atom_site.type_symbol 
_atom_site.label_atom_id 
_atom_site.label_alt_id 
_atom_site.label_comp_id 
_atom_site.label_asym_id 
_atom_site.label_entity_id 
_atom_site.label_seq_id 
_atom_site.pdbx_PDB_ins_code 
_atom_site.Cartn_x 
_atom_site.Cartn_y 
_atom_site.Cartn_z 
_atom_site.occupancy 
_atom_site.B_iso_or_equiv 
_atom_site.pdbx_formal_charge 
_atom_site.auth_seq_id 
_atom_site.auth_comp_id 
_atom_site.auth_asym_id 
_atom_site.auth_atom_id 
_atom_site.pdbx_PDB_model_num 
ATOM   1    N  N   . PRO A 1 31  ? -3.90550  -6.38699  -20.68688 1.000 79.59632  ? 31  PRO A N   1 
ATOM   2    C  CA  . PRO A 1 31  ? -2.63572  -7.06149  -20.96991 1.000 96.25066  ? 31  PRO A CA  1 
ATOM   3    C  C   . PRO A 1 31  ? -1.96784  -7.61201  -19.71121 1.000 84.83877  ? 31  PRO A C   1 
ATOM   4    O  O   . PRO A 1 31  ? -2.64504  -8.22316  -18.87485 1.000 69.73254  ? 31  PRO A O   1 
ATOM   5    C  CB  . PRO A 1 31  ? -1.78431  -5.94936  -21.59487 1.000 105.40167 ? 31  PRO A CB  1 
ATOM   6    C  CG  . PRO A 1 31  ? -2.38911  -4.64350  -21.08858 1.000 69.35156  ? 31  PRO A CG  1 
ATOM   7    C  CD  . PRO A 1 31  ? -3.71514  -4.95047  -20.42318 1.000 66.29021  ? 31  PRO A CD  1 
ATOM   8    N  N   . GLU A 1 32  ? -0.65380  -7.39712  -19.59005 1.000 81.55469  ? 32  GLU A N   1 
ATOM   9    C  CA  . GLU A 1 32  ? 0.06638   -7.78976  -18.38474 1.000 84.24381  ? 32  GLU A CA  1 
ATOM   10   C  C   . GLU A 1 32  ? -0.14301  -6.80485  -17.23993 1.000 86.05894  ? 32  GLU A C   1 
ATOM   11   O  O   . GLU A 1 32  ? 0.25140   -7.10143  -16.10398 1.000 75.44064  ? 32  GLU A O   1 
ATOM   12   C  CB  . GLU A 1 32  ? 1.56499   -7.93991  -18.68073 1.000 78.10451  ? 32  GLU A CB  1 
ATOM   13   C  CG  . GLU A 1 32  ? 1.94501   -9.26015  -19.36171 1.000 89.30344  ? 32  GLU A CG  1 
ATOM   14   C  CD  . GLU A 1 32  ? 1.24304   -10.46176 -18.74660 1.000 112.41642 ? 32  GLU A CD  1 
ATOM   15   O  OE1 . GLU A 1 32  ? 0.48958   -11.14799 -19.47714 1.000 97.99181  ? 32  GLU A OE1 1 
ATOM   16   O  OE2 . GLU A 1 32  ? 1.45528   -10.72524 -17.53884 1.000 119.32038 ? 32  GLU A OE2 1 
ATOM   17   N  N   . LEU A 1 33  ? -0.73762  -5.63817  -17.51602 1.000 77.32595  ? 33  LEU A N   1 
ATOM   18   C  CA  . LEU A 1 33  ? -1.09893  -4.70130  -16.45851 1.000 45.65289  ? 33  LEU A CA  1 
ATOM   19   C  C   . LEU A 1 33  ? -2.27736  -5.19126  -15.62480 1.000 54.61568  ? 33  LEU A C   1 
ATOM   20   O  O   . LEU A 1 33  ? -2.46017  -4.72229  -14.49554 1.000 69.11658  ? 33  LEU A O   1 
ATOM   21   C  CB  . LEU A 1 33  ? -1.43874  -3.33648  -17.05430 1.000 38.09118  ? 33  LEU A CB  1 
ATOM   22   C  CG  . LEU A 1 33  ? -0.34552  -2.56592  -17.79928 1.000 52.18155  ? 33  LEU A CG  1 
ATOM   23   C  CD1 . LEU A 1 33  ? -0.94749  -1.37974  -18.54725 1.000 48.81231  ? 33  LEU A CD1 1 
ATOM   24   C  CD2 . LEU A 1 33  ? 0.74493   -2.10162  -16.84476 1.000 59.68474  ? 33  LEU A CD2 1 
ATOM   25   N  N   . ALA A 1 34  ? -3.08190  -6.10738  -16.15448 1.000 45.98344  ? 34  ALA A N   1 
ATOM   26   C  CA  . ALA A 1 34  ? -4.27137  -6.56437  -15.45450 1.000 41.03245  ? 34  ALA A CA  1 
ATOM   27   C  C   . ALA A 1 34  ? -3.90555  -7.41816  -14.24677 1.000 41.00942  ? 34  ALA A C   1 
ATOM   28   O  O   . ALA A 1 34  ? -2.85212  -8.05566  -14.20099 1.000 50.59510  ? 34  ALA A O   1 
ATOM   29   C  CB  . ALA A 1 34  ? -5.16528  -7.36338  -16.39692 1.000 46.98835  ? 34  ALA A CB  1 
ATOM   30   N  N   . ASN A 1 35  ? -4.79003  -7.41363  -13.25727 1.000 47.69113  ? 35  ASN A N   1 
ATOM   31   C  CA  . ASN A 1 35  ? -4.66757  -8.26201  -12.08570 1.000 33.46737  ? 35  ASN A CA  1 
ATOM   32   C  C   . ASN A 1 35  ? -5.27669  -9.63431  -12.35947 1.000 42.39132  ? 35  ASN A C   1 
ATOM   33   O  O   . ASN A 1 35  ? -6.03128  -9.83378  -13.31398 1.000 41.14046  ? 35  ASN A O   1 
ATOM   34   C  CB  . ASN A 1 35  ? -5.36179  -7.62416  -10.87964 1.000 35.47218  ? 35  ASN A CB  1 
ATOM   35   C  CG  . ASN A 1 35  ? -4.62087  -6.41886  -10.33629 1.000 35.45989  ? 35  ASN A CG  1 
ATOM   36   O  OD1 . ASN A 1 35  ? -3.39227  -6.41442  -10.24469 1.000 29.95093  ? 35  ASN A OD1 1 
ATOM   37   N  ND2 . ASN A 1 35  ? -5.37244  -5.38763  -9.95727  1.000 28.01616  ? 35  ASN A ND2 1 
ATOM   38   N  N   . LYS A 1 36  ? -4.93649  -10.58852 -11.49275 1.000 48.68143  ? 36  LYS A N   1 
ATOM   39   C  CA  . LYS A 1 36  ? -5.56717  -11.90748 -11.47676 1.000 47.60933  ? 36  LYS A CA  1 
ATOM   40   C  C   . LYS A 1 36  ? -5.60456  -12.32120 -10.01096 1.000 45.59712  ? 36  LYS A C   1 
ATOM   41   O  O   . LYS A 1 36  ? -4.60211  -12.81169 -9.48476  1.000 59.79907  ? 36  LYS A O   1 
ATOM   42   C  CB  . LYS A 1 36  ? -4.80111  -12.92031 -12.32256 1.000 53.44506  ? 36  LYS A CB  1 
ATOM   43   C  CG  . LYS A 1 36  ? -4.86630  -12.70746 -13.83139 1.000 47.47565  ? 36  LYS A CG  1 
ATOM   44   C  CD  . LYS A 1 36  ? -3.63503  -11.96112 -14.33845 1.000 56.02113  ? 36  LYS A CD  1 
ATOM   45   C  CE  . LYS A 1 36  ? -3.84283  -11.44374 -15.76272 1.000 66.62509  ? 36  LYS A CE  1 
ATOM   46   N  NZ  . LYS A 1 36  ? -2.70867  -10.59061 -16.24058 1.000 60.82411  ? 36  LYS A NZ  1 
ATOM   47   N  N   . LEU A 1 37  ? -6.74119  -12.10900 -9.35654  1.000 41.87611  ? 37  LEU A N   1 
ATOM   48   C  CA  . LEU A 1 37  ? -6.81893  -12.29116 -7.91750  1.000 43.93347  ? 37  LEU A CA  1 
ATOM   49   C  C   . LEU A 1 37  ? -7.47041  -13.62090 -7.55796  1.000 60.97115  ? 37  LEU A C   1 
ATOM   50   O  O   . LEU A 1 37  ? -7.88880  -14.40391 -8.41508  1.000 54.77709  ? 37  LEU A O   1 
ATOM   51   C  CB  . LEU A 1 37  ? -7.58912  -11.14670 -7.25736  1.000 46.55687  ? 37  LEU A CB  1 
ATOM   52   C  CG  . LEU A 1 37  ? -7.43362  -9.71630  -7.75604  1.000 34.27038  ? 37  LEU A CG  1 
ATOM   53   C  CD1 . LEU A 1 37  ? -8.55422  -8.87275  -7.18162  1.000 53.69143  ? 37  LEU A CD1 1 
ATOM   54   C  CD2 . LEU A 1 37  ? -6.09344  -9.14939  -7.36066  1.000 29.58168  ? 37  LEU A CD2 1 
ATOM   55   N  N   . ASP A 1 38  ? -7.55159  -13.85869 -6.25259  1.000 61.34182  ? 38  ASP A N   1 
ATOM   56   C  CA  . ASP A 1 38  ? -8.24511  -14.99062 -5.66747  1.000 63.71987  ? 38  ASP A CA  1 
ATOM   57   C  C   . ASP A 1 38  ? -9.68374  -15.05554 -6.18260  1.000 77.77987  ? 38  ASP A C   1 
ATOM   58   O  O   . ASP A 1 38  ? -10.45546 -14.10984 -5.96091  1.000 69.88446  ? 38  ASP A O   1 
ATOM   59   C  CB  . ASP A 1 38  ? -8.23115  -14.84282 -4.14586  1.000 69.47958  ? 38  ASP A CB  1 
ATOM   60   C  CG  . ASP A 1 38  ? -8.28288  -16.17193 -3.42008  1.000 81.56540  ? 38  ASP A CG  1 
ATOM   61   O  OD1 . ASP A 1 38  ? -8.70030  -17.17551 -4.03816  1.000 86.78717  ? 38  ASP A OD1 1 
ATOM   62   O  OD2 . ASP A 1 38  ? -7.91169  -16.20603 -2.22387  1.000 56.00068  ? 38  ASP A OD2 1 
ATOM   63   N  N   . PRO A 1 39  ? -10.07596 -16.12423 -6.88476  1.000 87.95570  ? 39  PRO A N   1 
ATOM   64   C  CA  . PRO A 1 39  ? -11.50249 -16.29552 -7.20483  1.000 77.78205  ? 39  PRO A CA  1 
ATOM   65   C  C   . PRO A 1 39  ? -12.35092 -16.53280 -5.97016  1.000 69.72616  ? 39  PRO A C   1 
ATOM   66   O  O   . PRO A 1 39  ? -13.55653 -16.25519 -5.99894  1.000 61.25289  ? 39  PRO A O   1 
ATOM   67   C  CB  . PRO A 1 39  ? -11.51718 -17.51357 -8.14219  1.000 70.59486  ? 39  PRO A CB  1 
ATOM   68   C  CG  . PRO A 1 39  ? -10.09653 -17.66366 -8.61309  1.000 60.52061  ? 39  PRO A CG  1 
ATOM   69   C  CD  . PRO A 1 39  ? -9.24958  -17.18943 -7.47287  1.000 69.79546  ? 39  PRO A CD  1 
ATOM   70   N  N   . ASN A 1 40  ? -11.76032 -17.03743 -4.89320  1.000 66.48905  ? 40  ASN A N   1 
ATOM   71   C  CA  . ASN A 1 40  ? -12.42374 -17.12383 -3.59268  1.000 88.74628  ? 40  ASN A CA  1 
ATOM   72   C  C   . ASN A 1 40  ? -12.02944 -15.94637 -2.70625  1.000 86.47720  ? 40  ASN A C   1 
ATOM   73   O  O   . ASN A 1 40  ? -11.70681 -16.10185 -1.52660  1.000 83.72952  ? 40  ASN A O   1 
ATOM   74   C  CB  . ASN A 1 40  ? -12.10104 -18.45465 -2.91886  1.000 102.68614 ? 40  ASN A CB  1 
ATOM   75   C  CG  . ASN A 1 40  ? -13.15861 -18.86975 -1.90049  1.000 99.50572  ? 40  ASN A CG  1 
ATOM   76   O  OD1 . ASN A 1 40  ? -13.63560 -18.05283 -1.10919  1.000 90.26755  ? 40  ASN A OD1 1 
ATOM   77   N  ND2 . ASN A 1 40  ? -13.52987 -20.14545 -1.92120  1.000 80.87848  ? 40  ASN A ND2 1 
ATOM   78   N  N   . ALA A 1 41  ? -12.03074 -14.74681 -3.28336  1.000 78.22712  ? 41  ALA A N   1 
ATOM   79   C  CA  . ALA A 1 41  ? -11.83434 -13.51162 -2.53634  1.000 65.71672  ? 41  ALA A CA  1 
ATOM   80   C  C   . ALA A 1 41  ? -13.20684 -12.94287 -2.19985  1.000 75.82745  ? 41  ALA A C   1 
ATOM   81   O  O   . ALA A 1 41  ? -13.97731 -12.59293 -3.10232  1.000 78.77041  ? 41  ALA A O   1 
ATOM   82   C  CB  . ALA A 1 41  ? -11.00391 -12.50654 -3.33391  1.000 55.69533  ? 41  ALA A CB  1 
ATOM   83   N  N   . LYS A 1 42  ? -13.51070 -12.85455 -0.90547  1.000 72.05620  ? 42  LYS A N   1 
ATOM   84   C  CA  . LYS A 1 42  ? -14.86397 -12.56404 -0.45434  1.000 77.84256  ? 42  LYS A CA  1 
ATOM   85   C  C   . LYS A 1 42  ? -15.08398 -11.11171 -0.04289  1.000 71.62484  ? 42  LYS A C   1 
ATOM   86   O  O   . LYS A 1 42  ? -16.23685 -10.71796 0.16980   1.000 68.66324  ? 42  LYS A O   1 
ATOM   87   C  CB  . LYS A 1 42  ? -15.23639 -13.48943 0.71657   1.000 84.72234  ? 42  LYS A CB  1 
ATOM   88   C  CG  . LYS A 1 42  ? -15.57698 -14.92722 0.30158   1.000 90.07128  ? 42  LYS A CG  1 
ATOM   89   C  CD  . LYS A 1 42  ? -16.98924 -15.04973 -0.29594  1.000 99.73575  ? 42  LYS A CD  1 
ATOM   90   C  CE  . LYS A 1 42  ? -18.02881 -14.20726 0.45837   1.000 89.43892  ? 42  LYS A CE  1 
ATOM   91   N  NZ  . LYS A 1 42  ? -19.17444 -13.76641 -0.40182  1.000 63.69124  ? 42  LYS A NZ  1 
ATOM   92   N  N   . GLU A 1 43  ? -14.02935 -10.30318 0.06860   1.000 65.27452  ? 43  GLU A N   1 
ATOM   93   C  CA  . GLU A 1 43  ? -14.16846 -8.93225  0.54868   1.000 62.45706  ? 43  GLU A CA  1 
ATOM   94   C  C   . GLU A 1 43  ? -13.70661 -7.90590  -0.48501  1.000 46.38427  ? 43  GLU A C   1 
ATOM   95   O  O   . GLU A 1 43  ? -13.23272 -6.82808  -0.12428  1.000 48.16111  ? 43  GLU A O   1 
ATOM   96   C  CB  . GLU A 1 43  ? -13.42153 -8.74419  1.87105   1.000 72.49291  ? 43  GLU A CB  1 
ATOM   97   C  CG  . GLU A 1 43  ? -14.30636 -8.22054  3.00787   1.000 76.80693  ? 43  GLU A CG  1 
ATOM   98   C  CD  . GLU A 1 43  ? -13.65089 -8.32738  4.37792   1.000 98.84171  ? 43  GLU A CD  1 
ATOM   99   O  OE1 . GLU A 1 43  ? -13.33473 -9.46146  4.79863   1.000 82.61929  ? 43  GLU A OE1 1 
ATOM   100  O  OE2 . GLU A 1 43  ? -13.46083 -7.27890  5.03744   1.000 100.69263 ? 43  GLU A OE2 1 
ATOM   101  N  N   . ILE A 1 44  ? -13.86536 -8.21424  -1.77465  1.000 44.50870  ? 44  ILE A N   1 
ATOM   102  C  CA  . ILE A 1 44  ? -13.49915 -7.27168  -2.82724  1.000 39.58946  ? 44  ILE A CA  1 
ATOM   103  C  C   . ILE A 1 44  ? -14.46287 -6.08888  -2.84282  1.000 50.50074  ? 44  ILE A C   1 
ATOM   104  O  O   . ILE A 1 44  ? -15.67912 -6.24318  -2.64868  1.000 46.10978  ? 44  ILE A O   1 
ATOM   105  C  CB  . ILE A 1 44  ? -13.46771 -7.97938  -4.19261  1.000 46.00150  ? 44  ILE A CB  1 
ATOM   106  C  CG1 . ILE A 1 44  ? -12.32644 -8.99453  -4.22154  1.000 53.64912  ? 44  ILE A CG1 1 
ATOM   107  C  CG2 . ILE A 1 44  ? -13.32972 -6.96691  -5.33805  1.000 35.37078  ? 44  ILE A CG2 1 
ATOM   108  C  CD1 . ILE A 1 44  ? -12.00560 -9.51683  -5.60006  1.000 54.72788  ? 44  ILE A CD1 1 
ATOM   109  N  N   . ASP A 1 45  ? -13.90972 -4.89155  -3.06975  1.000 42.08146  ? 45  ASP A N   1 
ATOM   110  C  CA  . ASP A 1 45  ? -14.65478 -3.64061  -3.21840  1.000 34.74215  ? 45  ASP A CA  1 
ATOM   111  C  C   . ASP A 1 45  ? -14.45727 -3.19893  -4.66654  1.000 30.52054  ? 45  ASP A C   1 
ATOM   112  O  O   . ASP A 1 45  ? -13.43923 -2.59085  -5.00625  1.000 33.11947  ? 45  ASP A O   1 
ATOM   113  C  CB  . ASP A 1 45  ? -14.15944 -2.59755  -2.21158  1.000 39.87370  ? 45  ASP A CB  1 
ATOM   114  C  CG  . ASP A 1 45  ? -14.93100 -1.26988  -2.27134  1.000 56.23182  ? 45  ASP A CG  1 
ATOM   115  O  OD1 . ASP A 1 45  ? -15.28560 -0.81279  -3.37996  1.000 56.34118  ? 45  ASP A OD1 1 
ATOM   116  O  OD2 . ASP A 1 45  ? -15.15717 -0.66219  -1.19374  1.000 56.12319  ? 45  ASP A OD2 1 
ATOM   117  N  N   . GLU A 1 46  ? -15.43018 -3.50825  -5.51934  1.000 31.03466  ? 46  GLU A N   1 
ATOM   118  C  CA  . GLU A 1 46  ? -15.22333 -3.31585  -6.95091  1.000 37.76798  ? 46  GLU A CA  1 
ATOM   119  C  C   . GLU A 1 46  ? -14.93261 -1.87001  -7.33041  1.000 36.00221  ? 46  GLU A C   1 
ATOM   120  O  O   . GLU A 1 46  ? -14.00575 -1.64879  -8.13117  1.000 29.88749  ? 46  GLU A O   1 
ATOM   121  C  CB  . GLU A 1 46  ? -16.42846 -3.86426  -7.72832  1.000 42.09449  ? 46  GLU A CB  1 
ATOM   122  C  CG  . GLU A 1 46  ? -16.42799 -5.38043  -7.86219  1.000 56.45472  ? 46  GLU A CG  1 
ATOM   123  C  CD  . GLU A 1 46  ? -15.30224 -5.89659  -8.74903  1.000 74.06455  ? 46  GLU A CD  1 
ATOM   124  O  OE1 . GLU A 1 46  ? -14.74887 -5.09987  -9.54770  1.000 64.82486  ? 46  GLU A OE1 1 
ATOM   125  O  OE2 . GLU A 1 46  ? -14.97109 -7.10103  -8.63842  1.000 63.51037  ? 46  GLU A OE2 1 
ATOM   126  N  N   . PRO A 1 47  ? -15.65224 -0.86224  -6.82461  1.000 38.76330  ? 47  PRO A N   1 
ATOM   127  C  CA  . PRO A 1 47  ? -15.31253 0.52073   -7.20689  1.000 28.68957  ? 47  PRO A CA  1 
ATOM   128  C  C   . PRO A 1 47  ? -13.90004 0.92868   -6.82137  1.000 29.45925  ? 47  PRO A C   1 
ATOM   129  O  O   . PRO A 1 47  ? -13.20473 1.58130   -7.61295  1.000 21.48907  ? 47  PRO A O   1 
ATOM   130  C  CB  . PRO A 1 47  ? -16.36852 1.34769   -6.46547  1.000 24.70860  ? 47  PRO A CB  1 
ATOM   131  C  CG  . PRO A 1 47  ? -17.50762 0.40211   -6.25375  1.000 27.55194  ? 47  PRO A CG  1 
ATOM   132  C  CD  . PRO A 1 47  ? -16.90055 -0.92863  -6.04012  1.000 27.81414  ? 47  PRO A CD  1 
ATOM   133  N  N   . VAL A 1 48  ? -13.45577 0.56344   -5.61757  1.000 26.86977  ? 48  VAL A N   1 
ATOM   134  C  CA  . VAL A 1 48  ? -12.08696 0.86513   -5.21483  1.000 24.72908  ? 48  VAL A CA  1 
ATOM   135  C  C   . VAL A 1 48  ? -11.09103 0.07339   -6.05273  1.000 24.00304  ? 48  VAL A C   1 
ATOM   136  O  O   . VAL A 1 48  ? -10.06785 0.60998   -6.49114  1.000 33.07733  ? 48  VAL A O   1 
ATOM   137  C  CB  . VAL A 1 48  ? -11.90080 0.59801   -3.71309  1.000 24.34543  ? 48  VAL A CB  1 
ATOM   138  C  CG1 . VAL A 1 48  ? -10.43741 0.68304   -3.35184  1.000 26.14702  ? 48  VAL A CG1 1 
ATOM   139  C  CG2 . VAL A 1 48  ? -12.69715 1.59835   -2.90652  1.000 26.06442  ? 48  VAL A CG2 1 
ATOM   140  N  N   . LEU A 1 49  ? -11.37307 -1.20825  -6.29499  1.000 19.71656  ? 49  LEU A N   1 
ATOM   141  C  CA  . LEU A 1 49  ? -10.50470 -2.00797  -7.15718  1.000 20.07311  ? 49  LEU A CA  1 
ATOM   142  C  C   . LEU A 1 49  ? -10.44655 -1.45006  -8.57642  1.000 24.08637  ? 49  LEU A C   1 
ATOM   143  O  O   . LEU A 1 49  ? -9.36865  -1.38124  -9.17781  1.000 39.44435  ? 49  LEU A O   1 
ATOM   144  C  CB  . LEU A 1 49  ? -10.97902 -3.46160  -7.17060  1.000 27.76170  ? 49  LEU A CB  1 
ATOM   145  C  CG  . LEU A 1 49  ? -10.46011 -4.40818  -8.25644  1.000 23.36078  ? 49  LEU A CG  1 
ATOM   146  C  CD1 . LEU A 1 49  ? -8.94867  -4.50778  -8.21833  1.000 23.83469  ? 49  LEU A CD1 1 
ATOM   147  C  CD2 . LEU A 1 49  ? -11.09187 -5.77982  -8.10318  1.000 18.13248  ? 49  LEU A CD2 1 
ATOM   148  N  N   . LYS A 1 50  ? -11.59127 -1.05517  -9.13607  1.000 27.68180  ? 50  LYS A N   1 
ATOM   149  C  CA  . LYS A 1 50  ? -11.59272 -0.53793  -10.50124 1.000 26.96546  ? 50  LYS A CA  1 
ATOM   150  C  C   . LYS A 1 50  ? -10.76795 0.73851   -10.61175 1.000 26.87467  ? 50  LYS A C   1 
ATOM   151  O  O   . LYS A 1 50  ? -10.06428 0.94717   -11.60816 1.000 33.46041  ? 50  LYS A O   1 
ATOM   152  C  CB  . LYS A 1 50  ? -13.02629 -0.29312  -10.97308 1.000 38.54005  ? 50  LYS A CB  1 
ATOM   153  C  CG  . LYS A 1 50  ? -13.16205 0.01560   -12.46382 1.000 38.77077  ? 50  LYS A CG  1 
ATOM   154  C  CD  . LYS A 1 50  ? -14.17435 1.13890   -12.70274 1.000 60.72462  ? 50  LYS A CD  1 
ATOM   155  C  CE  . LYS A 1 50  ? -15.02140 0.89952   -13.95402 1.000 58.37757  ? 50  LYS A CE  1 
ATOM   156  N  NZ  . LYS A 1 50  ? -16.35459 1.58295   -13.86433 1.000 61.78472  ? 50  LYS A NZ  1 
ATOM   157  N  N   . ALA A 1 51  ? -10.83693 1.60843   -9.60003  1.000 32.36073  ? 51  ALA A N   1 
ATOM   158  C  CA  . ALA A 1 51  ? -10.04016 2.83107   -9.63915  1.000 25.85035  ? 51  ALA A CA  1 
ATOM   159  C  C   . ALA A 1 51  ? -8.56073  2.56493   -9.44353  1.000 23.18656  ? 51  ALA A C   1 
ATOM   160  O  O   . ALA A 1 51  ? -7.75724  3.46296   -9.70855  1.000 23.15848  ? 51  ALA A O   1 
ATOM   161  C  CB  . ALA A 1 51  ? -10.51066 3.82785   -8.58303  1.000 10.00039  ? 51  ALA A CB  1 
ATOM   162  N  N   . ALA A 1 52  ? -8.18977  1.36187   -8.99606  1.000 22.90518  ? 52  ALA A N   1 
ATOM   163  C  CA  . ALA A 1 52  ? -6.79886  0.98147   -8.78166  1.000 26.69848  ? 52  ALA A CA  1 
ATOM   164  C  C   . ALA A 1 52  ? -6.23976  0.12173   -9.90385  1.000 29.49600  ? 52  ALA A C   1 
ATOM   165  O  O   . ALA A 1 52  ? -5.16918  -0.47212  -9.73947  1.000 42.78362  ? 52  ALA A O   1 
ATOM   166  C  CB  . ALA A 1 52  ? -6.64409  0.24405   -7.45015  1.000 20.91834  ? 52  ALA A CB  1 
ATOM   167  N  N   . THR A 1 53  ? -6.93647  0.03015   -11.03094 1.000 32.96556  ? 53  THR A N   1 
ATOM   168  C  CA  . THR A 1 53  ? -6.44401  -0.77305  -12.13553 1.000 24.20121  ? 53  THR A CA  1 
ATOM   169  C  C   . THR A 1 53  ? -5.17188  -0.15683  -12.69315 1.000 23.04778  ? 53  THR A C   1 
ATOM   170  O  O   . THR A 1 53  ? -5.07819  1.05716   -12.87496 1.000 28.56256  ? 53  THR A O   1 
ATOM   171  C  CB  . THR A 1 53  ? -7.51481  -0.89693  -13.21755 1.000 28.10302  ? 53  THR A CB  1 
ATOM   172  O  OG1 . THR A 1 53  ? -8.44672  -1.91249  -12.82500 1.000 43.37937  ? 53  THR A OG1 1 
ATOM   173  C  CG2 . THR A 1 53  ? -6.90170  -1.27133  -14.56746 1.000 16.57105  ? 53  THR A CG2 1 
ATOM   174  N  N   . ALA A 1 54  ? -4.17541  -1.00045  -12.93178 1.000 36.83063  ? 54  ALA A N   1 
ATOM   175  C  CA  . ALA A 1 54  ? -2.90895  -0.51019  -13.44634 1.000 37.44315  ? 54  ALA A CA  1 
ATOM   176  C  C   . ALA A 1 54  ? -3.08144  -0.03793  -14.88279 1.000 34.11289  ? 54  ALA A C   1 
ATOM   177  O  O   . ALA A 1 54  ? -3.62722  -0.75595  -15.72397 1.000 39.89396  ? 54  ALA A O   1 
ATOM   178  C  CB  . ALA A 1 54  ? -1.84690  -1.60119  -13.35643 1.000 34.24553  ? 54  ALA A CB  1 
ATOM   179  N  N   . ALA A 1 55  ? -2.63337  1.18493   -15.15566 1.000 36.24721  ? 55  ALA A N   1 
ATOM   180  C  CA  . ALA A 1 55  ? -2.67669  1.75051   -16.49506 1.000 33.66744  ? 55  ALA A CA  1 
ATOM   181  C  C   . ALA A 1 55  ? -1.30664  1.87100   -17.13693 1.000 35.95651  ? 55  ALA A C   1 
ATOM   182  O  O   . ALA A 1 55  ? -1.22100  1.96510   -18.36338 1.000 47.04226  ? 55  ALA A O   1 
ATOM   183  C  CB  . ALA A 1 55  ? -3.32844  3.14211   -16.46772 1.000 25.10140  ? 55  ALA A CB  1 
ATOM   184  N  N   . LYS A 1 56  ? -0.24475  1.84193   -16.34202 1.000 42.50881  ? 56  LYS A N   1 
ATOM   185  C  CA  . LYS A 1 56  ? 1.09848   2.13987   -16.80141 1.000 49.32010  ? 56  LYS A CA  1 
ATOM   186  C  C   . LYS A 1 56  ? 2.06756   1.34350   -15.94023 1.000 57.62506  ? 56  LYS A C   1 
ATOM   187  O  O   . LYS A 1 56  ? 1.75524   1.00551   -14.79458 1.000 42.10714  ? 56  LYS A O   1 
ATOM   188  C  CB  . LYS A 1 56  ? 1.35749   3.65280   -16.71173 1.000 36.30883  ? 56  LYS A CB  1 
ATOM   189  C  CG  . LYS A 1 56  ? 2.76812   4.11144   -16.99676 1.000 45.42784  ? 56  LYS A CG  1 
ATOM   190  C  CD  . LYS A 1 56  ? 2.74638   5.22632   -18.01942 1.000 67.69120  ? 56  LYS A CD  1 
ATOM   191  C  CE  . LYS A 1 56  ? 1.93885   4.80348   -19.24709 1.000 75.96283  ? 56  LYS A CE  1 
ATOM   192  N  NZ  . LYS A 1 56  ? 1.82826   5.87486   -20.27976 1.000 47.93520  ? 56  LYS A NZ  1 
ATOM   193  N  N   . GLU A 1 57  ? 3.22939   1.01100   -16.50334 1.000 62.49236  ? 57  GLU A N   1 
ATOM   194  C  CA  . GLU A 1 57  ? 4.30455   0.44667   -15.69965 1.000 39.34257  ? 57  GLU A CA  1 
ATOM   195  C  C   . GLU A 1 57  ? 5.62347   1.08362   -16.08927 1.000 47.99242  ? 57  GLU A C   1 
ATOM   196  O  O   . GLU A 1 57  ? 5.98123   1.11807   -17.27058 1.000 69.98217  ? 57  GLU A O   1 
ATOM   197  C  CB  . GLU A 1 57  ? 4.41564   -1.07192  -15.83607 1.000 39.05951  ? 57  GLU A CB  1 
ATOM   198  C  CG  . GLU A 1 57  ? 5.40044   -1.63786  -14.81369 1.000 65.32734  ? 57  GLU A CG  1 
ATOM   199  C  CD  . GLU A 1 57  ? 5.89279   -3.03605  -15.12924 1.000 69.05210  ? 57  GLU A CD  1 
ATOM   200  O  OE1 . GLU A 1 57  ? 5.08499   -3.98904  -15.07471 1.000 59.77082  ? 57  GLU A OE1 1 
ATOM   201  O  OE2 . GLU A 1 57  ? 7.09941   -3.17717  -15.42220 1.000 56.00086  ? 57  GLU A OE2 1 
ATOM   202  N  N   . GLU A 1 58  ? 6.33938   1.57385   -15.08253 1.000 65.32798  ? 58  GLU A N   1 
ATOM   203  C  CA  . GLU A 1 58  ? 7.66621   2.16605   -15.21803 1.000 58.76137  ? 58  GLU A CA  1 
ATOM   204  C  C   . GLU A 1 58  ? 8.59810   1.35525   -14.32560 1.000 72.83389  ? 58  GLU A C   1 
ATOM   205  O  O   . GLU A 1 58  ? 8.83063   1.71411   -13.16737 1.000 69.93398  ? 58  GLU A O   1 
ATOM   206  C  CB  . GLU A 1 58  ? 7.63594   3.62401   -14.82396 1.000 57.43777  ? 58  GLU A CB  1 
ATOM   207  C  CG  . GLU A 1 58  ? 8.42053   4.55690   -15.72009 1.000 88.20962  ? 58  GLU A CG  1 
ATOM   208  C  CD  . GLU A 1 58  ? 8.07435   6.01284   -15.45591 1.000 102.21143 ? 58  GLU A CD  1 
ATOM   209  O  OE1 . GLU A 1 58  ? 8.99548   6.85903   -15.42874 1.000 94.50418  ? 58  GLU A OE1 1 
ATOM   210  O  OE2 . GLU A 1 58  ? 6.87442   6.30938   -15.27026 1.000 105.15269 ? 58  GLU A OE2 1 
ATOM   211  N  N   . ASP A 1 59  ? 9.09059   0.23377   -14.85796 1.000 70.78331  ? 59  ASP A N   1 
ATOM   212  C  CA  . ASP A 1 59  ? 10.10440  -0.57149  -14.18479 1.000 66.43452  ? 59  ASP A CA  1 
ATOM   213  C  C   . ASP A 1 59  ? 9.64625   -1.07095  -12.81638 1.000 63.25309  ? 59  ASP A C   1 
ATOM   214  O  O   . ASP A 1 59  ? 10.04563  -0.52066  -11.78477 1.000 61.37395  ? 59  ASP A O   1 
ATOM   215  C  CB  . ASP A 1 59  ? 11.39565  0.23874   -14.04115 1.000 66.99529  ? 59  ASP A CB  1 
ATOM   216  C  CG  . ASP A 1 59  ? 12.63786  -0.62703  -14.09561 1.000 93.02219  ? 59  ASP A CG  1 
ATOM   217  O  OD1 . ASP A 1 59  ? 13.56349  -0.39899  -13.28215 1.000 96.30076  ? 59  ASP A OD1 1 
ATOM   218  O  OD2 . ASP A 1 59  ? 12.69057  -1.53153  -14.95638 1.000 91.86329  ? 59  ASP A OD2 1 
ATOM   219  N  N   . GLY A 1 60  ? 8.81394   -2.11196  -12.78960 1.000 44.19749  ? 60  GLY A N   1 
ATOM   220  C  CA  . GLY A 1 60  ? 8.32145   -2.66399  -11.54324 1.000 47.79747  ? 60  GLY A CA  1 
ATOM   221  C  C   . GLY A 1 60  ? 7.35418   -1.78997  -10.76944 1.000 58.05069  ? 60  GLY A C   1 
ATOM   222  O  O   . GLY A 1 60  ? 6.73823   -2.27989  -9.80959  1.000 38.20173  ? 60  GLY A O   1 
ATOM   223  N  N   . LYS A 1 61  ? 7.20572   -0.51693  -11.13898 1.000 59.47379  ? 61  LYS A N   1 
ATOM   224  C  CA  . LYS A 1 61  ? 6.26972   0.40367   -10.50645 1.000 40.15231  ? 61  LYS A CA  1 
ATOM   225  C  C   . LYS A 1 61  ? 5.01464   0.50868   -11.36232 1.000 45.60166  ? 61  LYS A C   1 
ATOM   226  O  O   . LYS A 1 61  ? 5.09972   0.78841   -12.56334 1.000 50.22250  ? 61  LYS A O   1 
ATOM   227  C  CB  . LYS A 1 61  ? 6.89025   1.79173   -10.34861 1.000 41.63279  ? 61  LYS A CB  1 
ATOM   228  C  CG  . LYS A 1 61  ? 7.77860   1.98117   -9.14472  1.000 52.75781  ? 61  LYS A CG  1 
ATOM   229  C  CD  . LYS A 1 61  ? 9.06826   2.69621   -9.54959  1.000 76.85274  ? 61  LYS A CD  1 
ATOM   230  C  CE  . LYS A 1 61  ? 10.23630  2.34686   -8.63670  1.000 79.97674  ? 61  LYS A CE  1 
ATOM   231  N  NZ  . LYS A 1 61  ? 10.71247  0.94937   -8.81999  1.000 79.44304  ? 61  LYS A NZ  1 
ATOM   232  N  N   . TYR A 1 62  ? 3.85832   0.30883   -10.74706 1.000 37.19609  ? 62  TYR A N   1 
ATOM   233  C  CA  . TYR A 1 62  ? 2.59247   0.44104   -11.44571 1.000 30.80465  ? 62  TYR A CA  1 
ATOM   234  C  C   . TYR A 1 62  ? 1.88387   1.72946   -11.04427 1.000 25.57175  ? 62  TYR A C   1 
ATOM   235  O  O   . TYR A 1 62  ? 2.02751   2.21712   -9.92028  1.000 27.88352  ? 62  TYR A O   1 
ATOM   236  C  CB  . TYR A 1 62  ? 1.70403   -0.76581  -11.16638 1.000 21.15908  ? 62  TYR A CB  1 
ATOM   237  C  CG  . TYR A 1 62  ? 2.35613   -2.06093  -11.55717 1.000 35.06807  ? 62  TYR A CG  1 
ATOM   238  C  CD1 . TYR A 1 62  ? 3.22594   -2.70717  -10.69012 1.000 44.07774  ? 62  TYR A CD1 1 
ATOM   239  C  CD2 . TYR A 1 62  ? 2.12639   -2.62969  -12.80069 1.000 34.78823  ? 62  TYR A CD2 1 
ATOM   240  C  CE1 . TYR A 1 62  ? 3.83677   -3.89320  -11.04034 1.000 31.71841  ? 62  TYR A CE1 1 
ATOM   241  C  CE2 . TYR A 1 62  ? 2.73597   -3.81536  -13.16157 1.000 49.64556  ? 62  TYR A CE2 1 
ATOM   242  C  CZ  . TYR A 1 62  ? 3.59624   -4.44062  -12.27501 1.000 41.23775  ? 62  TYR A CZ  1 
ATOM   243  O  OH  . TYR A 1 62  ? 4.21347   -5.62353  -12.60886 1.000 45.75654  ? 62  TYR A OH  1 
ATOM   244  N  N   . PHE A 1 63  ? 1.12295   2.28211   -11.98973 1.000 35.90561  ? 63  PHE A N   1 
ATOM   245  C  CA  . PHE A 1 63  ? 0.35713   3.50497   -11.78875 1.000 33.52599  ? 63  PHE A CA  1 
ATOM   246  C  C   . PHE A 1 63  ? -1.05842  3.32593   -12.32239 1.000 32.49964  ? 63  PHE A C   1 
ATOM   247  O  O   . PHE A 1 63  ? -1.30625  2.49886   -13.20597 1.000 44.59304  ? 63  PHE A O   1 
ATOM   248  C  CB  . PHE A 1 63  ? 1.03022   4.69487   -12.47510 1.000 23.38520  ? 63  PHE A CB  1 
ATOM   249  C  CG  . PHE A 1 63  ? 2.43102   4.94676   -12.00639 1.000 22.60640  ? 63  PHE A CG  1 
ATOM   250  C  CD1 . PHE A 1 63  ? 3.50226   4.33944   -12.63263 1.000 29.09848  ? 63  PHE A CD1 1 
ATOM   251  C  CD2 . PHE A 1 63  ? 2.67572   5.79101   -10.93310 1.000 27.60552  ? 63  PHE A CD2 1 
ATOM   252  C  CE1 . PHE A 1 63  ? 4.79616   4.57000   -12.20332 1.000 34.00244  ? 63  PHE A CE1 1 
ATOM   253  C  CE2 . PHE A 1 63  ? 3.96816   6.03004   -10.49779 1.000 26.00377  ? 63  PHE A CE2 1 
ATOM   254  C  CZ  . PHE A 1 63  ? 5.03085   5.41697   -11.13475 1.000 27.00168  ? 63  PHE A CZ  1 
ATOM   255  N  N   . ASP A 1 64  ? -1.99197  4.10170   -11.77364 1.000 28.13629  ? 64  ASP A N   1 
ATOM   256  C  CA  . ASP A 1 64  ? -3.37059  4.07864   -12.24557 1.000 31.88256  ? 64  ASP A CA  1 
ATOM   257  C  C   . ASP A 1 64  ? -3.58386  5.19105   -13.27451 1.000 23.99498  ? 64  ASP A C   1 
ATOM   258  O  O   . ASP A 1 64  ? -2.67404  5.96908   -13.57504 1.000 24.41114  ? 64  ASP A O   1 
ATOM   259  C  CB  . ASP A 1 64  ? -4.34885  4.18537   -11.06873 1.000 27.78178  ? 64  ASP A CB  1 
ATOM   260  C  CG  . ASP A 1 64  ? -4.20504  5.49183   -10.27208 1.000 41.40410  ? 64  ASP A CG  1 
ATOM   261  O  OD1 . ASP A 1 64  ? -3.61707  6.47481   -10.77861 1.000 36.95489  ? 64  ASP A OD1 1 
ATOM   262  O  OD2 . ASP A 1 64  ? -4.69496  5.53747   -9.11832  1.000 50.17375  ? 64  ASP A OD2 1 
ATOM   263  N  N   . LYS A 1 65  ? -4.80345  5.28538   -13.82020 1.000 31.51270  ? 65  LYS A N   1 
ATOM   264  C  CA  . LYS A 1 65  ? -5.05500  6.31215   -14.83205 1.000 34.38323  ? 65  LYS A CA  1 
ATOM   265  C  C   . LYS A 1 65  ? -4.87387  7.72758   -14.29044 1.000 28.80996  ? 65  LYS A C   1 
ATOM   266  O  O   . LYS A 1 65  ? -4.60228  8.63701   -15.07945 1.000 28.76302  ? 65  LYS A O   1 
ATOM   267  C  CB  . LYS A 1 65  ? -6.45233  6.16233   -15.44637 1.000 25.94776  ? 65  LYS A CB  1 
ATOM   268  C  CG  . LYS A 1 65  ? -7.61595  6.44710   -14.50886 1.000 42.97046  ? 65  LYS A CG  1 
ATOM   269  C  CD  . LYS A 1 65  ? -8.94206  6.03010   -15.14096 1.000 31.60019  ? 65  LYS A CD  1 
ATOM   270  C  CE  . LYS A 1 65  ? -9.95312  5.57020   -14.09502 1.000 36.47408  ? 65  LYS A CE  1 
ATOM   271  N  NZ  . LYS A 1 65  ? -9.96317  6.44145   -12.88281 1.000 58.41164  ? 65  LYS A NZ  1 
ATOM   272  N  N   . ASP A 1 66  ? -4.98008  7.93350   -12.97066 1.000 33.97100  ? 66  ASP A N   1 
ATOM   273  C  CA  . ASP A 1 66  ? -4.77218  9.24922   -12.35996 1.000 32.01011  ? 66  ASP A CA  1 
ATOM   274  C  C   . ASP A 1 66  ? -3.30424  9.57437   -12.08423 1.000 28.44997  ? 66  ASP A C   1 
ATOM   275  O  O   . ASP A 1 66  ? -3.01737  10.63809  -11.51874 1.000 28.71223  ? 66  ASP A O   1 
ATOM   276  C  CB  . ASP A 1 66  ? -5.55618  9.35977   -11.04900 1.000 25.89684  ? 66  ASP A CB  1 
ATOM   277  C  CG  . ASP A 1 66  ? -7.04329  9.16970   -11.24335 1.000 63.53686  ? 66  ASP A CG  1 
ATOM   278  O  OD1 . ASP A 1 66  ? -7.54125  8.05313   -10.97228 1.000 76.82114  ? 66  ASP A OD1 1 
ATOM   279  O  OD2 . ASP A 1 66  ? -7.71108  10.13211  -11.68009 1.000 62.84377  ? 66  ASP A OD2 1 
ATOM   280  N  N   . GLY A 1 67  ? -2.37300  8.70047   -12.45556 1.000 22.21052  ? 67  GLY A N   1 
ATOM   281  C  CA  . GLY A 1 67  ? -0.96615  8.93112   -12.19315 1.000 23.22220  ? 67  GLY A CA  1 
ATOM   282  C  C   . GLY A 1 67  ? -0.48129  8.52314   -10.81887 1.000 38.97666  ? 67  GLY A C   1 
ATOM   283  O  O   . GLY A 1 67  ? 0.67055   8.81814   -10.47579 1.000 44.95055  ? 67  GLY A O   1 
ATOM   284  N  N   . HIS A 1 68  ? -1.31877  7.83706   -10.01997 1.000 19.24913  ? 68  HIS A N   1 
ATOM   285  C  CA  . HIS A 1 68  ? -0.96805  7.51425   -8.65153  1.000 27.95517  ? 68  HIS A CA  1 
ATOM   286  C  C   . HIS A 1 68  ? -0.54656  6.05078   -8.52068  1.000 34.33001  ? 68  HIS A C   1 
ATOM   287  O  O   . HIS A 1 68  ? -0.97269  5.19890   -9.30608  1.000 27.14734  ? 68  HIS A O   1 
ATOM   288  C  CB  . HIS A 1 68  ? -2.15457  7.80528   -7.72994  1.000 36.68735  ? 68  HIS A CB  1 
ATOM   289  C  CG  . HIS A 1 68  ? -2.53292  9.25208   -7.69096  1.000 41.83081  ? 68  HIS A CG  1 
ATOM   290  N  ND1 . HIS A 1 68  ? -3.81762  9.69335   -7.92400  1.000 28.58917  ? 68  HIS A ND1 1 
ATOM   291  C  CD2 . HIS A 1 68  ? -1.78819  10.36056  -7.46196  1.000 35.26774  ? 68  HIS A CD2 1 
ATOM   292  C  CE1 . HIS A 1 68  ? -3.84833  11.01183  -7.83895  1.000 39.68846  ? 68  HIS A CE1 1 
ATOM   293  N  NE2 . HIS A 1 68  ? -2.63159  11.44109  -7.55465  1.000 52.61968  ? 68  HIS A NE2 1 
ATOM   294  N  N   . PRO A 1 69  ? 0.30226   5.73761   -7.54125  1.000 20.09700  ? 69  PRO A N   1 
ATOM   295  C  CA  . PRO A 1 69  ? 0.81243   4.36947   -7.41348  1.000 13.75665  ? 69  PRO A CA  1 
ATOM   296  C  C   . PRO A 1 69  ? -0.30567  3.37231   -7.16954  1.000 21.70485  ? 69  PRO A C   1 
ATOM   297  O  O   . PRO A 1 69  ? -1.34163  3.69732   -6.58603  1.000 21.91686  ? 69  PRO A O   1 
ATOM   298  C  CB  . PRO A 1 69  ? 1.74896   4.44982   -6.20282  1.000 10.06770  ? 69  PRO A CB  1 
ATOM   299  C  CG  . PRO A 1 69  ? 2.10286   5.87658   -6.08415  1.000 15.29222  ? 69  PRO A CG  1 
ATOM   300  C  CD  . PRO A 1 69  ? 0.90828   6.64838   -6.55944  1.000 18.17007  ? 69  PRO A CD  1 
ATOM   301  N  N   . THR A 1 70  ? -0.07980  2.13972   -7.62220  1.000 14.20477  ? 70  THR A N   1 
ATOM   302  C  CA  . THR A 1 70  ? -1.05224  1.07463   -7.43675  1.000 18.32320  ? 70  THR A CA  1 
ATOM   303  C  C   . THR A 1 70  ? -0.32030  -0.25558  -7.37577  1.000 20.67706  ? 70  THR A C   1 
ATOM   304  O  O   . THR A 1 70  ? 0.89222   -0.33428  -7.58905  1.000 22.08486  ? 70  THR A O   1 
ATOM   305  C  CB  . THR A 1 70  ? -2.11846  1.06388   -8.54510  1.000 15.50303  ? 70  THR A CB  1 
ATOM   306  O  OG1 . THR A 1 70  ? -3.25660  0.33952   -8.09017  1.000 13.48275  ? 70  THR A OG1 1 
ATOM   307  C  CG2 . THR A 1 70  ? -1.60977  0.40143   -9.80590  1.000 22.17562  ? 70  THR A CG2 1 
ATOM   308  N  N   . PHE A 1 71  ? -1.08116  -1.30430  -7.07548  1.000 19.68663  ? 71  PHE A N   1 
ATOM   309  C  CA  . PHE A 1 71  ? -0.55524  -2.64579  -6.91355  1.000 23.55972  ? 71  PHE A CA  1 
ATOM   310  C  C   . PHE A 1 71  ? -0.67825  -3.44614  -8.20799  1.000 29.01421  ? 71  PHE A C   1 
ATOM   311  O  O   . PHE A 1 71  ? -1.11154  -2.94593  -9.24881  1.000 34.44436  ? 71  PHE A O   1 
ATOM   312  C  CB  . PHE A 1 71  ? -1.28721  -3.34830  -5.78077  1.000 27.91931  ? 71  PHE A CB  1 
ATOM   313  C  CG  . PHE A 1 71  ? -2.77211  -3.27271  -5.89928  1.000 28.74670  ? 71  PHE A CG  1 
ATOM   314  C  CD1 . PHE A 1 71  ? -3.45574  -4.12359  -6.74386  1.000 23.42810  ? 71  PHE A CD1 1 
ATOM   315  C  CD2 . PHE A 1 71  ? -3.48766  -2.34242  -5.17313  1.000 25.67192  ? 71  PHE A CD2 1 
ATOM   316  C  CE1 . PHE A 1 71  ? -4.82503  -4.05475  -6.84587  1.000 23.78185  ? 71  PHE A CE1 1 
ATOM   317  C  CE2 . PHE A 1 71  ? -4.85915  -2.27346  -5.27407  1.000 21.97270  ? 71  PHE A CE2 1 
ATOM   318  C  CZ  . PHE A 1 71  ? -5.52677  -3.12838  -6.11116  1.000 13.49367  ? 71  PHE A CZ  1 
ATOM   319  N  N   . HIS A 1 72  ? -0.28866  -4.72195  -8.12682  1.000 32.98300  ? 72  HIS A N   1 
ATOM   320  C  CA  . HIS A 1 72  ? -0.38483  -5.63477  -9.26441  1.000 27.82318  ? 72  HIS A CA  1 
ATOM   321  C  C   . HIS A 1 72  ? -0.25431  -7.05381  -8.71537  1.000 28.71041  ? 72  HIS A C   1 
ATOM   322  O  O   . HIS A 1 72  ? 0.86121   -7.52186  -8.47526  1.000 42.41672  ? 72  HIS A O   1 
ATOM   323  C  CB  . HIS A 1 72  ? 0.67517   -5.34668  -10.31083 1.000 22.48732  ? 72  HIS A CB  1 
ATOM   324  C  CG  . HIS A 1 72  ? 0.56913   -6.21821  -11.52088 1.000 39.02437  ? 72  HIS A CG  1 
ATOM   325  N  ND1 . HIS A 1 72  ? 1.67064   -6.74616  -12.15988 1.000 52.34505  ? 72  HIS A ND1 1 
ATOM   326  C  CD2 . HIS A 1 72  ? -0.51017  -6.66164  -12.20548 1.000 37.80641  ? 72  HIS A CD2 1 
ATOM   327  C  CE1 . HIS A 1 72  ? 1.27576   -7.47207  -13.18892 1.000 41.28729  ? 72  HIS A CE1 1 
ATOM   328  N  NE2 . HIS A 1 72  ? -0.04343  -7.43881  -13.23753 1.000 48.20593  ? 72  HIS A NE2 1 
ATOM   329  N  N   . ILE A 1 73  ? -1.39682  -7.71290  -8.51963  1.000 27.07462  ? 73  ILE A N   1 
ATOM   330  C  CA  . ILE A 1 73  ? -1.47300  -9.09001  -8.04470  1.000 34.65000  ? 73  ILE A CA  1 
ATOM   331  C  C   . ILE A 1 73  ? -1.60057  -10.01601 -9.24468  1.000 40.94906  ? 73  ILE A C   1 
ATOM   332  O  O   . ILE A 1 73  ? -2.24420  -9.67401  -10.24343 1.000 32.31897  ? 73  ILE A O   1 
ATOM   333  C  CB  . ILE A 1 73  ? -2.65761  -9.28115  -7.08045  1.000 34.45232  ? 73  ILE A CB  1 
ATOM   334  C  CG1 . ILE A 1 73  ? -2.82104  -8.06031  -6.18084  1.000 33.32904  ? 73  ILE A CG1 1 
ATOM   335  C  CG2 . ILE A 1 73  ? -2.47949  -10.51984 -6.24319  1.000 41.57676  ? 73  ILE A CG2 1 
ATOM   336  C  CD1 . ILE A 1 73  ? -1.64382  -7.78429  -5.31792  1.000 20.34269  ? 73  ILE A CD1 1 
ATOM   337  N  N   . THR A 1 74  ? -0.99111  -11.19592 -9.14798  1.000 52.84468  ? 74  THR A N   1 
ATOM   338  C  CA  . THR A 1 74  ? -0.92633  -12.12215 -10.26640 1.000 49.29836  ? 74  THR A CA  1 
ATOM   339  C  C   . THR A 1 74  ? -1.01992  -13.55521 -9.75075  1.000 58.93498  ? 74  THR A C   1 
ATOM   340  O  O   . THR A 1 74  ? -0.98300  -13.80968 -8.54190  1.000 50.71360  ? 74  THR A O   1 
ATOM   341  C  CB  . THR A 1 74  ? 0.35048   -11.89229 -11.08531 1.000 57.81116  ? 74  THR A CB  1 
ATOM   342  O  OG1 . THR A 1 74  ? 1.42861   -11.54891 -10.20215 1.000 57.81276  ? 74  THR A OG1 1 
ATOM   343  C  CG2 . THR A 1 74  ? 0.13628   -10.75584 -12.09314 1.000 44.28805  ? 74  THR A CG2 1 
ATOM   344  N  N   . ASN A 1 75  ? -1.17079  -14.48498 -10.69449 1.000 60.91078  ? 75  ASN A N   1 
ATOM   345  C  CA  . ASN A 1 75  ? -1.32491  -15.92252 -10.44058 1.000 67.17333  ? 75  ASN A CA  1 
ATOM   346  C  C   . ASN A 1 75  ? -2.30049  -16.20482 -9.30066  1.000 58.39910  ? 75  ASN A C   1 
ATOM   347  O  O   . ASN A 1 75  ? -1.96013  -16.79801 -8.27687  1.000 64.80188  ? 75  ASN A O   1 
ATOM   348  C  CB  . ASN A 1 75  ? 0.02333   -16.58829 -10.17804 1.000 65.12915  ? 75  ASN A CB  1 
ATOM   349  C  CG  . ASN A 1 75  ? 1.06128   -16.20565 -11.20490 1.000 90.17931  ? 75  ASN A CG  1 
ATOM   350  O  OD1 . ASN A 1 75  ? 0.72534   -15.75603 -12.30651 1.000 107.79403 ? 75  ASN A OD1 1 
ATOM   351  N  ND2 . ASN A 1 75  ? 2.33012   -16.38846 -10.85956 1.000 76.21454  ? 75  ASN A ND2 1 
ATOM   352  N  N   . ASP A 1 76  ? -3.53830  -15.76878 -9.51620  1.000 54.29595  ? 76  ASP A N   1 
ATOM   353  C  CA  . ASP A 1 76  ? -4.67473  -16.11958 -8.66810  1.000 64.03650  ? 76  ASP A CA  1 
ATOM   354  C  C   . ASP A 1 76  ? -4.43067  -15.75046 -7.20576  1.000 66.51303  ? 76  ASP A C   1 
ATOM   355  O  O   . ASP A 1 76  ? -4.59367  -16.56149 -6.29143  1.000 62.08289  ? 76  ASP A O   1 
ATOM   356  C  CB  . ASP A 1 76  ? -5.02234  -17.60050 -8.82075  1.000 82.43667  ? 76  ASP A CB  1 
ATOM   357  C  CG  . ASP A 1 76  ? -5.97295  -17.85439 -9.98343  1.000 102.18422 ? 76  ASP A CG  1 
ATOM   358  O  OD1 . ASP A 1 76  ? -5.48974  -18.02719 -11.12332 1.000 107.19841 ? 76  ASP A OD1 1 
ATOM   359  O  OD2 . ASP A 1 76  ? -7.20381  -17.87123 -9.76300  1.000 88.76906  ? 76  ASP A OD2 1 
ATOM   360  N  N   . GLY A 1 77  ? -4.03410  -14.49885 -6.99354  1.000 66.96039  ? 77  GLY A N   1 
ATOM   361  C  CA  . GLY A 1 77  ? -3.99810  -13.93555 -5.66139  1.000 62.49482  ? 77  GLY A CA  1 
ATOM   362  C  C   . GLY A 1 77  ? -2.82074  -14.33647 -4.80943  1.000 66.60049  ? 77  GLY A C   1 
ATOM   363  O  O   . GLY A 1 77  ? -2.87588  -14.16743 -3.58542  1.000 69.33577  ? 77  GLY A O   1 
ATOM   364  N  N   . LYS A 1 78  ? -1.74855  -14.84693 -5.41107  1.000 51.16592  ? 78  LYS A N   1 
ATOM   365  C  CA  . LYS A 1 78  ? -0.59677  -15.33029 -4.65762  1.000 51.42430  ? 78  LYS A CA  1 
ATOM   366  C  C   . LYS A 1 78  ? 0.65598   -14.49569 -4.86520  1.000 49.33467  ? 78  LYS A C   1 
ATOM   367  O  O   . LYS A 1 78  ? 1.38040   -14.23041 -3.90267  1.000 50.88222  ? 78  LYS A O   1 
ATOM   368  C  CB  . LYS A 1 78  ? -0.31321  -16.79137 -5.02393  1.000 59.94593  ? 78  LYS A CB  1 
ATOM   369  C  CG  . LYS A 1 78  ? -1.45342  -17.73527 -4.65131  1.000 50.44814  ? 78  LYS A CG  1 
ATOM   370  C  CD  . LYS A 1 78  ? -1.00236  -19.18895 -4.64552  1.000 72.67460  ? 78  LYS A CD  1 
ATOM   371  C  CE  . LYS A 1 78  ? -0.58567  -19.66601 -6.03732  1.000 82.74673  ? 78  LYS A CE  1 
ATOM   372  N  NZ  . LYS A 1 78  ? -1.74712  -19.82158 -6.96423  1.000 57.93962  ? 78  LYS A NZ  1 
ATOM   373  N  N   . LYS A 1 79  ? 0.91247   -14.05132 -6.09088  1.000 45.97998  ? 79  LYS A N   1 
ATOM   374  C  CA  . LYS A 1 79  ? 2.07063   -13.22587 -6.39952  1.000 37.04836  ? 79  LYS A CA  1 
ATOM   375  C  C   . LYS A 1 79  ? 1.68945   -11.74520 -6.34256  1.000 48.09451  ? 79  LYS A C   1 
ATOM   376  O  O   . LYS A 1 79  ? 0.58632   -11.36565 -6.74061  1.000 45.63388  ? 79  LYS A O   1 
ATOM   377  C  CB  . LYS A 1 79  ? 2.60610   -13.59903 -7.78470  1.000 36.63464  ? 79  LYS A CB  1 
ATOM   378  C  CG  . LYS A 1 79  ? 4.02025   -13.13857 -8.04767  1.000 36.17414  ? 79  LYS A CG  1 
ATOM   379  C  CD  . LYS A 1 79  ? 4.40028   -13.28081 -9.51457  1.000 33.98738  ? 79  LYS A CD  1 
ATOM   380  C  CE  . LYS A 1 79  ? 5.71491   -12.55006 -9.79047  1.000 60.96067  ? 79  LYS A CE  1 
ATOM   381  N  NZ  . LYS A 1 79  ? 6.59104   -13.15424 -10.83037 1.000 70.10579  ? 79  LYS A NZ  1 
ATOM   382  N  N   . VAL A 1 80  ? 2.59896   -10.90777 -5.83074  1.000 39.31394  ? 80  VAL A N   1 
ATOM   383  C  CA  . VAL A 1 80  ? 2.34993   -9.47674  -5.69032  1.000 24.88340  ? 80  VAL A CA  1 
ATOM   384  C  C   . VAL A 1 80  ? 3.53579   -8.69288  -6.23113  1.000 35.35849  ? 80  VAL A C   1 
ATOM   385  O  O   . VAL A 1 80  ? 4.66683   -9.18129  -6.25768  1.000 43.38102  ? 80  VAL A O   1 
ATOM   386  C  CB  . VAL A 1 80  ? 2.08053   -9.05504  -4.23062  1.000 27.61098  ? 80  VAL A CB  1 
ATOM   387  C  CG1 . VAL A 1 80  ? 0.97352   -9.90016  -3.60497  1.000 25.86739  ? 80  VAL A CG1 1 
ATOM   388  C  CG2 . VAL A 1 80  ? 3.35374   -9.11994  -3.42400  1.000 34.04207  ? 80  VAL A CG2 1 
ATOM   389  N  N   . ASP A 1 81  ? 3.26654   -7.46107  -6.66332  1.000 39.10343  ? 81  ASP A N   1 
ATOM   390  C  CA  . ASP A 1 81  ? 4.32103   -6.56691  -7.11879  1.000 24.96146  ? 81  ASP A CA  1 
ATOM   391  C  C   . ASP A 1 81  ? 5.23906   -6.20767  -5.95643  1.000 26.72516  ? 81  ASP A C   1 
ATOM   392  O  O   . ASP A 1 81  ? 4.92558   -6.43866  -4.78496  1.000 27.17287  ? 81  ASP A O   1 
ATOM   393  C  CB  . ASP A 1 81  ? 3.73035   -5.29550  -7.74367  1.000 32.47996  ? 81  ASP A CB  1 
ATOM   394  C  CG  . ASP A 1 81  ? 3.27383   -4.25466  -6.69595  1.000 38.21067  ? 81  ASP A CG  1 
ATOM   395  O  OD1 . ASP A 1 81  ? 2.25327   -4.48326  -5.99812  1.000 20.89595  ? 81  ASP A OD1 1 
ATOM   396  O  OD2 . ASP A 1 81  ? 3.92609   -3.18783  -6.58859  1.000 44.83512  ? 81  ASP A OD2 1 
ATOM   397  N  N   . TRP A 1 82  ? 6.38068   -5.60541  -6.29230  1.000 28.37154  ? 82  TRP A N   1 
ATOM   398  C  CA  . TRP A 1 82  ? 7.39167   -5.33491  -5.27793  1.000 22.31203  ? 82  TRP A CA  1 
ATOM   399  C  C   . TRP A 1 82  ? 6.84504   -4.44228  -4.17155  1.000 27.12478  ? 82  TRP A C   1 
ATOM   400  O  O   . TRP A 1 82  ? 7.01262   -4.73252  -2.98160  1.000 31.63704  ? 82  TRP A O   1 
ATOM   401  C  CB  . TRP A 1 82  ? 8.62455   -4.69755  -5.90907  1.000 26.72988  ? 82  TRP A CB  1 
ATOM   402  C  CG  . TRP A 1 82  ? 9.54627   -4.18363  -4.86787  1.000 31.76983  ? 82  TRP A CG  1 
ATOM   403  C  CD1 . TRP A 1 82  ? 9.78836   -2.87758  -4.55692  1.000 42.66612  ? 82  TRP A CD1 1 
ATOM   404  C  CD2 . TRP A 1 82  ? 10.32922  -4.96440  -3.96387  1.000 30.99960  ? 82  TRP A CD2 1 
ATOM   405  N  NE1 . TRP A 1 82  ? 10.68352  -2.79597  -3.51934  1.000 41.44520  ? 82  TRP A NE1 1 
ATOM   406  C  CE2 . TRP A 1 82  ? 11.03049  -4.06512  -3.13554  1.000 50.61912  ? 82  TRP A CE2 1 
ATOM   407  C  CE3 . TRP A 1 82  ? 10.50648  -6.33849  -3.77190  1.000 43.04225  ? 82  TRP A CE3 1 
ATOM   408  C  CZ2 . TRP A 1 82  ? 11.89423  -4.49604  -2.13010  1.000 47.81328  ? 82  TRP A CZ2 1 
ATOM   409  C  CZ3 . TRP A 1 82  ? 11.36634  -6.76448  -2.77887  1.000 34.20325  ? 82  TRP A CZ3 1 
ATOM   410  C  CH2 . TRP A 1 82  ? 12.05157  -5.84627  -1.97181  1.000 49.89011  ? 82  TRP A CH2 1 
ATOM   411  N  N   . PHE A 1 83  ? 6.16918   -3.35776  -4.54304  1.000 33.72017  ? 83  PHE A N   1 
ATOM   412  C  CA  . PHE A 1 83  ? 5.79751   -2.36355  -3.54290  1.000 26.21561  ? 83  PHE A CA  1 
ATOM   413  C  C   . PHE A 1 83  ? 4.70172   -2.86276  -2.61483  1.000 25.15685  ? 83  PHE A C   1 
ATOM   414  O  O   . PHE A 1 83  ? 4.63347   -2.42869  -1.46205  1.000 21.75272  ? 83  PHE A O   1 
ATOM   415  C  CB  . PHE A 1 83  ? 5.39510   -1.06290  -4.22251  1.000 18.94312  ? 83  PHE A CB  1 
ATOM   416  C  CG  . PHE A 1 83  ? 6.55466   -0.33809  -4.81003  1.000 32.19288  ? 83  PHE A CG  1 
ATOM   417  C  CD1 . PHE A 1 83  ? 7.14163   -0.78541  -5.98183  1.000 47.69583  ? 83  PHE A CD1 1 
ATOM   418  C  CD2 . PHE A 1 83  ? 7.09912   0.75670   -4.17056  1.000 44.71791  ? 83  PHE A CD2 1 
ATOM   419  C  CE1 . PHE A 1 83  ? 8.23166   -0.13157  -6.51571  1.000 52.55662  ? 83  PHE A CE1 1 
ATOM   420  C  CE2 . PHE A 1 83  ? 8.19458   1.41867   -4.70045  1.000 40.82262  ? 83  PHE A CE2 1 
ATOM   421  C  CZ  . PHE A 1 83  ? 8.75809   0.97478   -5.86927  1.000 51.92210  ? 83  PHE A CZ  1 
ATOM   422  N  N   . THR A 1 84  ? 3.85099   -3.78184  -3.06500  1.000 22.66423  ? 84  THR A N   1 
ATOM   423  C  CA  . THR A 1 84  ? 2.93737   -4.40004  -2.11290  1.000 16.03619  ? 84  THR A CA  1 
ATOM   424  C  C   . THR A 1 84  ? 3.71272   -5.22428  -1.09290  1.000 27.06750  ? 84  THR A C   1 
ATOM   425  O  O   . THR A 1 84  ? 3.47676   -5.11677  0.11630   1.000 32.37881  ? 84  THR A O   1 
ATOM   426  C  CB  . THR A 1 84  ? 1.89663   -5.25871  -2.82835  1.000 22.92428  ? 84  THR A CB  1 
ATOM   427  O  OG1 . THR A 1 84  ? 1.13471   -4.44737  -3.73243  1.000 21.09991  ? 84  THR A OG1 1 
ATOM   428  C  CG2 . THR A 1 84  ? 0.95261   -5.87970  -1.81726  1.000 17.87435  ? 84  THR A CG2 1 
ATOM   429  N  N   . TYR A 1 85  ? 4.65917   -6.04378  -1.56391  1.000 36.58488  ? 85  TYR A N   1 
ATOM   430  C  CA  . TYR A 1 85  ? 5.51131   -6.80619  -0.65380  1.000 32.73764  ? 85  TYR A CA  1 
ATOM   431  C  C   . TYR A 1 85  ? 6.26128   -5.87567  0.29445   1.000 27.62009  ? 85  TYR A C   1 
ATOM   432  O  O   . TYR A 1 85  ? 6.16572   -6.00772  1.52077   1.000 30.03613  ? 85  TYR A O   1 
ATOM   433  C  CB  . TYR A 1 85  ? 6.48484   -7.68036  -1.45922  1.000 35.71370  ? 85  TYR A CB  1 
ATOM   434  C  CG  . TYR A 1 85  ? 7.57077   -8.35735  -0.64168  1.000 47.21878  ? 85  TYR A CG  1 
ATOM   435  C  CD1 . TYR A 1 85  ? 7.32418   -9.54806  0.03992   1.000 44.55319  ? 85  TYR A CD1 1 
ATOM   436  C  CD2 . TYR A 1 85  ? 8.84688   -7.80722  -0.55762  1.000 49.19865  ? 85  TYR A CD2 1 
ATOM   437  C  CE1 . TYR A 1 85  ? 8.31803   -10.16576 0.78845   1.000 55.61650  ? 85  TYR A CE1 1 
ATOM   438  C  CE2 . TYR A 1 85  ? 9.84573   -8.41769  0.19008   1.000 62.16108  ? 85  TYR A CE2 1 
ATOM   439  C  CZ  . TYR A 1 85  ? 9.57686   -9.59618  0.85956   1.000 68.26794  ? 85  TYR A CZ  1 
ATOM   440  O  OH  . TYR A 1 85  ? 10.56998  -10.20133 1.60047   1.000 65.20963  ? 85  TYR A OH  1 
ATOM   441  N  N   . SER A 1 86  ? 6.98403   -4.90200  -0.26277  1.000 23.33031  ? 86  SER A N   1 
ATOM   442  C  CA  . SER A 1 86  ? 7.79218   -4.00870  0.55863   1.000 22.94682  ? 86  SER A CA  1 
ATOM   443  C  C   . SER A 1 86  ? 6.93274   -3.22096  1.54192   1.000 32.70288  ? 86  SER A C   1 
ATOM   444  O  O   . SER A 1 86  ? 7.30297   -3.06047  2.71266   1.000 34.96714  ? 86  SER A O   1 
ATOM   445  C  CB  . SER A 1 86  ? 8.58920   -3.06613  -0.34044  1.000 28.36225  ? 86  SER A CB  1 
ATOM   446  O  OG  . SER A 1 86  ? 9.22794   -2.06299  0.42423   1.000 45.44642  ? 86  SER A OG  1 
ATOM   447  N  N   . GLY A 1 87  ? 5.77755   -2.72733  1.08567   1.000 28.51880  ? 87  GLY A N   1 
ATOM   448  C  CA  . GLY A 1 87  ? 4.90328   -1.95599  1.95294   1.000 13.99743  ? 87  GLY A CA  1 
ATOM   449  C  C   . GLY A 1 87  ? 4.33286   -2.74610  3.11324   1.000 14.52343  ? 87  GLY A C   1 
ATOM   450  O  O   . GLY A 1 87  ? 4.12195   -2.18957  4.19423   1.000 12.19103  ? 87  GLY A O   1 
ATOM   451  N  N   . TYR A 1 88  ? 4.05987   -4.04032  2.91094   1.000 20.88219  ? 88  TYR A N   1 
ATOM   452  C  CA  . TYR A 1 88  ? 3.67182   -4.88923  4.03490   1.000 21.35242  ? 88  TYR A CA  1 
ATOM   453  C  C   . TYR A 1 88  ? 4.72201   -4.82322  5.13544   1.000 28.38882  ? 88  TYR A C   1 
ATOM   454  O  O   . TYR A 1 88  ? 4.40590   -4.57820  6.30608   1.000 21.51669  ? 88  TYR A O   1 
ATOM   455  C  CB  . TYR A 1 88  ? 3.46439   -6.34007  3.57735   1.000 16.71742  ? 88  TYR A CB  1 
ATOM   456  C  CG  . TYR A 1 88  ? 3.15001   -7.31079  4.71823   1.000 31.48985  ? 88  TYR A CG  1 
ATOM   457  C  CD1 . TYR A 1 88  ? 4.16510   -7.85624  5.50057   1.000 31.88262  ? 88  TYR A CD1 1 
ATOM   458  C  CD2 . TYR A 1 88  ? 1.83824   -7.68168  5.01266   1.000 37.08733  ? 88  TYR A CD2 1 
ATOM   459  C  CE1 . TYR A 1 88  ? 3.88440   -8.72735  6.54659   1.000 31.23494  ? 88  TYR A CE1 1 
ATOM   460  C  CE2 . TYR A 1 88  ? 1.55018   -8.55777  6.06229   1.000 35.83515  ? 88  TYR A CE2 1 
ATOM   461  C  CZ  . TYR A 1 88  ? 2.58179   -9.07758  6.82457   1.000 43.24160  ? 88  TYR A CZ  1 
ATOM   462  O  OH  . TYR A 1 88  ? 2.32272   -9.94697  7.86799   1.000 43.28296  ? 88  TYR A OH  1 
ATOM   463  N  N   . ARG A 1 89  ? 5.98761   -5.02156  4.77116   1.000 24.62336  ? 89  ARG A N   1 
ATOM   464  C  CA  . ARG A 1 89  ? 7.02051   -5.10271  5.79122   1.000 22.43686  ? 89  ARG A CA  1 
ATOM   465  C  C   . ARG A 1 89  ? 7.18455   -3.77038  6.50543   1.000 25.70837  ? 89  ARG A C   1 
ATOM   466  O  O   . ARG A 1 89  ? 7.25942   -3.72770  7.73972   1.000 31.86584  ? 89  ARG A O   1 
ATOM   467  C  CB  . ARG A 1 89  ? 8.33014   -5.58847  5.16612   1.000 26.53595  ? 89  ARG A CB  1 
ATOM   468  C  CG  . ARG A 1 89  ? 8.26600   -7.07597  4.78097   1.000 51.09257  ? 89  ARG A CG  1 
ATOM   469  C  CD  . ARG A 1 89  ? 9.51859   -7.59697  4.07343   1.000 74.61050  ? 89  ARG A CD  1 
ATOM   470  N  NE  . ARG A 1 89  ? 10.13300  -6.59676  3.20653   1.000 69.47766  ? 89  ARG A NE  1 
ATOM   471  C  CZ  . ARG A 1 89  ? 11.35003  -6.09733  3.39818   1.000 87.36310  ? 89  ARG A CZ  1 
ATOM   472  N  NH1 . ARG A 1 89  ? 12.07968  -6.51626  4.42908   1.000 70.48064  ? 89  ARG A NH1 1 
ATOM   473  N  NH2 . ARG A 1 89  ? 11.83599  -5.18317  2.56209   1.000 63.68549  ? 89  ARG A NH2 1 
ATOM   474  N  N   . ARG A 1 90  ? 7.19752   -2.66969  5.75552   1.000 20.40317  ? 90  ARG A N   1 
ATOM   475  C  CA  . ARG A 1 90  ? 7.28041   -1.36132  6.38994   1.000 14.63586  ? 90  ARG A CA  1 
ATOM   476  C  C   . ARG A 1 90  ? 6.08730   -1.11099  7.30377   1.000 20.80865  ? 90  ARG A C   1 
ATOM   477  O  O   . ARG A 1 90  ? 6.22627   -0.47498  8.35860   1.000 19.46017  ? 90  ARG A O   1 
ATOM   478  C  CB  . ARG A 1 90  ? 7.38639   -0.27948  5.32395   1.000 19.17324  ? 90  ARG A CB  1 
ATOM   479  C  CG  . ARG A 1 90  ? 8.52613   -0.51417  4.37370   1.000 22.37645  ? 90  ARG A CG  1 
ATOM   480  C  CD  . ARG A 1 90  ? 9.85009   -0.28325  5.07711   1.000 37.32760  ? 90  ARG A CD  1 
ATOM   481  N  NE  . ARG A 1 90  ? 10.97568  -0.78648  4.29414   1.000 64.33640  ? 90  ARG A NE  1 
ATOM   482  C  CZ  . ARG A 1 90  ? 12.24953  -0.67322  4.65775   1.000 74.84254  ? 90  ARG A CZ  1 
ATOM   483  N  NH1 . ARG A 1 90  ? 13.21044  -1.16092  3.87876   1.000 66.60758  ? 90  ARG A NH1 1 
ATOM   484  N  NH2 . ARG A 1 90  ? 12.56266  -0.07382  5.80141   1.000 74.57764  ? 90  ARG A NH2 1 
ATOM   485  N  N   . TYR A 1 91  ? 4.90596   -1.60796  6.92297   1.000 19.32364  ? 91  TYR A N   1 
ATOM   486  C  CA  . TYR A 1 91  ? 3.72503   -1.42576  7.76351   1.000 16.24785  ? 91  TYR A CA  1 
ATOM   487  C  C   . TYR A 1 91  ? 3.87436   -2.16015  9.08605   1.000 20.35819  ? 91  TYR A C   1 
ATOM   488  O  O   . TYR A 1 91  ? 3.65709   -1.58322  10.15857  1.000 21.48204  ? 91  TYR A O   1 
ATOM   489  C  CB  . TYR A 1 91  ? 2.47203   -1.91103  7.04459   1.000 16.28715  ? 91  TYR A CB  1 
ATOM   490  C  CG  . TYR A 1 91  ? 1.24538   -1.78964  7.90653   1.000 12.51232  ? 91  TYR A CG  1 
ATOM   491  C  CD1 . TYR A 1 91  ? 0.57117   -0.58443  8.02004   1.000 15.12320  ? 91  TYR A CD1 1 
ATOM   492  C  CD2 . TYR A 1 91  ? 0.77309   -2.86905  8.62420   1.000 13.96395  ? 91  TYR A CD2 1 
ATOM   493  C  CE1 . TYR A 1 91  ? -0.54940  -0.46899  8.81534   1.000 15.55916  ? 91  TYR A CE1 1 
ATOM   494  C  CE2 . TYR A 1 91  ? -0.34434  -2.76439  9.42660   1.000 12.40342  ? 91  TYR A CE2 1 
ATOM   495  C  CZ  . TYR A 1 91  ? -1.00095  -1.56882  9.51858   1.000 17.04299  ? 91  TYR A CZ  1 
ATOM   496  O  OH  . TYR A 1 91  ? -2.10886  -1.46892  10.32757  1.000 23.71090  ? 91  TYR A OH  1 
ATOM   497  N  N   . HIS A 1 92  ? 4.21350   -3.45193  9.01993   1.000 25.36937  ? 92  HIS A N   1 
ATOM   498  C  CA  . HIS A 1 92  ? 4.44380   -4.24468  10.22413  1.000 30.00523  ? 92  HIS A CA  1 
ATOM   499  C  C   . HIS A 1 92  ? 5.49684   -3.59923  11.12408  1.000 32.25555  ? 92  HIS A C   1 
ATOM   500  O  O   . HIS A 1 92  ? 5.34147   -3.55456  12.35305  1.000 33.00042  ? 92  HIS A O   1 
ATOM   501  C  CB  . HIS A 1 92  ? 4.85996   -5.65716  9.81751   1.000 26.01906  ? 92  HIS A CB  1 
ATOM   502  C  CG  . HIS A 1 92  ? 5.06149   -6.59085  10.97189  1.000 70.38976  ? 92  HIS A CG  1 
ATOM   503  N  ND1 . HIS A 1 92  ? 6.14616   -6.50595  11.82019  1.000 66.02402  ? 92  HIS A ND1 1 
ATOM   504  C  CD2 . HIS A 1 92  ? 4.32484   -7.64142  11.40690  1.000 63.63753  ? 92  HIS A CD2 1 
ATOM   505  C  CE1 . HIS A 1 92  ? 6.06286   -7.45690  12.73323  1.000 74.36187  ? 92  HIS A CE1 1 
ATOM   506  N  NE2 . HIS A 1 92  ? 4.96799   -8.16045  12.50386  1.000 76.86960  ? 92  HIS A NE2 1 
ATOM   507  N  N   . ALA A 1 93  ? 6.56672   -3.08209  10.52247  1.000 18.03329  ? 93  ALA A N   1 
ATOM   508  C  CA  . ALA A 1 93  ? 7.62311   -2.42190  11.27795  1.000 17.17299  ? 93  ALA A CA  1 
ATOM   509  C  C   . ALA A 1 93  ? 7.10994   -1.16954  11.97440  1.000 21.87927  ? 93  ALA A C   1 
ATOM   510  O  O   . ALA A 1 93  ? 7.19800   -1.04102  13.19968  1.000 36.37932  ? 93  ALA A O   1 
ATOM   511  C  CB  . ALA A 1 93  ? 8.78877   -2.07325  10.34357  1.000 16.99607  ? 93  ALA A CB  1 
ATOM   512  N  N   . GLU A 1 94  ? 6.55978   -0.22985  11.20832  1.000 30.88521  ? 94  GLU A N   1 
ATOM   513  C  CA  . GLU A 1 94  ? 6.38116   1.12077   11.70775  1.000 13.80405  ? 94  GLU A CA  1 
ATOM   514  C  C   . GLU A 1 94  ? 4.94117   1.51134   12.00865  1.000 14.23040  ? 94  GLU A C   1 
ATOM   515  O  O   . GLU A 1 94  ? 4.73239   2.59289   12.56580  1.000 19.62890  ? 94  GLU A O   1 
ATOM   516  C  CB  . GLU A 1 94  ? 6.97495   2.13019   10.71094  1.000 23.77919  ? 94  GLU A CB  1 
ATOM   517  C  CG  . GLU A 1 94  ? 8.47167   1.95130   10.41598  1.000 28.81425  ? 94  GLU A CG  1 
ATOM   518  C  CD  . GLU A 1 94  ? 9.37980   2.91414   11.20047  1.000 59.38145  ? 94  GLU A CD  1 
ATOM   519  O  OE1 . GLU A 1 94  ? 10.60382  2.94524   10.92147  1.000 59.79021  ? 94  GLU A OE1 1 
ATOM   520  O  OE2 . GLU A 1 94  ? 8.87770   3.63968   12.09331  1.000 55.00566  ? 94  GLU A OE2 1 
ATOM   521  N  N   . CYS A 1 95  ? 3.94219   0.68321   11.68237  1.000 20.88486  ? 95  CYS A N   1 
ATOM   522  C  CA  . CYS A 1 95  ? 2.55863   1.14331   11.84115  1.000 20.51435  ? 95  CYS A CA  1 
ATOM   523  C  C   . CYS A 1 95  ? 1.67166   0.15104   12.58027  1.000 15.07183  ? 95  CYS A C   1 
ATOM   524  O  O   . CYS A 1 95  ? 0.70757   0.54510   13.24497  1.000 21.00368  ? 95  CYS A O   1 
ATOM   525  C  CB  . CYS A 1 95  ? 1.91022   1.43960   10.47986  1.000 15.96516  ? 95  CYS A CB  1 
ATOM   526  S  SG  . CYS A 1 95  ? 2.91363   2.24072   9.24186   1.000 16.25130  ? 95  CYS A SG  1 
ATOM   527  N  N   . HIS A 1 96  ? 1.98032   -1.13848  12.43426  1.000 20.95372  ? 96  HIS A N   1 
ATOM   528  C  CA  . HIS A 1 96  ? 1.19481   -2.21542  13.03539  1.000 17.32204  ? 96  HIS A CA  1 
ATOM   529  C  C   . HIS A 1 96  ? 0.92254   -1.98565  14.51824  1.000 20.20885  ? 96  HIS A C   1 
ATOM   530  O  O   . HIS A 1 96  ? -0.12940  -2.38603  15.02434  1.000 22.63568  ? 96  HIS A O   1 
ATOM   531  C  CB  . HIS A 1 96  ? 1.93762   -3.53532  12.79027  1.000 31.96996  ? 96  HIS A CB  1 
ATOM   532  C  CG  . HIS A 1 96  ? 1.61339   -4.63163  13.75389  1.000 56.15951  ? 96  HIS A CG  1 
ATOM   533  N  ND1 . HIS A 1 96  ? 0.61379   -5.55358  13.52347  1.000 66.94497  ? 96  HIS A ND1 1 
ATOM   534  C  CD2 . HIS A 1 96  ? 2.19674   -4.99199  14.92135  1.000 60.01033  ? 96  HIS A CD2 1 
ATOM   535  C  CE1 . HIS A 1 96  ? 0.57460   -6.41593  14.52314  1.000 63.15733  ? 96  HIS A CE1 1 
ATOM   536  N  NE2 . HIS A 1 96  ? 1.52290   -6.09558  15.38594  1.000 86.82191  ? 96  HIS A NE2 1 
ATOM   537  N  N   . VAL A 1 97  ? 1.82822   -1.30120  15.21952  1.000 33.31841  ? 97  VAL A N   1 
ATOM   538  C  CA  . VAL A 1 97  ? 1.70032   -1.15290  16.67009  1.000 30.67044  ? 97  VAL A CA  1 
ATOM   539  C  C   . VAL A 1 97  ? 0.40260   -0.43456  17.03470  1.000 29.47011  ? 97  VAL A C   1 
ATOM   540  O  O   . VAL A 1 97  ? -0.35220  -0.88482  17.90564  1.000 36.37638  ? 97  VAL A O   1 
ATOM   541  C  CB  . VAL A 1 97  ? 2.93130   -0.42927  17.24460  1.000 33.59352  ? 97  VAL A CB  1 
ATOM   542  C  CG1 . VAL A 1 97  ? 3.26314   0.80451   16.41241  1.000 15.47797  ? 97  VAL A CG1 1 
ATOM   543  C  CG2 . VAL A 1 97  ? 2.71248   -0.07637  18.71304  1.000 27.43159  ? 97  VAL A CG2 1 
ATOM   544  N  N   . CYS A 1 98  ? 0.12366   0.69203   16.37937  1.000 24.63082  ? 98  CYS A N   1 
ATOM   545  C  CA  . CYS A 1 98  ? -1.08256  1.45136   16.67839  1.000 18.80171  ? 98  CYS A CA  1 
ATOM   546  C  C   . CYS A 1 98  ? -2.27595  1.06752   15.81511  1.000 26.10690  ? 98  CYS A C   1 
ATOM   547  O  O   . CYS A 1 98  ? -3.41692  1.17326   16.28106  1.000 28.35230  ? 98  CYS A O   1 
ATOM   548  C  CB  . CYS A 1 98  ? -0.82171  2.93861   16.50955  1.000 24.43571  ? 98  CYS A CB  1 
ATOM   549  S  SG  . CYS A 1 98  ? 0.51638   3.60925   17.52233  1.000 27.47155  ? 98  CYS A SG  1 
ATOM   550  N  N   . HIS A 1 99  ? -2.04686  0.61683   14.58070  1.000 24.81541  ? 99  HIS A N   1 
ATOM   551  C  CA  . HIS A 1 99  ? -3.11736  0.39573   13.61464  1.000 20.41243  ? 99  HIS A CA  1 
ATOM   552  C  C   . HIS A 1 99  ? -3.47534  -1.06609  13.43046  1.000 26.29312  ? 99  HIS A C   1 
ATOM   553  O  O   . HIS A 1 99  ? -4.34120  -1.38072  12.60222  1.000 29.60442  ? 99  HIS A O   1 
ATOM   554  C  CB  . HIS A 1 99  ? -2.73261  0.99712   12.26398  1.000 17.18689  ? 99  HIS A CB  1 
ATOM   555  C  CG  . HIS A 1 99  ? -2.92336  2.47425   12.20652  1.000 13.27750  ? 99  HIS A CG  1 
ATOM   556  N  ND1 . HIS A 1 99  ? -4.17062  3.05368   12.19789  1.000 17.16752  ? 99  HIS A ND1 1 
ATOM   557  C  CD2 . HIS A 1 99  ? -2.03337  3.49198   12.24197  1.000 10.88806  ? 99  HIS A CD2 1 
ATOM   558  C  CE1 . HIS A 1 99  ? -4.04019  4.36657   12.18423  1.000 22.18758  ? 99  HIS A CE1 1 
ATOM   559  N  NE2 . HIS A 1 99  ? -2.75403  4.65556   12.21981  1.000 11.98576  ? 99  HIS A NE2 1 
ATOM   560  N  N   . GLY A 1 100 ? -2.83040  -1.96152  14.17059  1.000 24.61420  ? 100 GLY A N   1 
ATOM   561  C  CA  . GLY A 1 100 ? -3.20019  -3.35360  14.18374  1.000 21.93992  ? 100 GLY A CA  1 
ATOM   562  C  C   . GLY A 1 100 ? -2.72079  -4.10455  12.96865  1.000 17.54617  ? 100 GLY A C   1 
ATOM   563  O  O   . GLY A 1 100 ? -2.24220  -3.52403  11.99513  1.000 37.68741  ? 100 GLY A O   1 
ATOM   564  N  N   . PRO A 1 101 ? -2.86275  -5.42269  12.99593  1.000 42.01122  ? 101 PRO A N   1 
ATOM   565  C  CA  . PRO A 1 101 ? -2.32731  -6.23965  11.90343  1.000 35.65292  ? 101 PRO A CA  1 
ATOM   566  C  C   . PRO A 1 101 ? -3.14282  -6.06133  10.63541  1.000 42.33362  ? 101 PRO A C   1 
ATOM   567  O  O   . PRO A 1 101 ? -4.37044  -5.94240  10.67583  1.000 35.00134  ? 101 PRO A O   1 
ATOM   568  C  CB  . PRO A 1 101 ? -2.44600  -7.67264  12.43713  1.000 50.67940  ? 101 PRO A CB  1 
ATOM   569  C  CG  . PRO A 1 101 ? -3.03754  -7.55132  13.84122  1.000 51.25506  ? 101 PRO A CG  1 
ATOM   570  C  CD  . PRO A 1 101 ? -3.67019  -6.21540  13.93295  1.000 40.61119  ? 101 PRO A CD  1 
ATOM   571  N  N   . ASP A 1 102 ? -2.44542  -6.04078  9.50077   1.000 44.24551  ? 102 ASP A N   1 
ATOM   572  C  CA  . ASP A 1 102 ? -3.08013  -6.00193  8.18601   1.000 33.45256  ? 102 ASP A CA  1 
ATOM   573  C  C   . ASP A 1 102 ? -3.99880  -4.79812  8.01261   1.000 32.19622  ? 102 ASP A C   1 
ATOM   574  O  O   . ASP A 1 102 ? -4.92376  -4.83889  7.19731   1.000 33.14530  ? 102 ASP A O   1 
ATOM   575  C  CB  . ASP A 1 102 ? -3.86453  -7.29225  7.92589   1.000 42.43229  ? 102 ASP A CB  1 
ATOM   576  C  CG  . ASP A 1 102 ? -2.97737  -8.51837  7.91703   1.000 60.50905  ? 102 ASP A CG  1 
ATOM   577  O  OD1 . ASP A 1 102 ? -2.37785  -8.80039  6.85109   1.000 68.04602  ? 102 ASP A OD1 1 
ATOM   578  O  OD2 . ASP A 1 102 ? -2.87830  -9.19057  8.97347   1.000 59.83105  ? 102 ASP A OD2 1 
ATOM   579  N  N   . GLY A 1 103 ? -3.76915  -3.73120  8.77395   1.000 21.82762  ? 103 GLY A N   1 
ATOM   580  C  CA  . GLY A 1 103 ? -4.64119  -2.57321  8.73966   1.000 27.70409  ? 103 GLY A CA  1 
ATOM   581  C  C   . GLY A 1 103 ? -6.01477  -2.78463  9.34024   1.000 37.53210  ? 103 GLY A C   1 
ATOM   582  O  O   . GLY A 1 103 ? -6.97386  -2.12292  8.92462   1.000 29.71091  ? 103 GLY A O   1 
ATOM   583  N  N   . MET A 1 104 ? -6.13695  -3.67830  10.32063  1.000 37.05613  ? 104 MET A N   1 
ATOM   584  C  CA  . MET A 1 104 ? -7.43865  -4.05074  10.85633  1.000 37.16332  ? 104 MET A CA  1 
ATOM   585  C  C   . MET A 1 104 ? -7.93778  -3.11057  11.94108  1.000 35.47394  ? 104 MET A C   1 
ATOM   586  O  O   . MET A 1 104 ? -9.12342  -3.16540  12.28120  1.000 38.54990  ? 104 MET A O   1 
ATOM   587  C  CB  . MET A 1 104 ? -7.39578  -5.47981  11.40431  1.000 31.37084  ? 104 MET A CB  1 
ATOM   588  C  CG  . MET A 1 104 ? -7.46267  -6.53114  10.32093  1.000 35.33440  ? 104 MET A CG  1 
ATOM   589  S  SD  . MET A 1 104 ? -8.82496  -6.21346  9.18205   1.000 62.99211  ? 104 MET A SD  1 
ATOM   590  C  CE  . MET A 1 104 ? -10.20493 -6.96348  10.04962  1.000 67.19990  ? 104 MET A CE  1 
ATOM   591  N  N   . GLY A 1 105 ? -7.07956  -2.26424  12.49134  1.000 18.81339  ? 105 GLY A N   1 
ATOM   592  C  CA  . GLY A 1 105 ? -7.51305  -1.33774  13.51182  1.000 23.78294  ? 105 GLY A CA  1 
ATOM   593  C  C   . GLY A 1 105 ? -7.16526  -1.81072  14.91554  1.000 36.43608  ? 105 GLY A C   1 
ATOM   594  O  O   . GLY A 1 105 ? -6.84688  -2.98229  15.15925  1.000 31.16228  ? 105 GLY A O   1 
ATOM   595  N  N   . SER A 1 106 ? -7.23618  -0.86939  15.85738  1.000 24.33687  ? 106 SER A N   1 
ATOM   596  C  CA  . SER A 1 106 ? -6.88239  -1.13812  17.24063  1.000 30.89868  ? 106 SER A CA  1 
ATOM   597  C  C   . SER A 1 106 ? -7.65946  -0.20670  18.16115  1.000 49.44284  ? 106 SER A C   1 
ATOM   598  O  O   . SER A 1 106 ? -8.39384  0.68168   17.71832  1.000 50.48427  ? 106 SER A O   1 
ATOM   599  C  CB  . SER A 1 106 ? -5.37935  -0.98984  17.46832  1.000 41.04361  ? 106 SER A CB  1 
ATOM   600  O  OG  . SER A 1 106 ? -5.08129  -1.03024  18.85374  1.000 73.67552  ? 106 SER A OG  1 
ATOM   601  N  N   . THR A 1 107 ? -7.47779  -0.42520  19.46455  1.000 59.21125  ? 107 THR A N   1 
ATOM   602  C  CA  . THR A 1 107 ? -8.18202  0.34743   20.47654  1.000 66.65476  ? 107 THR A CA  1 
ATOM   603  C  C   . THR A 1 107 ? -7.83050  1.82400   20.42134  1.000 60.41464  ? 107 THR A C   1 
ATOM   604  O  O   . THR A 1 107 ? -8.61969  2.65641   20.87979  1.000 63.07241  ? 107 THR A O   1 
ATOM   605  C  CB  . THR A 1 107 ? -7.86217  -0.21594  21.86087  1.000 67.98963  ? 107 THR A CB  1 
ATOM   606  O  OG1 . THR A 1 107 ? -7.90333  -1.64644  21.80460  1.000 79.85768  ? 107 THR A OG1 1 
ATOM   607  C  CG2 . THR A 1 107 ? -8.86809  0.27453   22.89115  1.000 49.01820  ? 107 THR A CG2 1 
ATOM   608  N  N   . TYR A 1 108 ? -6.67016  2.17251   19.86919  1.000 53.87785  ? 108 TYR A N   1 
ATOM   609  C  CA  . TYR A 1 108 ? -6.26596  3.56559   19.80352  1.000 57.02680  ? 108 TYR A CA  1 
ATOM   610  C  C   . TYR A 1 108 ? -6.30607  4.16276   18.39926  1.000 58.55109  ? 108 TYR A C   1 
ATOM   611  O  O   . TYR A 1 108 ? -6.32849  5.39182   18.28121  1.000 54.64030  ? 108 TYR A O   1 
ATOM   612  C  CB  . TYR A 1 108 ? -4.85625  3.73499   20.40020  1.000 66.56867  ? 108 TYR A CB  1 
ATOM   613  C  CG  . TYR A 1 108 ? -4.29738  5.14900   20.32533  1.000 74.84681  ? 108 TYR A CG  1 
ATOM   614  C  CD1 . TYR A 1 108 ? -4.99453  6.23279   20.86662  1.000 66.54944  ? 108 TYR A CD1 1 
ATOM   615  C  CD2 . TYR A 1 108 ? -3.06675  5.40003   19.71561  1.000 71.45777  ? 108 TYR A CD2 1 
ATOM   616  C  CE1 . TYR A 1 108 ? -4.48286  7.53386   20.79397  1.000 62.86585  ? 108 TYR A CE1 1 
ATOM   617  C  CE2 . TYR A 1 108 ? -2.54284  6.69399   19.63963  1.000 56.81313  ? 108 TYR A CE2 1 
ATOM   618  C  CZ  . TYR A 1 108 ? -3.25432  7.75505   20.17976  1.000 75.34127  ? 108 TYR A CZ  1 
ATOM   619  O  OH  . TYR A 1 108 ? -2.73170  9.02942   20.10180  1.000 52.77401  ? 108 TYR A OH  1 
ATOM   620  N  N   . ALA A 1 109 ? -6.35837  3.35323   17.33734  1.000 42.73195  ? 109 ALA A N   1 
ATOM   621  C  CA  . ALA A 1 109 ? -6.21058  3.94241   16.01026  1.000 34.49996  ? 109 ALA A CA  1 
ATOM   622  C  C   . ALA A 1 109 ? -7.07497  3.22388   14.98330  1.000 27.68140  ? 109 ALA A C   1 
ATOM   623  O  O   . ALA A 1 109 ? -7.33416  2.02466   15.12094  1.000 33.35734  ? 109 ALA A O   1 
ATOM   624  C  CB  . ALA A 1 109 ? -4.73968  3.93224   15.56539  1.000 33.39507  ? 109 ALA A CB  1 
ATOM   625  N  N   . PRO A 1 110 ? -7.50317  3.92491   13.93237  1.000 22.84651  ? 110 PRO A N   1 
ATOM   626  C  CA  . PRO A 1 110 ? -8.45556  3.35508   12.97278  1.000 19.35936  ? 110 PRO A CA  1 
ATOM   627  C  C   . PRO A 1 110 ? -7.84007  2.32909   12.03679  1.000 23.15757  ? 110 PRO A C   1 
ATOM   628  O  O   . PRO A 1 110 ? -6.63433  2.10898   11.97884  1.000 24.29308  ? 110 PRO A O   1 
ATOM   629  C  CB  . PRO A 1 110 ? -8.91105  4.57695   12.17525  1.000 20.40106  ? 110 PRO A CB  1 
ATOM   630  C  CG  . PRO A 1 110 ? -7.74317  5.47980   12.22245  1.000 19.32435  ? 110 PRO A CG  1 
ATOM   631  C  CD  . PRO A 1 110 ? -7.24887  5.34584   13.64723  1.000 32.14092  ? 110 PRO A CD  1 
ATOM   632  N  N   . ALA A 1 111 ? -8.72057  1.73176   11.24816  1.000 24.07454  ? 111 ALA A N   1 
ATOM   633  C  CA  . ALA A 1 111 ? -8.39708  0.58469   10.41697  1.000 24.11534  ? 111 ALA A CA  1 
ATOM   634  C  C   . ALA A 1 111 ? -8.08716  1.08754   9.01572   1.000 27.76386  ? 111 ALA A C   1 
ATOM   635  O  O   . ALA A 1 111 ? -8.99373  1.38950   8.23519   1.000 33.89491  ? 111 ALA A O   1 
ATOM   636  C  CB  . ALA A 1 111 ? -9.54988  -0.40962  10.41635  1.000 23.12576  ? 111 ALA A CB  1 
ATOM   637  N  N   . LEU A 1 112 ? -6.79963  1.14223   8.68727   1.000 23.89688  ? 112 LEU A N   1 
ATOM   638  C  CA  . LEU A 1 112 ? -6.36372  1.72124   7.42479   1.000 15.95963  ? 112 LEU A CA  1 
ATOM   639  C  C   . LEU A 1 112 ? -6.83079  0.94273   6.20189   1.000 19.31830  ? 112 LEU A C   1 
ATOM   640  O  O   . LEU A 1 112 ? -6.75512  1.47950   5.09163   1.000 26.97776  ? 112 LEU A O   1 
ATOM   641  C  CB  . LEU A 1 112 ? -4.83746  1.84584   7.41099   1.000 16.30295  ? 112 LEU A CB  1 
ATOM   642  C  CG  . LEU A 1 112 ? -4.28651  2.66254   8.58477   1.000 20.56662  ? 112 LEU A CG  1 
ATOM   643  C  CD1 . LEU A 1 112 ? -2.79722  2.87281   8.43845   1.000 15.47206  ? 112 LEU A CD1 1 
ATOM   644  C  CD2 . LEU A 1 112 ? -5.01460  3.98848   8.74971   1.000 6.54340   ? 112 LEU A CD2 1 
ATOM   645  N  N   . LYS A 1 113 ? -7.30619  -0.29549  6.34589   1.000 20.16269  ? 113 LYS A N   1 
ATOM   646  C  CA  . LYS A 1 113 ? -7.85540  -0.94140  5.15706   1.000 23.46905  ? 113 LYS A CA  1 
ATOM   647  C  C   . LYS A 1 113 ? -9.17234  -0.29924  4.75173   1.000 23.18047  ? 113 LYS A C   1 
ATOM   648  O  O   . LYS A 1 113 ? -9.54161  -0.34219  3.57661   1.000 26.07844  ? 113 LYS A O   1 
ATOM   649  C  CB  . LYS A 1 113 ? -8.03779  -2.44549  5.36711   1.000 26.70356  ? 113 LYS A CB  1 
ATOM   650  C  CG  . LYS A 1 113 ? -8.97920  -2.83146  6.48808   1.000 42.13681  ? 113 LYS A CG  1 
ATOM   651  C  CD  . LYS A 1 113 ? -9.78502  -4.06744  6.12122   1.000 54.47171  ? 113 LYS A CD  1 
ATOM   652  C  CE  . LYS A 1 113 ? -11.19411 -4.00686  6.69708   1.000 58.24743  ? 113 LYS A CE  1 
ATOM   653  N  NZ  . LYS A 1 113 ? -11.96029 -5.26128  6.42833   1.000 80.27904  ? 113 LYS A NZ  1 
ATOM   654  N  N   . ASP A 1 114 ? -9.88594  0.30816   5.70327   1.000 27.32223  ? 114 ASP A N   1 
ATOM   655  C  CA  . ASP A 1 114 ? -11.07809 1.07258   5.36226   1.000 31.43593  ? 114 ASP A CA  1 
ATOM   656  C  C   . ASP A 1 114 ? -10.74320 2.51366   5.00002   1.000 30.36990  ? 114 ASP A C   1 
ATOM   657  O  O   . ASP A 1 114 ? -11.50636 3.15811   4.27036   1.000 28.75922  ? 114 ASP A O   1 
ATOM   658  C  CB  . ASP A 1 114 ? -12.07641 1.04175   6.52222   1.000 35.37784  ? 114 ASP A CB  1 
ATOM   659  C  CG  . ASP A 1 114 ? -12.75727 -0.32260  6.68421   1.000 69.20947  ? 114 ASP A CG  1 
ATOM   660  O  OD1 . ASP A 1 114 ? -13.07302 -0.69598  7.83850   1.000 74.13367  ? 114 ASP A OD1 1 
ATOM   661  O  OD2 . ASP A 1 114 ? -12.97686 -1.02322  5.66518   1.000 55.90860  ? 114 ASP A OD2 1 
ATOM   662  N  N   . SER A 1 115 ? -9.61037  3.02105   5.49523   1.000 24.09723  ? 115 SER A N   1 
ATOM   663  C  CA  . SER A 1 115 ? -9.23091  4.41313   5.26841   1.000 20.06860  ? 115 SER A CA  1 
ATOM   664  C  C   . SER A 1 115 ? -8.97019  4.68183   3.79431   1.000 20.63135  ? 115 SER A C   1 
ATOM   665  O  O   . SER A 1 115 ? -9.39013  5.71106   3.25126   1.000 22.45085  ? 115 SER A O   1 
ATOM   666  C  CB  . SER A 1 115 ? -7.98345  4.75714   6.08914   1.000 18.68134  ? 115 SER A CB  1 
ATOM   667  O  OG  . SER A 1 115 ? -8.30428  5.03849   7.44153   1.000 20.58646  ? 115 SER A OG  1 
ATOM   668  N  N   . LEU A 1 116 ? -8.27960  3.77858   3.13285   1.000 14.84763  ? 116 LEU A N   1 
ATOM   669  C  CA  . LEU A 1 116 ? -7.88740  4.03454   1.76730   1.000 15.82761  ? 116 LEU A CA  1 
ATOM   670  C  C   . LEU A 1 116 ? -8.97828  3.73038   0.77663   1.000 20.09575  ? 116 LEU A C   1 
ATOM   671  O  O   . LEU A 1 116 ? -8.69754  3.59391   -0.41924  1.000 39.17175  ? 116 LEU A O   1 
ATOM   672  C  CB  . LEU A 1 116 ? -6.61274  3.26407   1.45378   1.000 27.84178  ? 116 LEU A CB  1 
ATOM   673  C  CG  . LEU A 1 116 ? -5.53193  4.20672   1.97297   1.000 26.88618  ? 116 LEU A CG  1 
ATOM   674  C  CD1 . LEU A 1 116 ? -4.22162  3.54539   2.09680   1.000 30.75836  ? 116 LEU A CD1 1 
ATOM   675  C  CD2 . LEU A 1 116 ? -5.41880  5.40766   1.05821   1.000 31.02051  ? 116 LEU A CD2 1 
ATOM   676  N  N   . LYS A 1 117 ? -10.21668 3.62576   1.24933   1.000 16.58342  ? 117 LYS A N   1 
ATOM   677  C  CA  . LYS A 1 117 ? -11.36163 3.76394   0.36383   1.000 15.65792  ? 117 LYS A CA  1 
ATOM   678  C  C   . LYS A 1 117 ? -11.71778 5.23167   0.12863   1.000 21.35851  ? 117 LYS A C   1 
ATOM   679  O  O   . LYS A 1 117 ? -12.08764 5.59292   -0.99153  1.000 23.58222  ? 117 LYS A O   1 
ATOM   680  C  CB  . LYS A 1 117 ? -12.55442 3.00348   0.93721   1.000 19.30841  ? 117 LYS A CB  1 
ATOM   681  C  CG  . LYS A 1 117 ? -12.27709 1.53304   1.19303   1.000 15.83979  ? 117 LYS A CG  1 
ATOM   682  C  CD  . LYS A 1 117 ? -13.42867 0.87918   1.96001   1.000 25.77898  ? 117 LYS A CD  1 
ATOM   683  C  CE  . LYS A 1 117 ? -13.07259 -0.52599  2.43000   1.000 24.21097  ? 117 LYS A CE  1 
ATOM   684  N  NZ  . LYS A 1 117 ? -13.27162 -1.52650  1.34702   1.000 33.79989  ? 117 LYS A NZ  1 
ATOM   685  N  N   . ARG A 1 118 ? -11.58420 6.09306   1.14755   1.000 14.77859  ? 118 ARG A N   1 
ATOM   686  C  CA  . ARG A 1 118 ? -11.87714 7.51991   1.01979   1.000 12.62553  ? 118 ARG A CA  1 
ATOM   687  C  C   . ARG A 1 118 ? -10.65898 8.35559   0.65374   1.000 12.80734  ? 118 ARG A C   1 
ATOM   688  O  O   . ARG A 1 118 ? -10.74555 9.23209   -0.20761  1.000 30.69619  ? 118 ARG A O   1 
ATOM   689  C  CB  . ARG A 1 118 ? -12.44406 8.07062   2.32231   1.000 15.73738  ? 118 ARG A CB  1 
ATOM   690  C  CG  . ARG A 1 118 ? -13.50385 7.22996   2.92175   1.000 27.79295  ? 118 ARG A CG  1 
ATOM   691  C  CD  . ARG A 1 118 ? -13.82909 7.73448   4.29331   1.000 29.71646  ? 118 ARG A CD  1 
ATOM   692  N  NE  . ARG A 1 118 ? -12.88913 7.21055   5.26584   1.000 31.06378  ? 118 ARG A NE  1 
ATOM   693  C  CZ  . ARG A 1 118 ? -11.98657 7.95531   5.88481   1.000 32.54790  ? 118 ARG A CZ  1 
ATOM   694  N  NH1 . ARG A 1 118 ? -11.91319 9.25532   5.62614   1.000 24.12679  ? 118 ARG A NH1 1 
ATOM   695  N  NH2 . ARG A 1 118 ? -11.16276 7.39675   6.76057   1.000 29.16299  ? 118 ARG A NH2 1 
ATOM   696  N  N   . LEU A 1 119 ? -9.53688  8.12175   1.32721   1.000 23.48757  ? 119 LEU A N   1 
ATOM   697  C  CA  . LEU A 1 119 ? -8.37987  9.00341   1.22140   1.000 21.70688  ? 119 LEU A CA  1 
ATOM   698  C  C   . LEU A 1 119 ? -7.68683  8.86907   -0.12807  1.000 19.65835  ? 119 LEU A C   1 
ATOM   699  O  O   . LEU A 1 119 ? -7.33879  7.76094   -0.55174  1.000 18.38338  ? 119 LEU A O   1 
ATOM   700  C  CB  . LEU A 1 119 ? -7.38120  8.69109   2.32799   1.000 15.17364  ? 119 LEU A CB  1 
ATOM   701  C  CG  . LEU A 1 119 ? -7.81817  8.92662   3.76081   1.000 18.93708  ? 119 LEU A CG  1 
ATOM   702  C  CD1 . LEU A 1 119 ? -6.66054  8.56207   4.64802   1.000 15.65817  ? 119 LEU A CD1 1 
ATOM   703  C  CD2 . LEU A 1 119 ? -8.24311  10.36832  3.98660   1.000 19.47719  ? 119 LEU A CD2 1 
ATOM   704  N  N   . SER A 1 120 ? -7.44636  10.00892  -0.78021  1.000 22.80540  ? 120 SER A N   1 
ATOM   705  C  CA  . SER A 1 120 ? -6.66776  10.01722  -2.00818  1.000 18.71162  ? 120 SER A CA  1 
ATOM   706  C  C   . SER A 1 120 ? -5.19215  9.79443   -1.69187  1.000 19.03757  ? 120 SER A C   1 
ATOM   707  O  O   . SER A 1 120 ? -4.77185  9.75614   -0.53164  1.000 18.19641  ? 120 SER A O   1 
ATOM   708  C  CB  . SER A 1 120 ? -6.85845  11.32992  -2.77050  1.000 22.32686  ? 120 SER A CB  1 
ATOM   709  O  OG  . SER A 1 120 ? -6.47035  12.45765  -2.00841  1.000 24.27062  ? 120 SER A OG  1 
ATOM   710  N  N   . TYR A 1 121 ? -4.39345  9.64440   -2.74660  1.000 19.25314  ? 121 TYR A N   1 
ATOM   711  C  CA  . TYR A 1 121 ? -2.96701  9.43332   -2.53480  1.000 17.56670  ? 121 TYR A CA  1 
ATOM   712  C  C   . TYR A 1 121 ? -2.33803  10.61264  -1.79962  1.000 21.01787  ? 121 TYR A C   1 
ATOM   713  O  O   . TYR A 1 121 ? -1.52590  10.42363  -0.88924  1.000 21.90481  ? 121 TYR A O   1 
ATOM   714  C  CB  . TYR A 1 121 ? -2.26307  9.19713   -3.86690  1.000 17.63283  ? 121 TYR A CB  1 
ATOM   715  C  CG  . TYR A 1 121 ? -0.77384  9.30567   -3.74877  1.000 18.17533  ? 121 TYR A CG  1 
ATOM   716  C  CD1 . TYR A 1 121 ? -0.05802  8.36187   -3.03144  1.000 18.57867  ? 121 TYR A CD1 1 
ATOM   717  C  CD2 . TYR A 1 121 ? -0.07595  10.36300  -4.33505  1.000 19.76913  ? 121 TYR A CD2 1 
ATOM   718  C  CE1 . TYR A 1 121 ? 1.32048   8.45116   -2.89780  1.000 27.38890  ? 121 TYR A CE1 1 
ATOM   719  C  CE2 . TYR A 1 121 ? 1.31221   10.46348  -4.21052  1.000 14.83282  ? 121 TYR A CE2 1 
ATOM   720  C  CZ  . TYR A 1 121 ? 2.00196   9.50023   -3.48644  1.000 30.18232  ? 121 TYR A CZ  1 
ATOM   721  O  OH  . TYR A 1 121 ? 3.36951   9.56829   -3.33518  1.000 33.90791  ? 121 TYR A OH  1 
ATOM   722  N  N   . GLU A 1 122 ? -2.71054  11.83932  -2.16460  1.000 25.52558  ? 122 GLU A N   1 
ATOM   723  C  CA  . GLU A 1 122 ? -2.04723  12.99338  -1.57397  1.000 16.75498  ? 122 GLU A CA  1 
ATOM   724  C  C   . GLU A 1 122 ? -2.58321  13.30314  -0.18667  1.000 15.73136  ? 122 GLU A C   1 
ATOM   725  O  O   . GLU A 1 122 ? -1.85869  13.87818  0.63411   1.000 14.50796  ? 122 GLU A O   1 
ATOM   726  C  CB  . GLU A 1 122 ? -2.18557  14.21193  -2.49160  1.000 19.36121  ? 122 GLU A CB  1 
ATOM   727  C  CG  . GLU A 1 122 ? -1.69786  13.97191  -3.91684  1.000 33.93676  ? 122 GLU A CG  1 
ATOM   728  C  CD  . GLU A 1 122 ? -0.18135  14.18200  -4.09443  1.000 74.24394  ? 122 GLU A CD  1 
ATOM   729  O  OE1 . GLU A 1 122 ? 0.25400   14.38065  -5.26097  1.000 63.35963  ? 122 GLU A OE1 1 
ATOM   730  O  OE2 . GLU A 1 122 ? 0.57178   14.14231  -3.08192  1.000 43.49159  ? 122 GLU A OE2 1 
ATOM   731  N  N   . GLU A 1 123 ? -3.84646  12.95957  0.08349   1.000 17.51006  ? 123 GLU A N   1 
ATOM   732  C  CA  . GLU A 1 123 ? -4.36642  13.07562  1.44315   1.000 17.21819  ? 123 GLU A CA  1 
ATOM   733  C  C   . GLU A 1 123 ? -3.61355  12.14343  2.37639   1.000 19.30835  ? 123 GLU A C   1 
ATOM   734  O  O   . GLU A 1 123 ? -3.27217  12.51268  3.50559   1.000 15.03358  ? 123 GLU A O   1 
ATOM   735  C  CB  . GLU A 1 123 ? -5.86120  12.75192  1.47388   1.000 21.96862  ? 123 GLU A CB  1 
ATOM   736  C  CG  . GLU A 1 123 ? -6.78318  13.95679  1.37228   1.000 41.86152  ? 123 GLU A CG  1 
ATOM   737  C  CD  . GLU A 1 123 ? -8.26332  13.58394  1.23752   1.000 61.75379  ? 123 GLU A CD  1 
ATOM   738  O  OE1 . GLU A 1 123 ? -8.58141  12.51187  0.65920   1.000 36.12524  ? 123 GLU A OE1 1 
ATOM   739  O  OE2 . GLU A 1 123 ? -9.10888  14.38298  1.70491   1.000 52.34054  ? 123 GLU A OE2 1 
ATOM   740  N  N   . PHE A 1 124 ? -3.35174  10.92264  1.91273   1.000 19.50123  ? 124 PHE A N   1 
ATOM   741  C  CA  . PHE A 1 124 ? -2.57537  9.97200   2.69127   1.000 10.17595  ? 124 PHE A CA  1 
ATOM   742  C  C   . PHE A 1 124 ? -1.16254  10.48576  2.92660   1.000 12.24755  ? 124 PHE A C   1 
ATOM   743  O  O   . PHE A 1 124 ? -0.65729  10.44864  4.05147   1.000 17.65263  ? 124 PHE A O   1 
ATOM   744  C  CB  . PHE A 1 124 ? -2.56169  8.62867   1.96815   1.000 16.22104  ? 124 PHE A CB  1 
ATOM   745  C  CG  . PHE A 1 124 ? -1.60157  7.63849   2.53850   1.000 16.27228  ? 124 PHE A CG  1 
ATOM   746  C  CD1 . PHE A 1 124 ? -1.99740  6.77716   3.54610   1.000 19.76357  ? 124 PHE A CD1 1 
ATOM   747  C  CD2 . PHE A 1 124 ? -0.31297  7.55121   2.05359   1.000 10.06280  ? 124 PHE A CD2 1 
ATOM   748  C  CE1 . PHE A 1 124 ? -1.12099  5.86565   4.06358   1.000 11.55331  ? 124 PHE A CE1 1 
ATOM   749  C  CE2 . PHE A 1 124 ? 0.56850   6.64520   2.57055   1.000 12.32456  ? 124 PHE A CE2 1 
ATOM   750  C  CZ  . PHE A 1 124 ? 0.17022   5.79827   3.56721   1.000 13.84666  ? 124 PHE A CZ  1 
ATOM   751  N  N   . TYR A 1 125 ? -0.50851  10.97978  1.87607   1.000 13.42726  ? 125 TYR A N   1 
ATOM   752  C  CA  . TYR A 1 125 ? 0.86838   11.43904  2.02462   1.000 10.67027  ? 125 TYR A CA  1 
ATOM   753  C  C   . TYR A 1 125 ? 0.95815   12.60474  3.00275   1.000 11.05063  ? 125 TYR A C   1 
ATOM   754  O  O   . TYR A 1 125 ? 1.89800   12.68356  3.79910   1.000 12.95595  ? 125 TYR A O   1 
ATOM   755  C  CB  . TYR A 1 125 ? 1.44786   11.81974  0.66021   1.000 7.72679   ? 125 TYR A CB  1 
ATOM   756  C  CG  . TYR A 1 125 ? 2.95134   11.94099  0.65583   1.000 10.66854  ? 125 TYR A CG  1 
ATOM   757  C  CD1 . TYR A 1 125 ? 3.57306   13.09192  1.11572   1.000 12.21234  ? 125 TYR A CD1 1 
ATOM   758  C  CD2 . TYR A 1 125 ? 3.75439   10.90270  0.19858   1.000 23.17190  ? 125 TYR A CD2 1 
ATOM   759  C  CE1 . TYR A 1 125 ? 4.94446   13.20590  1.12616   1.000 17.30109  ? 125 TYR A CE1 1 
ATOM   760  C  CE2 . TYR A 1 125 ? 5.13883   11.00811  0.20203   1.000 14.15824  ? 125 TYR A CE2 1 
ATOM   761  C  CZ  . TYR A 1 125 ? 5.72715   12.16285  0.67085   1.000 14.85773  ? 125 TYR A CZ  1 
ATOM   762  O  OH  . TYR A 1 125 ? 7.10421   12.28942  0.68444   1.000 26.21805  ? 125 TYR A OH  1 
ATOM   763  N  N   . GLY A 1 126 ? -0.02419  13.50389  2.98044   1.000 12.27907  ? 126 GLY A N   1 
ATOM   764  C  CA  . GLY A 1 126 ? 0.01311   14.64812  3.87889   1.000 11.04434  ? 126 GLY A CA  1 
ATOM   765  C  C   . GLY A 1 126 ? -0.22847  14.28705  5.33166   1.000 13.81860  ? 126 GLY A C   1 
ATOM   766  O  O   . GLY A 1 126 ? 0.38178   14.87063  6.23221   1.000 19.03092  ? 126 GLY A O   1 
ATOM   767  N  N   . ILE A 1 127 ? -1.14091  13.34408  5.58474   1.000 13.72060  ? 127 ILE A N   1 
ATOM   768  C  CA  . ILE A 1 127 ? -1.34484  12.85473  6.94449   1.000 12.65063  ? 127 ILE A CA  1 
ATOM   769  C  C   . ILE A 1 127 ? -0.08563  12.16795  7.45018   1.000 14.26968  ? 127 ILE A C   1 
ATOM   770  O  O   . ILE A 1 127 ? 0.33042   12.35440  8.59786   1.000 15.06432  ? 127 ILE A O   1 
ATOM   771  C  CB  . ILE A 1 127 ? -2.55480  11.90817  6.99120   1.000 16.18544  ? 127 ILE A CB  1 
ATOM   772  C  CG1 . ILE A 1 127 ? -3.85518  12.70175  6.93313   1.000 15.40197  ? 127 ILE A CG1 1 
ATOM   773  C  CG2 . ILE A 1 127 ? -2.51044  11.02615  8.23485   1.000 10.36455  ? 127 ILE A CG2 1 
ATOM   774  C  CD1 . ILE A 1 127 ? -5.04296  11.84353  6.55176   1.000 10.68496  ? 127 ILE A CD1 1 
ATOM   775  N  N   . LEU A 1 128 ? 0.54392   11.36712  6.59758   1.000 16.53482  ? 128 LEU A N   1 
ATOM   776  C  CA  . LEU A 1 128 ? 1.74968   10.65896  7.00088   1.000 13.04312  ? 128 LEU A CA  1 
ATOM   777  C  C   . LEU A 1 128 ? 2.90024   11.62143  7.28239   1.000 15.83283  ? 128 LEU A C   1 
ATOM   778  O  O   . LEU A 1 128 ? 3.63851   11.44690  8.25815   1.000 17.00439  ? 128 LEU A O   1 
ATOM   779  C  CB  . LEU A 1 128 ? 2.12664   9.66268   5.91488   1.000 12.01219  ? 128 LEU A CB  1 
ATOM   780  C  CG  . LEU A 1 128 ? 3.30392   8.74744   6.19594   1.000 12.33885  ? 128 LEU A CG  1 
ATOM   781  C  CD1 . LEU A 1 128 ? 2.98195   7.91925   7.39941   1.000 18.93430  ? 128 LEU A CD1 1 
ATOM   782  C  CD2 . LEU A 1 128 ? 3.56935   7.87239   4.98685   1.000 4.92510   ? 128 LEU A CD2 1 
ATOM   783  N  N   . ALA A 1 129 ? 3.07335   12.64104  6.43943   1.000 18.81230  ? 129 ALA A N   1 
ATOM   784  C  CA  . ALA A 1 129 ? 4.18910   13.56602  6.61616   1.000 13.89890  ? 129 ALA A CA  1 
ATOM   785  C  C   . ALA A 1 129 ? 3.95747   14.50116  7.79642   1.000 11.50155  ? 129 ALA A C   1 
ATOM   786  O  O   . ALA A 1 129 ? 4.88043   14.76307  8.57468   1.000 26.02696  ? 129 ALA A O   1 
ATOM   787  C  CB  . ALA A 1 129 ? 4.41718   14.36789  5.33314   1.000 19.78544  ? 129 ALA A CB  1 
ATOM   788  N  N   . GLY A 1 130 ? 2.73666   15.00104  7.96055   1.000 11.62168  ? 130 GLY A N   1 
ATOM   789  C  CA  . GLY A 1 130 ? 2.48202   16.00683  8.97271   1.000 7.31871   ? 130 GLY A CA  1 
ATOM   790  C  C   . GLY A 1 130 ? 1.68752   15.59142  10.19518  1.000 12.90202  ? 130 GLY A C   1 
ATOM   791  O  O   . GLY A 1 130 ? 1.58709   16.37696  11.13970  1.000 19.03423  ? 130 GLY A O   1 
ATOM   792  N  N   . GLY A 1 131 ? 1.12112   14.37999  10.20778  1.000 14.79080  ? 131 GLY A N   1 
ATOM   793  C  CA  . GLY A 1 131 ? 0.34195   13.91118  11.33944  1.000 6.64630   ? 131 GLY A CA  1 
ATOM   794  C  C   . GLY A 1 131 ? -1.10072  14.38952  11.30863  1.000 10.24589  ? 131 GLY A C   1 
ATOM   795  O  O   . GLY A 1 131 ? -1.55546  15.06869  10.38936  1.000 18.99159  ? 131 GLY A O   1 
ATOM   796  N  N   . LYS A 1 132 ? -1.83039  14.03245  12.36327  1.000 19.09320  ? 132 LYS A N   1 
ATOM   797  C  CA  . LYS A 1 132 ? -3.24369  14.37187  12.49569  1.000 25.59227  ? 132 LYS A CA  1 
ATOM   798  C  C   . LYS A 1 132 ? -3.61563  14.29088  13.97143  1.000 19.58653  ? 132 LYS A C   1 
ATOM   799  O  O   . LYS A 1 132 ? -3.16180  13.38380  14.66536  1.000 30.39498  ? 132 LYS A O   1 
ATOM   800  C  CB  . LYS A 1 132 ? -4.10346  13.41655  11.65666  1.000 20.14410  ? 132 LYS A CB  1 
ATOM   801  C  CG  . LYS A 1 132 ? -5.58931  13.69838  11.62651  1.000 15.05367  ? 132 LYS A CG  1 
ATOM   802  C  CD  . LYS A 1 132 ? -6.27899  12.79814  10.60638  1.000 13.08365  ? 132 LYS A CD  1 
ATOM   803  C  CE  . LYS A 1 132 ? -7.79646  12.82820  10.77530  1.000 27.80121  ? 132 LYS A CE  1 
ATOM   804  N  NZ  . LYS A 1 132 ? -8.34843  11.48841  11.17968  1.000 51.15171  ? 132 LYS A NZ  1 
ATOM   805  N  N   . GLN A 1 133 ? -4.43147  15.23025  14.45407  1.000 34.26616  ? 133 GLN A N   1 
ATOM   806  C  CA  . GLN A 1 133 ? -4.82310  15.24463  15.86596  1.000 44.36279  ? 133 GLN A CA  1 
ATOM   807  C  C   . GLN A 1 133 ? -6.31864  15.47817  16.03308  1.000 55.29237  ? 133 GLN A C   1 
ATOM   808  O  O   . GLN A 1 133 ? -6.85949  16.47212  15.53781  1.000 53.69126  ? 133 GLN A O   1 
ATOM   809  C  CB  . GLN A 1 133 ? -4.04576  16.30387  16.66155  1.000 44.25529  ? 133 GLN A CB  1 
ATOM   810  C  CG  . GLN A 1 133 ? -2.59359  15.92231  16.87587  1.000 54.93720  ? 133 GLN A CG  1 
ATOM   811  C  CD  . GLN A 1 133 ? -1.71966  17.07835  17.33171  1.000 64.90731  ? 133 GLN A CD  1 
ATOM   812  O  OE1 . GLN A 1 133 ? -0.55609  16.88122  17.69727  1.000 54.75551  ? 133 GLN A OE1 1 
ATOM   813  N  NE2 . GLN A 1 133 ? -2.27229  18.29047  17.30991  1.000 59.83598  ? 133 GLN A NE2 1 
ATOM   814  N  N   . GLU A 1 134 ? -6.96745  14.56406  16.75309  1.000 56.33257  ? 134 GLU A N   1 
ATOM   815  C  CA  . GLU A 1 134 ? -8.38906  14.62824  17.10716  1.000 65.31716  ? 134 GLU A CA  1 
ATOM   816  C  C   . GLU A 1 134 ? -9.29689  15.01461  15.93772  1.000 76.37677  ? 134 GLU A C   1 
ATOM   817  O  O   . GLU A 1 134 ? -9.83295  14.14854  15.23789  1.000 74.87589  ? 134 GLU A O   1 
ATOM   818  C  CB  . GLU A 1 134 ? -8.58739  15.59383  18.28014  1.000 63.45420  ? 134 GLU A CB  1 
ATOM   819  C  CG  . GLU A 1 134 ? -7.86664  15.14976  19.55085  1.000 75.71971  ? 134 GLU A CG  1 
ATOM   820  C  CD  . GLU A 1 134 ? -7.90633  16.18239  20.67212  1.000 96.99414  ? 134 GLU A CD  1 
ATOM   821  O  OE1 . GLU A 1 134 ? -9.01676  16.48993  21.16962  1.000 86.64419  ? 134 GLU A OE1 1 
ATOM   822  O  OE2 . GLU A 1 134 ? -6.81847  16.67112  21.06246  1.000 58.84539  ? 134 GLU A OE2 1 
ATOM   823  N  N   . ASN A 1 140 ? -5.40050  13.21263  23.88584  1.000 59.05246  ? 140 ASN A N   1 
ATOM   824  C  CA  . ASN A 1 140 ? -6.54540  12.50894  23.31566  1.000 91.42043  ? 140 ASN A CA  1 
ATOM   825  C  C   . ASN A 1 140 ? -6.12981  11.44972  22.27654  1.000 88.89311  ? 140 ASN A C   1 
ATOM   826  O  O   . ASN A 1 140 ? -5.97624  10.26390  22.59698  1.000 76.97762  ? 140 ASN A O   1 
ATOM   827  C  CB  . ASN A 1 140 ? -7.51137  13.51488  22.67886  1.000 77.10427  ? 140 ASN A CB  1 
ATOM   828  C  CG  . ASN A 1 140 ? -8.95887  13.30420  23.10721  1.000 83.49456  ? 140 ASN A CG  1 
ATOM   829  O  OD1 . ASN A 1 140 ? -9.23809  12.81075  24.20468  1.000 65.77447  ? 140 ASN A OD1 1 
ATOM   830  N  ND2 . ASN A 1 140 ? -9.88911  13.68491  22.23490  1.000 60.29895  ? 140 ASN A ND2 1 
ATOM   831  N  N   . GLN A 1 141 ? -5.93281  11.89659  21.03464  1.000 71.07289  ? 141 GLN A N   1 
ATOM   832  C  CA  . GLN A 1 141 ? -5.78817  11.00692  19.87973  1.000 49.31916  ? 141 GLN A CA  1 
ATOM   833  C  C   . GLN A 1 141 ? -4.80161  11.65306  18.90654  1.000 35.62005  ? 141 GLN A C   1 
ATOM   834  O  O   . GLN A 1 141 ? -5.16513  12.60107  18.20800  1.000 42.00871  ? 141 GLN A O   1 
ATOM   835  C  CB  . GLN A 1 141 ? -7.14898  10.79738  19.23013  1.000 43.82799  ? 141 GLN A CB  1 
ATOM   836  C  CG  . GLN A 1 141 ? -7.50743  9.37603   18.84756  1.000 55.26966  ? 141 GLN A CG  1 
ATOM   837  C  CD  . GLN A 1 141 ? -8.63805  9.33714   17.82855  1.000 61.10630  ? 141 GLN A CD  1 
ATOM   838  O  OE1 . GLN A 1 141 ? -9.34119  10.33388  17.62394  1.000 62.23154  ? 141 GLN A OE1 1 
ATOM   839  N  NE2 . GLN A 1 141 ? -8.80540  8.19193   17.17001  1.000 56.29508  ? 141 GLN A NE2 1 
ATOM   840  N  N   . VAL A 1 142 ? -3.55800  11.16331  18.85602  1.000 33.48593  ? 142 VAL A N   1 
ATOM   841  C  CA  . VAL A 1 142 ? -2.53493  11.77179  18.00356  1.000 27.17858  ? 142 VAL A CA  1 
ATOM   842  C  C   . VAL A 1 142 ? -1.93961  10.74138  17.04729  1.000 30.88418  ? 142 VAL A C   1 
ATOM   843  O  O   . VAL A 1 142 ? -1.54122  9.64130   17.45073  1.000 24.94422  ? 142 VAL A O   1 
ATOM   844  C  CB  . VAL A 1 142 ? -1.40906  12.46203  18.80457  1.000 43.16607  ? 142 VAL A CB  1 
ATOM   845  C  CG1 . VAL A 1 142 ? -0.57845  11.45628  19.56389  1.000 46.65977  ? 142 VAL A CG1 1 
ATOM   846  C  CG2 . VAL A 1 142 ? -0.49728  13.26000  17.85946  1.000 38.82874  ? 142 VAL A CG2 1 
ATOM   847  N  N   . MET A 1 143 ? -1.89141  11.11428  15.77340  1.000 20.81974  ? 143 MET A N   1 
ATOM   848  C  CA  . MET A 1 143 ? -1.10839  10.43196  14.76679  1.000 16.85780  ? 143 MET A CA  1 
ATOM   849  C  C   . MET A 1 143 ? 0.17558   11.22038  14.56371  1.000 18.58024  ? 143 MET A C   1 
ATOM   850  O  O   . MET A 1 143 ? 0.11230   12.42041  14.24600  1.000 22.92664  ? 143 MET A O   1 
ATOM   851  C  CB  . MET A 1 143 ? -1.90347  10.33380  13.46715  1.000 18.46885  ? 143 MET A CB  1 
ATOM   852  C  CG  . MET A 1 143 ? -1.10280  10.26069  12.20067  1.000 19.41416  ? 143 MET A CG  1 
ATOM   853  S  SD  . MET A 1 143 ? -0.31277  8.66772   11.99728  1.000 18.17775  ? 143 MET A SD  1 
ATOM   854  C  CE  . MET A 1 143 ? 0.59518   8.90559   10.46749  1.000 17.84890  ? 143 MET A CE  1 
ATOM   855  N  N   . PRO A 1 144 ? 1.34514   10.62867  14.78157  1.000 18.54209  ? 144 PRO A N   1 
ATOM   856  C  CA  . PRO A 1 144 ? 2.58529   11.41252  14.71498  1.000 20.19860  ? 144 PRO A CA  1 
ATOM   857  C  C   . PRO A 1 144 ? 2.92620   11.80436  13.28857  1.000 17.87791  ? 144 PRO A C   1 
ATOM   858  O  O   . PRO A 1 144 ? 2.67427   11.05606  12.34306  1.000 20.15157  ? 144 PRO A O   1 
ATOM   859  C  CB  . PRO A 1 144 ? 3.64557   10.46170  15.28349  1.000 20.85689  ? 144 PRO A CB  1 
ATOM   860  C  CG  . PRO A 1 144 ? 2.89160   9.29684   15.84928  1.000 18.52128  ? 144 PRO A CG  1 
ATOM   861  C  CD  . PRO A 1 144 ? 1.58138   9.22963   15.16381  1.000 16.41065  ? 144 PRO A CD  1 
ATOM   862  N  N   . ALA A 1 145 ? 3.51766   12.98396  13.14208  1.000 15.71986  ? 145 ALA A N   1 
ATOM   863  C  CA  . ALA A 1 145 ? 4.12772   13.36181  11.87386  1.000 20.14462  ? 145 ALA A CA  1 
ATOM   864  C  C   . ALA A 1 145 ? 5.36800   12.51333  11.62835  1.000 20.45308  ? 145 ALA A C   1 
ATOM   865  O  O   . ALA A 1 145 ? 6.27076   12.47528  12.46886  1.000 31.74432  ? 145 ALA A O   1 
ATOM   866  C  CB  . ALA A 1 145 ? 4.49697   14.83869  11.88514  1.000 10.25668  ? 145 ALA A CB  1 
ATOM   867  N  N   . PHE A 1 146 ? 5.42348   11.83356  10.48332  1.000 18.50575  ? 146 PHE A N   1 
ATOM   868  C  CA  . PHE A 1 146 ? 6.59253   11.04394  10.12281  1.000 15.78822  ? 146 PHE A CA  1 
ATOM   869  C  C   . PHE A 1 146 ? 7.50605   11.75291  9.13459   1.000 21.55014  ? 146 PHE A C   1 
ATOM   870  O  O   . PHE A 1 146 ? 8.44568   11.13074  8.63765   1.000 21.53641  ? 146 PHE A O   1 
ATOM   871  C  CB  . PHE A 1 146 ? 6.17936   9.70485   9.53087   1.000 17.23862  ? 146 PHE A CB  1 
ATOM   872  C  CG  . PHE A 1 146 ? 5.68891   8.71539   10.53329  1.000 18.04490  ? 146 PHE A CG  1 
ATOM   873  C  CD1 . PHE A 1 146 ? 4.36692   8.71905   10.93903  1.000 15.94296  ? 146 PHE A CD1 1 
ATOM   874  C  CD2 . PHE A 1 146 ? 6.53884   7.75185   11.04033  1.000 17.36209  ? 146 PHE A CD2 1 
ATOM   875  C  CE1 . PHE A 1 146 ? 3.91109   7.78844   11.84456  1.000 17.00801  ? 146 PHE A CE1 1 
ATOM   876  C  CE2 . PHE A 1 146 ? 6.09239   6.82554   11.94492  1.000 7.98361   ? 146 PHE A CE2 1 
ATOM   877  C  CZ  . PHE A 1 146 ? 4.78247   6.84207   12.35198  1.000 12.78155  ? 146 PHE A CZ  1 
ATOM   878  N  N   . GLY A 1 147 ? 7.26417   13.03636  8.85490   1.000 21.32051  ? 147 GLY A N   1 
ATOM   879  C  CA  . GLY A 1 147 ? 8.03325   13.73381  7.83248   1.000 15.44313  ? 147 GLY A CA  1 
ATOM   880  C  C   . GLY A 1 147 ? 9.53753   13.66504  8.02806   1.000 30.71142  ? 147 GLY A C   1 
ATOM   881  O  O   . GLY A 1 147 ? 10.29154  13.48511  7.06590   1.000 38.61812  ? 147 GLY A O   1 
ATOM   882  N  N   . ASP A 1 148 ? 10.00108  13.79977  9.27050   1.000 44.26794  ? 148 ASP A N   1 
ATOM   883  C  CA  . ASP A 1 148 ? 11.43430  13.78217  9.54829   1.000 29.42645  ? 148 ASP A CA  1 
ATOM   884  C  C   . ASP A 1 148 ? 12.00509  12.36692  9.67487   1.000 22.29094  ? 148 ASP A C   1 
ATOM   885  O  O   . ASP A 1 148 ? 13.14111  12.19800  10.13450  1.000 35.70834  ? 148 ASP A O   1 
ATOM   886  C  CB  . ASP A 1 148 ? 11.73695  14.59176  10.81309  1.000 28.29968  ? 148 ASP A CB  1 
ATOM   887  C  CG  . ASP A 1 148 ? 11.36140  16.06979  10.67092  1.000 68.65420  ? 148 ASP A CG  1 
ATOM   888  O  OD1 . ASP A 1 148 ? 11.69163  16.86027  11.58972  1.000 71.46163  ? 148 ASP A OD1 1 
ATOM   889  O  OD2 . ASP A 1 148 ? 10.73322  16.44032  9.64436   1.000 61.71326  ? 148 ASP A OD2 1 
ATOM   890  N  N   . ASN A 1 149 ? 11.27160  11.34978  9.24233   1.000 16.89811  ? 149 ASN A N   1 
ATOM   891  C  CA  . ASN A 1 149 ? 11.66686  9.95700   9.42657   1.000 21.54549  ? 149 ASN A CA  1 
ATOM   892  C  C   . ASN A 1 149 ? 11.84749  9.30835   8.05527   1.000 22.70919  ? 149 ASN A C   1 
ATOM   893  O  O   . ASN A 1 149 ? 10.90402  8.75578   7.48409   1.000 20.55906  ? 149 ASN A O   1 
ATOM   894  C  CB  . ASN A 1 149 ? 10.61843  9.24748   10.27210  1.000 25.65090  ? 149 ASN A CB  1 
ATOM   895  C  CG  . ASN A 1 149 ? 11.02774  7.86211   10.68067  1.000 19.77269  ? 149 ASN A CG  1 
ATOM   896  O  OD1 . ASN A 1 149 ? 12.04497  7.33179   10.22920  1.000 33.24134  ? 149 ASN A OD1 1 
ATOM   897  N  ND2 . ASN A 1 149 ? 10.20781  7.24304   11.52033  1.000 26.98022  ? 149 ASN A ND2 1 
ATOM   898  N  N   . LYS A 1 150 ? 13.07848  9.36158   7.53913   1.000 25.67841  ? 150 LYS A N   1 
ATOM   899  C  CA  . LYS A 1 150 ? 13.34636  8.87066   6.19208   1.000 24.02465  ? 150 LYS A CA  1 
ATOM   900  C  C   . LYS A 1 150 ? 13.19358  7.36174   6.09564   1.000 21.13130  ? 150 LYS A C   1 
ATOM   901  O  O   . LYS A 1 150 ? 12.97639  6.84391   4.99971   1.000 31.20948  ? 150 LYS A O   1 
ATOM   902  C  CB  . LYS A 1 150 ? 14.74734  9.30811   5.72689   1.000 24.66357  ? 150 LYS A CB  1 
ATOM   903  C  CG  . LYS A 1 150 ? 15.06389  10.80563  5.92651   1.000 51.41019  ? 150 LYS A CG  1 
ATOM   904  C  CD  . LYS A 1 150 ? 13.79605  11.68426  5.81140   1.000 76.06608  ? 150 LYS A CD  1 
ATOM   905  C  CE  . LYS A 1 150 ? 13.95474  13.03362  6.51580   1.000 60.13223  ? 150 LYS A CE  1 
ATOM   906  N  NZ  . LYS A 1 150 ? 14.83598  13.98242  5.76767   1.000 80.20271  ? 150 LYS A NZ  1 
ATOM   907  N  N   . ASN A 1 151 ? 13.26962  6.64591   7.21140   1.000 21.32694  ? 151 ASN A N   1 
ATOM   908  C  CA  . ASN A 1 151 ? 12.98096  5.22121   7.17998   1.000 27.87444  ? 151 ASN A CA  1 
ATOM   909  C  C   . ASN A 1 151 ? 11.49834  4.93444   6.98633   1.000 36.22533  ? 151 ASN A C   1 
ATOM   910  O  O   . ASN A 1 151 ? 11.12517  3.78108   6.73124   1.000 43.58748  ? 151 ASN A O   1 
ATOM   911  C  CB  . ASN A 1 151 ? 13.47221  4.56237   8.46638   1.000 50.45096  ? 151 ASN A CB  1 
ATOM   912  C  CG  . ASN A 1 151 ? 14.92154  4.15950   8.38888   1.000 53.71726  ? 151 ASN A CG  1 
ATOM   913  O  OD1 . ASN A 1 151 ? 15.26689  3.22749   7.66620   1.000 56.03097  ? 151 ASN A OD1 1 
ATOM   914  N  ND2 . ASN A 1 151 ? 15.78529  4.86315   9.12807   1.000 49.03419  ? 151 ASN A ND2 1 
ATOM   915  N  N   . VAL A 1 152 ? 10.64794  5.94239   7.11858   1.000 27.56278  ? 152 VAL A N   1 
ATOM   916  C  CA  . VAL A 1 152 ? 9.24050   5.83243   6.77948   1.000 23.68382  ? 152 VAL A CA  1 
ATOM   917  C  C   . VAL A 1 152 ? 8.92249   6.57561   5.48990   1.000 15.87049  ? 152 VAL A C   1 
ATOM   918  O  O   . VAL A 1 152 ? 8.34949   6.00321   4.56622   1.000 18.15910  ? 152 VAL A O   1 
ATOM   919  C  CB  . VAL A 1 152 ? 8.35520   6.32267   7.94285   1.000 20.59812  ? 152 VAL A CB  1 
ATOM   920  C  CG1 . VAL A 1 152 ? 6.90244   6.25528   7.55540   1.000 24.44850  ? 152 VAL A CG1 1 
ATOM   921  C  CG2 . VAL A 1 152 ? 8.59802   5.45413   9.13954   1.000 28.41549  ? 152 VAL A CG2 1 
ATOM   922  N  N   . MET A 1 153 ? 9.32431   7.84290   5.39188   1.000 16.90255  ? 153 MET A N   1 
ATOM   923  C  CA  . MET A 1 153 ? 8.91830   8.64572   4.24563   1.000 22.27850  ? 153 MET A CA  1 
ATOM   924  C  C   . MET A 1 153 ? 9.43516   8.07785   2.93349   1.000 20.33961  ? 153 MET A C   1 
ATOM   925  O  O   . MET A 1 153 ? 8.76096   8.19547   1.90872   1.000 33.07187  ? 153 MET A O   1 
ATOM   926  C  CB  . MET A 1 153 ? 9.38532   10.08746  4.40739   1.000 17.26970  ? 153 MET A CB  1 
ATOM   927  C  CG  . MET A 1 153 ? 8.69273   10.83382  5.52126   1.000 18.22559  ? 153 MET A CG  1 
ATOM   928  S  SD  . MET A 1 153 ? 6.89920   10.64709  5.53175   1.000 19.38181  ? 153 MET A SD  1 
ATOM   929  C  CE  . MET A 1 153 ? 6.44114   11.55837  4.06085   1.000 27.52146  ? 153 MET A CE  1 
ATOM   930  N  N   . CYS A 1 154 ? 10.60944  7.45163   2.93457   1.000 22.60065  ? 154 CYS A N   1 
ATOM   931  C  CA  . CYS A 1 154 ? 11.13125  6.91571   1.68337   1.000 18.42886  ? 154 CYS A CA  1 
ATOM   932  C  C   . CYS A 1 154 ? 10.37634  5.68985   1.22254   1.000 12.46040  ? 154 CYS A C   1 
ATOM   933  O  O   . CYS A 1 154 ? 10.61694  5.21835   0.11114   1.000 31.40549  ? 154 CYS A O   1 
ATOM   934  C  CB  . CYS A 1 154 ? 12.61824  6.57026   1.81947   1.000 25.22594  ? 154 CYS A CB  1 
ATOM   935  S  SG  . CYS A 1 154 ? 13.65673  7.98147   2.24863   1.000 53.87396  ? 154 CYS A SG  1 
ATOM   936  N  N   . TYR A 1 155 ? 9.49607   5.15136   2.05347   1.000 22.93520  ? 155 TYR A N   1 
ATOM   937  C  CA  . TYR A 1 155 ? 8.66021   4.02405   1.67780   1.000 22.57896  ? 155 TYR A CA  1 
ATOM   938  C  C   . TYR A 1 155 ? 7.18699   4.39429   1.71288   1.000 14.98667  ? 155 TYR A C   1 
ATOM   939  O  O   . TYR A 1 155 ? 6.33398   3.52075   1.88368   1.000 21.41260  ? 155 TYR A O   1 
ATOM   940  C  CB  . TYR A 1 155 ? 8.96799   2.83421   2.58492   1.000 26.77943  ? 155 TYR A CB  1 
ATOM   941  C  CG  . TYR A 1 155 ? 10.44544  2.52128   2.58289   1.000 40.45120  ? 155 TYR A CG  1 
ATOM   942  C  CD1 . TYR A 1 155 ? 11.01948  1.80753   1.53811   1.000 41.97048  ? 155 TYR A CD1 1 
ATOM   943  C  CD2 . TYR A 1 155 ? 11.27493  2.97529   3.60011   1.000 40.58188  ? 155 TYR A CD2 1 
ATOM   944  C  CE1 . TYR A 1 155 ? 12.36885  1.53397   1.51896   1.000 51.11213  ? 155 TYR A CE1 1 
ATOM   945  C  CE2 . TYR A 1 155 ? 12.62710  2.70405   3.58933   1.000 47.98340  ? 155 TYR A CE2 1 
ATOM   946  C  CZ  . TYR A 1 155 ? 13.17020  1.98418   2.54602   1.000 53.55674  ? 155 TYR A CZ  1 
ATOM   947  O  OH  . TYR A 1 155 ? 14.52063  1.71226   2.53658   1.000 65.93997  ? 155 TYR A OH  1 
ATOM   948  N  N   . ALA A 1 156 ? 6.88348   5.68316   1.53534   1.000 19.41761  ? 156 ALA A N   1 
ATOM   949  C  CA  . ALA A 1 156 ? 5.50265   6.15528   1.55601   1.000 13.72924  ? 156 ALA A CA  1 
ATOM   950  C  C   . ALA A 1 156 ? 4.67478   5.52391   0.44535   1.000 16.39412  ? 156 ALA A C   1 
ATOM   951  O  O   . ALA A 1 156 ? 3.52429   5.13307   0.66658   1.000 14.53948  ? 156 ALA A O   1 
ATOM   952  C  CB  . ALA A 1 156 ? 5.47860   7.67396   1.42809   1.000 12.55154  ? 156 ALA A CB  1 
ATOM   953  N  N   . ASN A 1 157 ? 5.23844   5.42540   -0.76164  1.000 19.15665  ? 157 ASN A N   1 
ATOM   954  C  CA  . ASN A 1 157 ? 4.52717   4.76410   -1.85016  1.000 14.92128  ? 157 ASN A CA  1 
ATOM   955  C  C   . ASN A 1 157 ? 4.31028   3.28831   -1.55096  1.000 17.58217  ? 157 ASN A C   1 
ATOM   956  O  O   . ASN A 1 157 ? 3.26830   2.72343   -1.89889  1.000 17.51506  ? 157 ASN A O   1 
ATOM   957  C  CB  . ASN A 1 157 ? 5.29290   4.93377   -3.15877  1.000 16.86418  ? 157 ASN A CB  1 
ATOM   958  C  CG  . ASN A 1 157 ? 5.28180   6.36376   -3.65670  1.000 25.57483  ? 157 ASN A CG  1 
ATOM   959  O  OD1 . ASN A 1 157 ? 4.53741   7.20931   -3.15175  1.000 26.13827  ? 157 ASN A OD1 1 
ATOM   960  N  ND2 . ASN A 1 157 ? 6.10301   6.64127   -4.66434  1.000 38.62856  ? 157 ASN A ND2 1 
ATOM   961  N  N   . ASP A 1 158 ? 5.28735   2.64235   -0.92030  1.000 18.41840  ? 158 ASP A N   1 
ATOM   962  C  CA  . ASP A 1 158 ? 5.11642   1.24634   -0.54275  1.000 18.15152  ? 158 ASP A CA  1 
ATOM   963  C  C   . ASP A 1 158 ? 3.94138   1.08157   0.41547   1.000 16.35263  ? 158 ASP A C   1 
ATOM   964  O  O   . ASP A 1 158 ? 3.08862   0.20461   0.23475   1.000 19.33425  ? 158 ASP A O   1 
ATOM   965  C  CB  . ASP A 1 158 ? 6.40813   0.72638   0.08062   1.000 26.31627  ? 158 ASP A CB  1 
ATOM   966  C  CG  . ASP A 1 158 ? 7.63171   1.00109   -0.78773  1.000 38.55602  ? 158 ASP A CG  1 
ATOM   967  O  OD1 . ASP A 1 158 ? 7.74254   2.11827   -1.34957  1.000 35.47855  ? 158 ASP A OD1 1 
ATOM   968  O  OD2 . ASP A 1 158 ? 8.49058   0.09450   -0.90060  1.000 41.49812  ? 158 ASP A OD2 1 
ATOM   969  N  N   . LEU A 1 159 ? 3.86267   1.93837   1.42935   1.000 11.05225  ? 159 LEU A N   1 
ATOM   970  C  CA  . LEU A 1 159 ? 2.75854   1.84132   2.37534   1.000 14.25613  ? 159 LEU A CA  1 
ATOM   971  C  C   . LEU A 1 159 ? 1.42135   2.10276   1.69473   1.000 20.43276  ? 159 LEU A C   1 
ATOM   972  O  O   . LEU A 1 159 ? 0.43499   1.40813   1.97122   1.000 23.22653  ? 159 LEU A O   1 
ATOM   973  C  CB  . LEU A 1 159 ? 2.98610   2.81028   3.52881   1.000 17.16542  ? 159 LEU A CB  1 
ATOM   974  C  CG  . LEU A 1 159 ? 4.21376   2.42357   4.35961   1.000 15.30016  ? 159 LEU A CG  1 
ATOM   975  C  CD1 . LEU A 1 159 ? 4.79379   3.61589   5.10484   1.000 11.01243  ? 159 LEU A CD1 1 
ATOM   976  C  CD2 . LEU A 1 159 ? 3.84911   1.30190   5.31845   1.000 16.23575  ? 159 LEU A CD2 1 
ATOM   977  N  N   . TYR A 1 160 ? 1.37671   3.08726   0.78384   1.000 21.78619  ? 160 TYR A N   1 
ATOM   978  C  CA  . TYR A 1 160 ? 0.14555   3.40104   0.06259   1.000 8.45096   ? 160 TYR A CA  1 
ATOM   979  C  C   . TYR A 1 160 ? -0.31660  2.22029   -0.77714  1.000 10.61189  ? 160 TYR A C   1 
ATOM   980  O  O   . TYR A 1 160 ? -1.48339  1.81793   -0.71627  1.000 16.22593  ? 160 TYR A O   1 
ATOM   981  C  CB  . TYR A 1 160 ? 0.34667   4.63133   -0.81928  1.000 8.10258   ? 160 TYR A CB  1 
ATOM   982  C  CG  . TYR A 1 160 ? -0.90112  5.02273   -1.57670  1.000 14.93816  ? 160 TYR A CG  1 
ATOM   983  C  CD1 . TYR A 1 160 ? -2.00146  5.55877   -0.91192  1.000 17.49898  ? 160 TYR A CD1 1 
ATOM   984  C  CD2 . TYR A 1 160 ? -0.99715  4.83634   -2.95369  1.000 14.84372  ? 160 TYR A CD2 1 
ATOM   985  C  CE1 . TYR A 1 160 ? -3.15375  5.90508   -1.59457  1.000 11.90301  ? 160 TYR A CE1 1 
ATOM   986  C  CE2 . TYR A 1 160 ? -2.15215  5.18481   -3.64802  1.000 13.76746  ? 160 TYR A CE2 1 
ATOM   987  C  CZ  . TYR A 1 160 ? -3.22391  5.71727   -2.95678  1.000 17.18337  ? 160 TYR A CZ  1 
ATOM   988  O  OH  . TYR A 1 160 ? -4.37540  6.07014   -3.62007  1.000 34.18001  ? 160 TYR A OH  1 
ATOM   989  N  N   . VAL A 1 161 ? 0.59395   1.64629   -1.56063  1.000 12.48720  ? 161 VAL A N   1 
ATOM   990  C  CA  . VAL A 1 161 ? 0.24652   0.54005   -2.45036  1.000 14.25088  ? 161 VAL A CA  1 
ATOM   991  C  C   . VAL A 1 161 ? -0.32331  -0.63432  -1.66140  1.000 12.84827  ? 161 VAL A C   1 
ATOM   992  O  O   . VAL A 1 161 ? -1.40890  -1.13901  -1.96045  1.000 15.73746  ? 161 VAL A O   1 
ATOM   993  C  CB  . VAL A 1 161 ? 1.47758   0.12731   -3.27218  1.000 13.67135  ? 161 VAL A CB  1 
ATOM   994  C  CG1 . VAL A 1 161 ? 1.22659   -1.16675  -3.97578  1.000 17.93687  ? 161 VAL A CG1 1 
ATOM   995  C  CG2 . VAL A 1 161 ? 1.81665   1.21588   -4.26824  1.000 14.25244  ? 161 VAL A CG2 1 
ATOM   996  N  N   . TYR A 1 162 ? 0.40320   -1.08801  -0.64441  1.000 15.25250  ? 162 TYR A N   1 
ATOM   997  C  CA  . TYR A 1 162 ? -0.06568  -2.20144  0.17355   1.000 13.19158  ? 162 TYR A CA  1 
ATOM   998  C  C   . TYR A 1 162 ? -1.42930  -1.90555  0.80729   1.000 17.70828  ? 162 TYR A C   1 
ATOM   999  O  O   . TYR A 1 162 ? -2.35435  -2.72391  0.74676   1.000 12.76548  ? 162 TYR A O   1 
ATOM   1000 C  CB  . TYR A 1 162 ? 0.97887   -2.50999  1.25173   1.000 11.72619  ? 162 TYR A CB  1 
ATOM   1001 C  CG  . TYR A 1 162 ? 0.43421   -3.37375  2.34680   1.000 14.78904  ? 162 TYR A CG  1 
ATOM   1002 C  CD1 . TYR A 1 162 ? 0.04177   -4.66838  2.08461   1.000 11.87354  ? 162 TYR A CD1 1 
ATOM   1003 C  CD2 . TYR A 1 162 ? 0.27114   -2.88689  3.63283   1.000 11.60521  ? 162 TYR A CD2 1 
ATOM   1004 C  CE1 . TYR A 1 162 ? -0.48021  -5.45505  3.06156   1.000 7.92631   ? 162 TYR A CE1 1 
ATOM   1005 C  CE2 . TYR A 1 162 ? -0.25098  -3.68410  4.62231   1.000 7.43176   ? 162 TYR A CE2 1 
ATOM   1006 C  CZ  . TYR A 1 162 ? -0.62334  -4.96753  4.32234   1.000 5.09897   ? 162 TYR A CZ  1 
ATOM   1007 O  OH  . TYR A 1 162 ? -1.14861  -5.79447  5.28707   1.000 34.03461  ? 162 TYR A OH  1 
ATOM   1008 N  N   . LEU A 1 163 ? -1.57129  -0.74254  1.44133   1.000 15.36627  ? 163 LEU A N   1 
ATOM   1009 C  CA  . LEU A 1 163 ? -2.84403  -0.44400  2.08149   1.000 12.29563  ? 163 LEU A CA  1 
ATOM   1010 C  C   . LEU A 1 163 ? -3.94728  -0.19638  1.05581   1.000 21.29364  ? 163 LEU A C   1 
ATOM   1011 O  O   . LEU A 1 163 ? -5.12952  -0.37277  1.36475   1.000 13.69336  ? 163 LEU A O   1 
ATOM   1012 C  CB  . LEU A 1 163 ? -2.69114  0.75398   3.00323   1.000 13.62984  ? 163 LEU A CB  1 
ATOM   1013 C  CG  . LEU A 1 163 ? -1.94038  0.61481   4.32065   1.000 14.55626  ? 163 LEU A CG  1 
ATOM   1014 C  CD1 . LEU A 1 163 ? -1.67491  2.00514   4.89442   1.000 6.82262   ? 163 LEU A CD1 1 
ATOM   1015 C  CD2 . LEU A 1 163 ? -2.73175  -0.25448  5.29648   1.000 11.15495  ? 163 LEU A CD2 1 
ATOM   1016 N  N   . ARG A 1 164 ? -3.58441  0.21472   -0.16115  1.000 19.89968  ? 164 ARG A N   1 
ATOM   1017 C  CA  . ARG A 1 164 ? -4.55880  0.27372   -1.24156  1.000 11.03014  ? 164 ARG A CA  1 
ATOM   1018 C  C   . ARG A 1 164 ? -5.03881  -1.11629  -1.62261  1.000 15.56076  ? 164 ARG A C   1 
ATOM   1019 O  O   . ARG A 1 164 ? -6.23342  -1.32241  -1.87075  1.000 24.05258  ? 164 ARG A O   1 
ATOM   1020 C  CB  . ARG A 1 164 ? -3.95407  0.96426   -2.45610  1.000 17.30339  ? 164 ARG A CB  1 
ATOM   1021 C  CG  . ARG A 1 164 ? -4.86635  1.98243   -3.07563  1.000 16.93078  ? 164 ARG A CG  1 
ATOM   1022 C  CD  . ARG A 1 164 ? -4.39842  2.37480   -4.46069  1.000 16.80615  ? 164 ARG A CD  1 
ATOM   1023 N  NE  . ARG A 1 164 ? -5.53845  2.83827   -5.23893  1.000 21.70812  ? 164 ARG A NE  1 
ATOM   1024 C  CZ  . ARG A 1 164 ? -5.46095  3.55742   -6.34886  1.000 20.38445  ? 164 ARG A CZ  1 
ATOM   1025 N  NH1 . ARG A 1 164 ? -4.28160  3.91209   -6.83891  1.000 19.71858  ? 164 ARG A NH1 1 
ATOM   1026 N  NH2 . ARG A 1 164 ? -6.57877  3.92156   -6.96430  1.000 35.45577  ? 164 ARG A NH2 1 
ATOM   1027 N  N   . ALA A 1 165 ? -4.12036  -2.08123  -1.69140  1.000 20.82466  ? 165 ALA A N   1 
ATOM   1028 C  CA  . ALA A 1 165 ? -4.51451  -3.45232  -2.00108  1.000 20.68131  ? 165 ALA A CA  1 
ATOM   1029 C  C   . ALA A 1 165 ? -5.40288  -4.03651  -0.91585  1.000 16.01581  ? 165 ALA A C   1 
ATOM   1030 O  O   . ALA A 1 165 ? -6.28882  -4.84720  -1.20901  1.000 20.77329  ? 165 ALA A O   1 
ATOM   1031 C  CB  . ALA A 1 165 ? -3.28031  -4.32522  -2.20411  1.000 14.58345  ? 165 ALA A CB  1 
ATOM   1032 N  N   . ARG A 1 166 ? -5.19025  -3.63652  0.33808   1.000 16.30710  ? 166 ARG A N   1 
ATOM   1033 C  CA  . ARG A 1 166 ? -6.09826  -4.05090  1.40161   1.000 20.40022  ? 166 ARG A CA  1 
ATOM   1034 C  C   . ARG A 1 166 ? -7.47572  -3.43673  1.20623   1.000 17.87728  ? 166 ARG A C   1 
ATOM   1035 O  O   . ARG A 1 166 ? -8.49552  -4.12754  1.29827   1.000 28.56517  ? 166 ARG A O   1 
ATOM   1036 C  CB  . ARG A 1 166 ? -5.52338  -3.66859  2.76587   1.000 19.51419  ? 166 ARG A CB  1 
ATOM   1037 C  CG  . ARG A 1 166 ? -4.19842  -4.36435  3.09664   1.000 22.72414  ? 166 ARG A CG  1 
ATOM   1038 C  CD  . ARG A 1 166 ? -4.39644  -5.83178  3.47310   1.000 19.92158  ? 166 ARG A CD  1 
ATOM   1039 N  NE  . ARG A 1 166 ? -5.22342  -5.95935  4.66758   1.000 25.99043  ? 166 ARG A NE  1 
ATOM   1040 C  CZ  . ARG A 1 166 ? -6.39334  -6.59033  4.70744   1.000 32.94547  ? 166 ARG A CZ  1 
ATOM   1041 N  NH1 . ARG A 1 166 ? -6.88892  -7.17550  3.61876   1.000 23.60994  ? 166 ARG A NH1 1 
ATOM   1042 N  NH2 . ARG A 1 166 ? -7.07131  -6.62959  5.84247   1.000 26.55223  ? 166 ARG A NH2 1 
ATOM   1043 N  N   . ALA A 1 167 ? -7.51879  -2.13817  0.90893   1.000 27.93061  ? 167 ALA A N   1 
ATOM   1044 C  CA  . ALA A 1 167 ? -8.79001  -1.43721  0.78035   1.000 15.65170  ? 167 ALA A CA  1 
ATOM   1045 C  C   . ALA A 1 167 ? -9.61608  -1.98143  -0.37049  1.000 25.06374  ? 167 ALA A C   1 
ATOM   1046 O  O   . ALA A 1 167 ? -10.85028 -2.00511  -0.29340  1.000 21.75099  ? 167 ALA A O   1 
ATOM   1047 C  CB  . ALA A 1 167 ? -8.53940  0.05817   0.59664   1.000 14.94581  ? 167 ALA A CB  1 
ATOM   1048 N  N   . ALA A 1 168 ? -8.96131  -2.41458  -1.44245  1.000 21.79483  ? 168 ALA A N   1 
ATOM   1049 C  CA  . ALA A 1 168 ? -9.66546  -3.00144  -2.57153  1.000 19.03038  ? 168 ALA A CA  1 
ATOM   1050 C  C   . ALA A 1 168 ? -10.05848 -4.45169  -2.32769  1.000 29.78965  ? 168 ALA A C   1 
ATOM   1051 O  O   . ALA A 1 168 ? -10.72043 -5.05176  -3.18451  1.000 27.00863  ? 168 ALA A O   1 
ATOM   1052 C  CB  . ALA A 1 168 ? -8.80157  -2.90371  -3.82879  1.000 9.07187   ? 168 ALA A CB  1 
ATOM   1053 N  N   . GLY A 1 169 ? -9.66953  -5.02611  -1.19053  1.000 20.09192  ? 169 GLY A N   1 
ATOM   1054 C  CA  . GLY A 1 169 ? -9.84315  -6.44829  -0.99591  1.000 20.85723  ? 169 GLY A CA  1 
ATOM   1055 C  C   . GLY A 1 169 ? -9.04101  -7.30645  -1.94816  1.000 28.32422  ? 169 GLY A C   1 
ATOM   1056 O  O   . GLY A 1 169 ? -9.31568  -8.50238  -2.06768  1.000 36.25235  ? 169 GLY A O   1 
ATOM   1057 N  N   . ALA A 1 170 ? -8.05774  -6.72779  -2.64374  1.000 21.36548  ? 170 ALA A N   1 
ATOM   1058 C  CA  . ALA A 1 170 ? -7.21812  -7.48412  -3.56895  1.000 25.94659  ? 170 ALA A CA  1 
ATOM   1059 C  C   . ALA A 1 170 ? -6.12957  -8.27314  -2.86273  1.000 30.88043  ? 170 ALA A C   1 
ATOM   1060 O  O   . ALA A 1 170 ? -5.48744  -9.12313  -3.49135  1.000 32.41402  ? 170 ALA A O   1 
ATOM   1061 C  CB  . ALA A 1 170 ? -6.56713  -6.55343  -4.59422  1.000 21.90694  ? 170 ALA A CB  1 
ATOM   1062 N  N   . TRP A 1 171 ? -5.89028  -7.98906  -1.58932  1.000 34.76218  ? 171 TRP A N   1 
ATOM   1063 C  CA  . TRP A 1 171 ? -4.98435  -8.77111  -0.77321  1.000 30.21250  ? 171 TRP A CA  1 
ATOM   1064 C  C   . TRP A 1 171 ? -5.66140  -9.01089  0.55900   1.000 34.87142  ? 171 TRP A C   1 
ATOM   1065 O  O   . TRP A 1 171 ? -6.32304  -8.11641  1.08996   1.000 38.21396  ? 171 TRP A O   1 
ATOM   1066 C  CB  . TRP A 1 171 ? -3.63892  -8.07564  -0.55697  1.000 28.72281  ? 171 TRP A CB  1 
ATOM   1067 C  CG  . TRP A 1 171 ? -2.67115  -8.94766  0.18863   1.000 49.07121  ? 171 TRP A CG  1 
ATOM   1068 C  CD1 . TRP A 1 171 ? -2.27501  -8.81119  1.48613   1.000 41.46243  ? 171 TRP A CD1 1 
ATOM   1069 C  CD2 . TRP A 1 171 ? -1.99911  -10.10958 -0.31428  1.000 44.77066  ? 171 TRP A CD2 1 
ATOM   1070 N  NE1 . TRP A 1 171 ? -1.39284  -9.80710  1.81765   1.000 34.60837  ? 171 TRP A NE1 1 
ATOM   1071 C  CE2 . TRP A 1 171 ? -1.20843  -10.61807 0.72920   1.000 36.06964  ? 171 TRP A CE2 1 
ATOM   1072 C  CE3 . TRP A 1 171 ? -1.98962  -10.76692 -1.54711  1.000 59.10334  ? 171 TRP A CE3 1 
ATOM   1073 C  CZ2 . TRP A 1 171 ? -0.42002  -11.75038 0.57994   1.000 35.59184  ? 171 TRP A CZ2 1 
ATOM   1074 C  CZ3 . TRP A 1 171 ? -1.20143  -11.89074 -1.69210  1.000 44.12195  ? 171 TRP A CZ3 1 
ATOM   1075 C  CH2 . TRP A 1 171 ? -0.42562  -12.36679 -0.63683  1.000 36.85306  ? 171 TRP A CH2 1 
ATOM   1076 N  N   . GLY A 1 172 ? -5.49985  -10.21231 1.08782   1.000 30.86855  ? 172 GLY A N   1 
ATOM   1077 C  CA  . GLY A 1 172 ? -6.09981  -10.58944 2.34862   1.000 28.68612  ? 172 GLY A CA  1 
ATOM   1078 C  C   . GLY A 1 172 ? -5.23872  -10.24065 3.53904   1.000 28.75743  ? 172 GLY A C   1 
ATOM   1079 O  O   . GLY A 1 172 ? -4.43988  -9.29891  3.51308   1.000 37.47074  ? 172 GLY A O   1 
ATOM   1080 N  N   . ARG A 1 173 ? -5.40355  -11.01132 4.60493   1.000 42.99400  ? 173 ARG A N   1 
ATOM   1081 C  CA  . ARG A 1 173 ? -4.64573  -10.77935 5.83501   1.000 54.85594  ? 173 ARG A CA  1 
ATOM   1082 C  C   . ARG A 1 173 ? -3.51450  -11.78275 5.99424   1.000 41.00995  ? 173 ARG A C   1 
ATOM   1083 O  O   . ARG A 1 173 ? -3.30463  -12.35560 7.06314   1.000 57.69736  ? 173 ARG A O   1 
ATOM   1084 C  CB  . ARG A 1 173 ? -5.56834  -10.80963 7.04259   1.000 37.87415  ? 173 ARG A CB  1 
ATOM   1085 C  CG  . ARG A 1 173 ? -6.82425  -9.99877  6.87435   1.000 43.24683  ? 173 ARG A CG  1 
ATOM   1086 C  CD  . ARG A 1 173 ? -7.56885  -9.97059  8.18112   1.000 56.64630  ? 173 ARG A CD  1 
ATOM   1087 N  NE  . ARG A 1 173 ? -6.65363  -10.26668 9.27630   1.000 54.18578  ? 173 ARG A NE  1 
ATOM   1088 C  CZ  . ARG A 1 173 ? -7.01612  -10.34923 10.54941  1.000 68.14279  ? 173 ARG A CZ  1 
ATOM   1089 N  NH1 . ARG A 1 173 ? -8.28666  -10.15724 10.89225  1.000 72.85080  ? 173 ARG A NH1 1 
ATOM   1090 N  NH2 . ARG A 1 173 ? -6.10728  -10.62830 11.47631  1.000 56.78002  ? 173 ARG A NH2 1 
ATOM   1091 N  N   . ALA A 1 174 ? -2.76329  -11.98830 4.92456   1.000 28.45844  ? 174 ALA A N   1 
ATOM   1092 C  CA  . ALA A 1 174 ? -1.62943  -12.89168 4.92000   1.000 33.41846  ? 174 ALA A CA  1 
ATOM   1093 C  C   . ALA A 1 174 ? -0.34048  -12.10497 4.73479   1.000 44.10421  ? 174 ALA A C   1 
ATOM   1094 O  O   . ALA A 1 174 ? -0.34756  -10.91815 4.40786   1.000 52.19146  ? 174 ALA A O   1 
ATOM   1095 C  CB  . ALA A 1 174 ? -1.78649  -13.93767 3.81309   1.000 26.36433  ? 174 ALA A CB  1 
ATOM   1096 N  N   . ARG A 1 175 ? 0.77416   -12.78017 4.96389   1.000 46.29360  ? 175 ARG A N   1 
ATOM   1097 C  CA  . ARG A 1 175 ? 1.99995   -12.12261 4.53534   1.000 34.73895  ? 175 ARG A CA  1 
ATOM   1098 C  C   . ARG A 1 175 ? 2.28515   -12.47997 3.07674   1.000 43.53017  ? 175 ARG A C   1 
ATOM   1099 O  O   . ARG A 1 175 ? 2.08140   -13.63034 2.67135   1.000 44.38669  ? 175 ARG A O   1 
ATOM   1100 C  CB  . ARG A 1 175 ? 3.17035   -12.54738 5.42208   1.000 42.97045  ? 175 ARG A CB  1 
ATOM   1101 C  CG  . ARG A 1 175 ? 4.55002   -12.19990 4.89232   1.000 41.54832  ? 175 ARG A CG  1 
ATOM   1102 C  CD  . ARG A 1 175 ? 5.62506   -12.86373 5.72855   1.000 41.59376  ? 175 ARG A CD  1 
ATOM   1103 N  NE  . ARG A 1 175 ? 5.92777   -12.11473 6.94682   1.000 40.42258  ? 175 ARG A NE  1 
ATOM   1104 C  CZ  . ARG A 1 175 ? 6.84461   -11.15121 7.02303   1.000 51.76184  ? 175 ARG A CZ  1 
ATOM   1105 N  NH1 . ARG A 1 175 ? 7.55503   -10.80911 5.94832   1.000 47.68153  ? 175 ARG A NH1 1 
ATOM   1106 N  NH2 . ARG A 1 175 ? 7.05101   -10.52611 8.17451   1.000 30.96424  ? 175 ARG A NH2 1 
ATOM   1107 N  N   . PRO A 1 176 ? 2.71307   -11.52645 2.24849   1.000 42.30942  ? 176 PRO A N   1 
ATOM   1108 C  CA  . PRO A 1 176 ? 2.99711   -11.85163 0.84365   1.000 51.58110  ? 176 PRO A CA  1 
ATOM   1109 C  C   . PRO A 1 176 ? 4.15094   -12.83873 0.72931   1.000 48.74304  ? 176 PRO A C   1 
ATOM   1110 O  O   . PRO A 1 176 ? 5.20114   -12.65493 1.34891   1.000 49.51537  ? 176 PRO A O   1 
ATOM   1111 C  CB  . PRO A 1 176 ? 3.34500   -10.49163 0.22365   1.000 43.05809  ? 176 PRO A CB  1 
ATOM   1112 C  CG  . PRO A 1 176 ? 2.70583   -9.49126  1.12167   1.000 33.06557  ? 176 PRO A CG  1 
ATOM   1113 C  CD  . PRO A 1 176 ? 2.79665   -10.07819 2.50263   1.000 37.23916  ? 176 PRO A CD  1 
ATOM   1114 N  N   . GLY A 1 177 ? 3.94221   -13.87792 -0.05912  1.000 48.63740  ? 177 GLY A N   1 
ATOM   1115 C  CA  . GLY A 1 177 ? 4.94508   -14.90840 -0.30817  1.000 37.72373  ? 177 GLY A CA  1 
ATOM   1116 C  C   . GLY A 1 177 ? 5.65844   -14.62839 -1.59669  1.000 34.52621  ? 177 GLY A C   1 
ATOM   1117 O  O   . GLY A 1 177 ? 6.67923   -13.90722 -1.65318  1.000 32.97440  ? 177 GLY A O   1 
ATOM   1118 N  N   . GLU A 1 178 ? 5.16393   -15.21063 -2.68557  1.000 26.15457  ? 178 GLU A N   1 
ATOM   1119 C  CA  . GLU A 1 178 ? 5.69849   -14.93044 -4.00433  1.000 28.91773  ? 178 GLU A CA  1 
ATOM   1120 C  C   . GLU A 1 178 ? 5.62019   -13.43768 -4.27902  1.000 35.18073  ? 178 GLU A C   1 
ATOM   1121 O  O   . GLU A 1 178 ? 4.57986   -12.81155 -4.06801  1.000 44.90221  ? 178 GLU A O   1 
ATOM   1122 C  CB  . GLU A 1 178 ? 4.91301   -15.71402 -5.05804  1.000 41.88676  ? 178 GLU A CB  1 
ATOM   1123 C  CG  . GLU A 1 178 ? 5.61774   -15.88400 -6.41000  1.000 62.64542  ? 178 GLU A CG  1 
ATOM   1124 C  CD  . GLU A 1 178 ? 4.70739   -16.48961 -7.49104  1.000 83.45120  ? 178 GLU A CD  1 
ATOM   1125 O  OE1 . GLU A 1 178 ? 5.09664   -16.45115 -8.68283  1.000 79.01279  ? 178 GLU A OE1 1 
ATOM   1126 O  OE2 . GLU A 1 178 ? 3.60884   -17.00049 -7.15458  1.000 65.23394  ? 178 GLU A OE2 1 
ATOM   1127 N  N   . LYS A 1 179 ? 6.73103   -12.86415 -4.72499  1.000 43.70639  ? 179 LYS A N   1 
ATOM   1128 C  CA  . LYS A 1 179 ? 6.78821   -11.46720 -5.12585  1.000 43.63540  ? 179 LYS A CA  1 
ATOM   1129 C  C   . LYS A 1 179 ? 7.39115   -11.37026 -6.51978  1.000 52.74348  ? 179 LYS A C   1 
ATOM   1130 O  O   . LYS A 1 179 ? 7.88935   -12.35249 -7.07914  1.000 57.13814  ? 179 LYS A O   1 
ATOM   1131 C  CB  . LYS A 1 179 ? 7.60479   -10.62212 -4.13403  1.000 42.37147  ? 179 LYS A CB  1 
ATOM   1132 C  CG  . LYS A 1 179 ? 9.11779   -10.82885 -4.22248  1.000 49.37315  ? 179 LYS A CG  1 
ATOM   1133 C  CD  . LYS A 1 179 ? 9.82299   -10.48649 -2.91118  1.000 44.16555  ? 179 LYS A CD  1 
ATOM   1134 C  CE  . LYS A 1 179 ? 9.95376   -11.70436 -1.99599  1.000 63.23449  ? 179 LYS A CE  1 
ATOM   1135 N  NZ  . LYS A 1 179 ? 11.04870  -12.63480 -2.41555  1.000 53.49226  ? 179 LYS A NZ  1 
ATOM   1136 N  N   . GLU A 1 180 ? 7.32175   -10.17013 -7.08580  1.000 53.35570  ? 180 GLU A N   1 
ATOM   1137 C  CA  . GLU A 1 180 ? 8.08566   -9.84636  -8.27870  1.000 41.55150  ? 180 GLU A CA  1 
ATOM   1138 C  C   . GLU A 1 180 ? 9.43054   -9.28360  -7.84917  1.000 55.81409  ? 180 GLU A C   1 
ATOM   1139 O  O   . GLU A 1 180 ? 9.58464   -8.77339  -6.73733  1.000 62.76569  ? 180 GLU A O   1 
ATOM   1140 C  CB  . GLU A 1 180 ? 7.34048   -8.84785  -9.17464  1.000 35.62470  ? 180 GLU A CB  1 
ATOM   1141 C  CG  . GLU A 1 180 ? 5.86232   -9.20373  -9.37802  1.000 48.66010  ? 180 GLU A CG  1 
ATOM   1142 C  CD  . GLU A 1 180 ? 5.10861   -8.27283  -10.32483 1.000 65.42819  ? 180 GLU A CD  1 
ATOM   1143 O  OE1 . GLU A 1 180 ? 5.65227   -7.21164  -10.72450 1.000 37.97976  ? 180 GLU A OE1 1 
ATOM   1144 O  OE2 . GLU A 1 180 ? 3.95247   -8.62136  -10.67125 1.000 60.32437  ? 180 GLU A OE2 1 
ATOM   1145 N  N   . ASP A 1 181 ? 10.41312  -9.39105  -8.73817  1.000 71.42716  ? 181 ASP A N   1 
ATOM   1146 C  CA  . ASP A 1 181 ? 11.76399  -8.97589  -8.38435  1.000 80.29558  ? 181 ASP A CA  1 
ATOM   1147 C  C   . ASP A 1 181 ? 11.80525  -7.49138  -8.03609  1.000 60.35471  ? 181 ASP A C   1 
ATOM   1148 O  O   . ASP A 1 181 ? 11.03596  -6.68361  -8.56423  1.000 71.80297  ? 181 ASP A O   1 
ATOM   1149 C  CB  . ASP A 1 181 ? 12.73068  -9.27926  -9.52858  1.000 72.92687  ? 181 ASP A CB  1 
ATOM   1150 C  CG  . ASP A 1 181 ? 13.10002  -10.74480 -9.59374  1.000 89.67780  ? 181 ASP A CG  1 
ATOM   1151 O  OD1 . ASP A 1 181 ? 14.21370  -11.05849 -10.06213 1.000 94.25934  ? 181 ASP A OD1 1 
ATOM   1152 O  OD2 . ASP A 1 181 ? 12.27232  -11.58319 -9.17240  1.000 86.78906  ? 181 ASP A OD2 1 
ATOM   1153 N  N   . LYS A 1 182 ? 12.70183  -7.14054  -7.12194  1.000 47.91787  ? 182 LYS A N   1 
ATOM   1154 C  CA  . LYS A 1 182 ? 12.90286  -5.74011  -6.76936  1.000 52.66165  ? 182 LYS A CA  1 
ATOM   1155 C  C   . LYS A 1 182 ? 13.52775  -5.00561  -7.94707  1.000 50.46930  ? 182 LYS A C   1 
ATOM   1156 O  O   . LYS A 1 182 ? 14.61463  -5.38848  -8.39889  1.000 68.01594  ? 182 LYS A O   1 
ATOM   1157 C  CB  . LYS A 1 182 ? 13.78778  -5.60576  -5.53162  1.000 45.83476  ? 182 LYS A CB  1 
ATOM   1158 C  CG  . LYS A 1 182 ? 13.93294  -4.16864  -5.03889  1.000 55.99578  ? 182 LYS A CG  1 
ATOM   1159 C  CD  . LYS A 1 182 ? 14.81077  -4.06733  -3.78705  1.000 71.37195  ? 182 LYS A CD  1 
ATOM   1160 C  CE  . LYS A 1 182 ? 14.73674  -2.66949  -3.15219  1.000 66.79632  ? 182 LYS A CE  1 
ATOM   1161 N  NZ  . LYS A 1 182 ? 15.57163  -2.52304  -1.91164  1.000 39.14995  ? 182 LYS A NZ  1 
ATOM   1162 N  N   . PRO A 1 183 ? 12.88888  -3.96760  -8.47399  1.000 43.90983  ? 183 PRO A N   1 
ATOM   1163 C  CA  . PRO A 1 183 ? 13.44933  -3.25632  -9.62550  1.000 50.76564  ? 183 PRO A CA  1 
ATOM   1164 C  C   . PRO A 1 183 ? 14.68862  -2.45723  -9.25829  1.000 65.66330  ? 183 PRO A C   1 
ATOM   1165 O  O   . PRO A 1 183 ? 14.93035  -2.12038  -8.09763  1.000 61.26300  ? 183 PRO A O   1 
ATOM   1166 C  CB  . PRO A 1 183 ? 12.31035  -2.33055  -10.05816 1.000 56.99557  ? 183 PRO A CB  1 
ATOM   1167 C  CG  . PRO A 1 183 ? 11.48056  -2.16867  -8.83983  1.000 60.14232  ? 183 PRO A CG  1 
ATOM   1168 C  CD  . PRO A 1 183 ? 11.56265  -3.45974  -8.09636  1.000 41.35862  ? 183 PRO A CD  1 
ATOM   1169 N  N   . GLU A 1 184 ? 15.47977  -2.15171  -10.29318 1.000 87.57130  ? 184 GLU A N   1 
ATOM   1170 C  CA  . GLU A 1 184 ? 16.69460  -1.36287  -10.11102 1.000 77.17402  ? 184 GLU A CA  1 
ATOM   1171 C  C   . GLU A 1 184 ? 16.37809  0.09192   -9.79725  1.000 69.10933  ? 184 GLU A C   1 
ATOM   1172 O  O   . GLU A 1 184 ? 17.14284  0.74860   -9.07864  1.000 68.03036  ? 184 GLU A O   1 
ATOM   1173 C  CB  . GLU A 1 184 ? 17.56935  -1.45262  -11.36163 1.000 74.21503  ? 184 GLU A CB  1 
ATOM   1174 C  CG  . GLU A 1 184 ? 18.45597  -2.68403  -11.41696 1.000 74.07862  ? 184 GLU A CG  1 
ATOM   1175 C  CD  . GLU A 1 184 ? 19.58939  -2.63681  -10.40336 1.000 94.65098  ? 184 GLU A CD  1 
ATOM   1176 O  OE1 . GLU A 1 184 ? 20.27615  -1.59470  -10.31770 1.000 83.32677  ? 184 GLU A OE1 1 
ATOM   1177 O  OE2 . GLU A 1 184 ? 19.80054  -3.64710  -9.69918  1.000 88.62337  ? 184 GLU A OE2 1 
ATOM   1178 N  N   . SER A 1 185 ? 15.26732  0.60693   -10.33483 1.000 72.34144  ? 185 SER A N   1 
ATOM   1179 C  CA  . SER A 1 185 ? 14.82602  1.96227   -10.01777 1.000 83.98851  ? 185 SER A CA  1 
ATOM   1180 C  C   . SER A 1 185 ? 14.71612  2.16637   -8.51358  1.000 75.81679  ? 185 SER A C   1 
ATOM   1181 O  O   . SER A 1 185 ? 15.18619  3.17162   -7.97020  1.000 75.57950  ? 185 SER A O   1 
ATOM   1182 C  CB  . SER A 1 185 ? 13.47645  2.24057   -10.68133 1.000 76.91762  ? 185 SER A CB  1 
ATOM   1183 O  OG  . SER A 1 185 ? 13.40113  1.63192   -11.95522 1.000 92.56587  ? 185 SER A OG  1 
ATOM   1184 N  N   . ALA A 1 186 ? 14.08713  1.21376   -7.82685  1.000 74.74909  ? 186 ALA A N   1 
ATOM   1185 C  CA  . ALA A 1 186 ? 13.84619  1.35941   -6.39676  1.000 80.55982  ? 186 ALA A CA  1 
ATOM   1186 C  C   . ALA A 1 186 ? 15.15040  1.42423   -5.61495  1.000 84.37629  ? 186 ALA A C   1 
ATOM   1187 O  O   . ALA A 1 186 ? 15.25807  2.18447   -4.64781  1.000 84.09974  ? 186 ALA A O   1 
ATOM   1188 C  CB  . ALA A 1 186 ? 12.97536  0.20795   -5.88891  1.000 72.25747  ? 186 ALA A CB  1 
ATOM   1189 N  N   . LYS A 1 187 ? 16.15691  0.64763   -6.02018  1.000 77.82101  ? 187 LYS A N   1 
ATOM   1190 C  CA  . LYS A 1 187 ? 17.37147  0.57735   -5.21929  1.000 68.07224  ? 187 LYS A CA  1 
ATOM   1191 C  C   . LYS A 1 187 ? 18.18502  1.85735   -5.30727  1.000 67.33127  ? 187 LYS A C   1 
ATOM   1192 O  O   . LYS A 1 187 ? 18.85052  2.22908   -4.33614  1.000 74.15816  ? 187 LYS A O   1 
ATOM   1193 C  CB  . LYS A 1 187 ? 18.21531  -0.61936  -5.63939  1.000 63.70770  ? 187 LYS A CB  1 
ATOM   1194 C  CG  . LYS A 1 187 ? 17.42697  -1.91253  -5.66762  1.000 75.10533  ? 187 LYS A CG  1 
ATOM   1195 C  CD  . LYS A 1 187 ? 18.32392  -3.13043  -5.47771  1.000 79.14819  ? 187 LYS A CD  1 
ATOM   1196 C  CE  . LYS A 1 187 ? 18.82351  -3.66870  -6.80572  1.000 77.23911  ? 187 LYS A CE  1 
ATOM   1197 N  NZ  . LYS A 1 187 ? 18.25577  -5.01124  -7.11831  1.000 71.57184  ? 187 LYS A NZ  1 
ATOM   1198 N  N   . THR A 1 188 ? 18.13679  2.55740   -6.43869  1.000 66.31102  ? 188 THR A N   1 
ATOM   1199 C  CA  . THR A 1 188 ? 18.93883  3.77134   -6.55079  1.000 91.03080  ? 188 THR A CA  1 
ATOM   1200 C  C   . THR A 1 188 ? 18.24136  4.99042   -5.94776  1.000 74.70924  ? 188 THR A C   1 
ATOM   1201 O  O   . THR A 1 188 ? 18.92236  5.94453   -5.54776  1.000 78.44377  ? 188 THR A O   1 
ATOM   1202 C  CB  . THR A 1 188 ? 19.32405  4.03400   -8.01306  1.000 87.09241  ? 188 THR A CB  1 
ATOM   1203 O  OG1 . THR A 1 188 ? 19.87175  5.35354   -8.14271  1.000 82.58972  ? 188 THR A OG1 1 
ATOM   1204 C  CG2 . THR A 1 188 ? 18.12783  3.88622   -8.94004  1.000 70.67941  ? 188 THR A CG2 1 
ATOM   1205 N  N   . VAL A 1 189 ? 16.91012  4.99167   -5.86122  1.000 75.36583  ? 189 VAL A N   1 
ATOM   1206 C  CA  . VAL A 1 189 ? 16.24640  6.06910   -5.13283  1.000 89.88495  ? 189 VAL A CA  1 
ATOM   1207 C  C   . VAL A 1 189 ? 16.19034  5.77130   -3.63461  1.000 75.47977  ? 189 VAL A C   1 
ATOM   1208 O  O   . VAL A 1 189 ? 16.17355  6.70051   -2.82018  1.000 66.71461  ? 189 VAL A O   1 
ATOM   1209 C  CB  . VAL A 1 189 ? 14.84383  6.34202   -5.70279  1.000 83.39039  ? 189 VAL A CB  1 
ATOM   1210 C  CG1 . VAL A 1 189 ? 13.90076  5.17484   -5.43156  1.000 80.80091  ? 189 VAL A CG1 1 
ATOM   1211 C  CG2 . VAL A 1 189 ? 14.28767  7.65148   -5.13869  1.000 63.13435  ? 189 VAL A CG2 1 
ATOM   1212 N  N   . GLU A 1 190 ? 16.15901  4.49071   -3.25645  1.000 71.47737  ? 190 GLU A N   1 
ATOM   1213 C  CA  . GLU A 1 190 ? 16.35317  4.11439   -1.85943  1.000 70.01103  ? 190 GLU A CA  1 
ATOM   1214 C  C   . GLU A 1 190 ? 17.71991  4.57235   -1.36284  1.000 67.76281  ? 190 GLU A C   1 
ATOM   1215 O  O   . GLU A 1 190 ? 17.84278  5.11402   -0.25822  1.000 64.17045  ? 190 GLU A O   1 
ATOM   1216 C  CB  . GLU A 1 190 ? 16.20299  2.60105   -1.70529  1.000 73.55515  ? 190 GLU A CB  1 
ATOM   1217 C  CG  . GLU A 1 190 ? 15.43327  2.15828   -0.47920  1.000 64.60126  ? 190 GLU A CG  1 
ATOM   1218 C  CD  . GLU A 1 190 ? 15.39899  0.64132   -0.33194  1.000 82.81539  ? 190 GLU A CD  1 
ATOM   1219 O  OE1 . GLU A 1 190 ? 15.38912  -0.05793  -1.36714  1.000 84.06237  ? 190 GLU A OE1 1 
ATOM   1220 O  OE2 . GLU A 1 190 ? 15.38681  0.14468   0.81612   1.000 85.86909  ? 190 GLU A OE2 1 
ATOM   1221 N  N   . LYS A 1 191 ? 18.76256  4.34101   -2.16882  1.000 74.87992  ? 191 LYS A N   1 
ATOM   1222 C  CA  . LYS A 1 191 ? 20.08156  4.92948   -1.95626  1.000 69.30961  ? 191 LYS A CA  1 
ATOM   1223 C  C   . LYS A 1 191 ? 19.99402  6.41127   -1.62020  1.000 69.66096  ? 191 LYS A C   1 
ATOM   1224 O  O   . LYS A 1 191 ? 20.36498  6.84744   -0.52418  1.000 63.09577  ? 191 LYS A O   1 
ATOM   1225 C  CB  . LYS A 1 191 ? 20.92822  4.73680   -3.22177  1.000 84.98503  ? 191 LYS A CB  1 
ATOM   1226 C  CG  . LYS A 1 191 ? 22.27049  5.48588   -3.24202  1.000 92.13128  ? 191 LYS A CG  1 
ATOM   1227 C  CD  . LYS A 1 191 ? 22.60305  6.01624   -4.64621  1.000 76.20682  ? 191 LYS A CD  1 
ATOM   1228 C  CE  . LYS A 1 191 ? 23.27726  7.39069   -4.61913  1.000 76.23348  ? 191 LYS A CE  1 
ATOM   1229 N  NZ  . LYS A 1 191 ? 22.40267  8.48053   -4.10363  1.000 75.47386  ? 191 LYS A NZ  1 
ATOM   1230 N  N   . GLU A 1 192 ? 19.48573  7.18946   -2.57847  1.000 75.71072  ? 192 GLU A N   1 
ATOM   1231 C  CA  . GLU A 1 192 ? 19.53727  8.64465   -2.49978  1.000 72.72222  ? 192 GLU A CA  1 
ATOM   1232 C  C   . GLU A 1 192 ? 18.65542  9.17720   -1.37559  1.000 75.53650  ? 192 GLU A C   1 
ATOM   1233 O  O   . GLU A 1 192 ? 19.05382  10.09847  -0.65165  1.000 76.42600  ? 192 GLU A O   1 
ATOM   1234 C  CB  . GLU A 1 192 ? 19.12824  9.23870   -3.85344  1.000 78.05867  ? 192 GLU A CB  1 
ATOM   1235 C  CG  . GLU A 1 192 ? 18.99676  10.76073  -3.88289  1.000 95.71683  ? 192 GLU A CG  1 
ATOM   1236 C  CD  . GLU A 1 192 ? 18.74368  11.31075  -5.28620  1.000 101.00177 ? 192 GLU A CD  1 
ATOM   1237 O  OE1 . GLU A 1 192 ? 19.03092  10.59449  -6.27448  1.000 95.12288  ? 192 GLU A OE1 1 
ATOM   1238 O  OE2 . GLU A 1 192 ? 18.26488  12.46327  -5.39820  1.000 79.66580  ? 192 GLU A OE2 1 
ATOM   1239 N  N   . CYS A 1 193 ? 17.45970  8.60706   -1.20561  1.000 64.81604  ? 193 CYS A N   1 
ATOM   1240 C  CA  . CYS A 1 193 ? 16.52763  9.12341   -0.20642  1.000 54.79098  ? 193 CYS A CA  1 
ATOM   1241 C  C   . CYS A 1 193 ? 17.09719  8.98828   1.20600   1.000 53.24972  ? 193 CYS A C   1 
ATOM   1242 O  O   . CYS A 1 193 ? 17.09888  9.94859   1.98804   1.000 57.31248  ? 193 CYS A O   1 
ATOM   1243 C  CB  . CYS A 1 193 ? 15.19040  8.39391   -0.33874  1.000 48.57925  ? 193 CYS A CB  1 
ATOM   1244 S  SG  . CYS A 1 193 ? 13.78247  9.12685   0.52853   1.000 60.55335  ? 193 CYS A SG  1 
ATOM   1245 N  N   . LEU A 1 194 ? 17.58868  7.80410   1.54678   1.000 39.16821  ? 194 LEU A N   1 
ATOM   1246 C  CA  . LEU A 1 194 ? 18.16547  7.56039   2.85731   1.000 38.82538  ? 194 LEU A CA  1 
ATOM   1247 C  C   . LEU A 1 194 ? 19.40492  8.41836   3.08944   1.000 50.53655  ? 194 LEU A C   1 
ATOM   1248 O  O   . LEU A 1 194 ? 20.51726  8.02111   2.74484   1.000 54.17897  ? 194 LEU A O   1 
ATOM   1249 C  CB  . LEU A 1 194 ? 18.51247  6.07960   3.00753   1.000 48.51126  ? 194 LEU A CB  1 
ATOM   1250 C  CG  . LEU A 1 194 ? 17.31888  5.11773   2.98793   1.000 48.20587  ? 194 LEU A CG  1 
ATOM   1251 C  CD1 . LEU A 1 194 ? 17.76030  3.67411   3.16832   1.000 39.09019  ? 194 LEU A CD1 1 
ATOM   1252 C  CD2 . LEU A 1 194 ? 16.29892  5.49579   4.05160   1.000 39.45079  ? 194 LEU A CD2 1 
HETATM 1253 FE FE  . HEC B 2 .   ? -1.46579  6.52692   11.98813  1.000 21.37163  ? 201 HEC A FE  1 
HETATM 1254 C  CHA . HEC B 2 .   ? -4.52819  8.09074   11.72689  1.000 15.49784  ? 201 HEC A CHA 1 
HETATM 1255 C  CHB . HEC B 2 .   ? -1.47034  6.03126   8.67179   1.000 16.19523  ? 201 HEC A CHB 1 
HETATM 1256 C  CHC . HEC B 2 .   ? 1.64812   5.07859   12.18504  1.000 19.09665  ? 201 HEC A CHC 1 
HETATM 1257 C  CHD . HEC B 2 .   ? -1.73092  6.50892   15.39597  1.000 24.31488  ? 201 HEC A CHD 1 
HETATM 1258 N  NA  . HEC B 2 .   ? -2.77861  6.94252   10.50652  1.000 16.29294  ? 201 HEC A NA  1 
HETATM 1259 C  C1A . HEC B 2 .   ? -3.94139  7.67193   10.55855  1.000 19.66425  ? 201 HEC A C1A 1 
HETATM 1260 C  C2A . HEC B 2 .   ? -4.39333  7.91798   9.19701   1.000 12.26329  ? 201 HEC A C2A 1 
HETATM 1261 C  C3A . HEC B 2 .   ? -3.53353  7.34194   8.37057   1.000 7.73027   ? 201 HEC A C3A 1 
HETATM 1262 C  C4A . HEC B 2 .   ? -2.51873  6.73176   9.17611   1.000 9.85663   ? 201 HEC A C4A 1 
HETATM 1263 C  CMA . HEC B 2 .   ? -3.55886  7.28643   6.83039   1.000 9.17972   ? 201 HEC A CMA 1 
HETATM 1264 C  CAA . HEC B 2 .   ? -5.65750  8.68554   8.78474   1.000 9.42397   ? 201 HEC A CAA 1 
HETATM 1265 C  CBA . HEC B 2 .   ? -6.83595  7.80726   9.17744   1.000 22.53535  ? 201 HEC A CBA 1 
HETATM 1266 C  CGA . HEC B 2 .   ? -8.12564  8.33372   8.62174   1.000 22.96590  ? 201 HEC A CGA 1 
HETATM 1267 O  O1A . HEC B 2 .   ? -8.40346  9.55255   8.76390   1.000 34.55128  ? 201 HEC A O1A 1 
HETATM 1268 O  O2A . HEC B 2 .   ? -8.88085  7.51383   8.05294   1.000 15.58434  ? 201 HEC A O2A 1 
HETATM 1269 N  NB  . HEC B 2 .   ? -0.14626  5.71305   10.71083  1.000 12.24040  ? 201 HEC A NB  1 
HETATM 1270 C  C1B . HEC B 2 .   ? -0.37945  5.60973   9.36129   1.000 15.28412  ? 201 HEC A C1B 1 
HETATM 1271 C  C2B . HEC B 2 .   ? 0.73879   4.96858   8.72732   1.000 14.87060  ? 201 HEC A C2B 1 
HETATM 1272 C  C3B . HEC B 2 .   ? 1.63656   4.69453   9.65947   1.000 20.43053  ? 201 HEC A C3B 1 
HETATM 1273 C  C4B . HEC B 2 .   ? 1.09274   5.14624   10.93750  1.000 16.63008  ? 201 HEC A C4B 1 
HETATM 1274 C  CMB . HEC B 2 .   ? 0.89625   4.67879   7.22547   1.000 4.36012   ? 201 HEC A CMB 1 
HETATM 1275 C  CAB . HEC B 2 .   ? 2.97401   4.00479   9.26940   1.000 11.87304  ? 201 HEC A CAB 1 
HETATM 1276 C  CBB . HEC B 2 .   ? 4.07153   4.12942   9.98522   1.000 17.85532  ? 201 HEC A CBB 1 
HETATM 1277 N  NC  . HEC B 2 .   ? -0.27855  5.87729   13.53199  1.000 25.31191  ? 201 HEC A NC  1 
HETATM 1278 C  C1C . HEC B 2 .   ? 1.00690   5.37990   13.37632  1.000 25.70579  ? 201 HEC A C1C 1 
HETATM 1279 C  C2C . HEC B 2 .   ? 1.56307   5.23126   14.70412  1.000 19.33082  ? 201 HEC A C2C 1 
HETATM 1280 C  C3C . HEC B 2 .   ? 0.64820   5.60824   15.60574  1.000 31.49209  ? 201 HEC A C3C 1 
HETATM 1281 C  C4C . HEC B 2 .   ? -0.54098  6.03445   14.88170  1.000 17.61424  ? 201 HEC A C4C 1 
HETATM 1282 C  CMC . HEC B 2 .   ? 2.97313   4.69579   15.04032  1.000 20.73303  ? 201 HEC A CMC 1 
HETATM 1283 C  CAC . HEC B 2 .   ? 0.91228   5.57431   17.13923  1.000 26.09036  ? 201 HEC A CAC 1 
HETATM 1284 C  CBC . HEC B 2 .   ? -0.05003  5.21933   17.98513  1.000 31.24855  ? 201 HEC A CBC 1 
HETATM 1285 N  ND  . HEC B 2 .   ? -2.86822  7.15539   13.29509  1.000 15.58248  ? 201 HEC A ND  1 
HETATM 1286 C  C1D . HEC B 2 .   ? -2.76642  7.08859   14.67663  1.000 24.57437  ? 201 HEC A C1D 1 
HETATM 1287 C  C2D . HEC B 2 .   ? -3.93972  7.74684   15.23005  1.000 24.83941  ? 201 HEC A C2D 1 
HETATM 1288 C  C3D . HEC B 2 .   ? -4.69442  8.18652   14.22172  1.000 24.05612  ? 201 HEC A C3D 1 
HETATM 1289 C  C4D . HEC B 2 .   ? -4.04443  7.81708   12.98389  1.000 20.55528  ? 201 HEC A C4D 1 
HETATM 1290 C  CMD . HEC B 2 .   ? -4.27585  7.93145   16.72240  1.000 23.77351  ? 201 HEC A CMD 1 
HETATM 1291 C  CAD . HEC B 2 .   ? -6.03801  8.93071   14.34927  1.000 14.70874  ? 201 HEC A CAD 1 
HETATM 1292 C  CBD . HEC B 2 .   ? -5.85647  10.44475  14.31495  1.000 27.80829  ? 201 HEC A CBD 1 
HETATM 1293 C  CGD . HEC B 2 .   ? -7.21223  11.09988  14.41993  1.000 28.45975  ? 201 HEC A CGD 1 
HETATM 1294 O  O1D . HEC B 2 .   ? -8.16820  10.43320  14.88924  1.000 44.50515  ? 201 HEC A O1D 1 
HETATM 1295 O  O2D . HEC B 2 .   ? -7.35033  12.28729  14.04174  1.000 23.37112  ? 201 HEC A O2D 1 
# 
